data_4AJJ
#
_entry.id   4AJJ
#
_cell.length_a   62.141
_cell.length_b   81.892
_cell.length_c   128.986
_cell.angle_alpha   90.00
_cell.angle_beta   96.06
_cell.angle_gamma   90.00
#
_symmetry.space_group_name_H-M   'P 1 21 1'
#
loop_
_entity.id
_entity.type
_entity.pdbx_description
1 polymer 'L-LACTATE DEHYDROGENASE A CHAIN'
2 non-polymer N-(2-METHYL-1,3-BENZOTHIAZOL-6-YL)-3-UREIDO-PROPANAMIDE
3 non-polymer 'MALONATE ION'
4 non-polymer '2-((3,4-DIMETHOXYPHENYL)METHYL))PROPANEDIOIC ACID'
5 non-polymer 'DIMETHYL SULFOXIDE'
6 non-polymer GLYCEROL
7 water water
#
_entity_poly.entity_id   1
_entity_poly.type   'polypeptide(L)'
_entity_poly.pdbx_seq_one_letter_code
;AALKDQLIVNLLKEEQVPQNKITVVGVGAVGMACAISILMKDLADELALVDVIEDKLKGEMMDLQHGSLFLKTPKIVSSK
DYSVTANSKLVIITAGARQQEGESRLNLVQRNVNIFKFIIPNVVKYSPQCKLLIVSNPVDILTYVAWKISGFPKNRVIGS
GCNLDSARFRYLMGERLGVHPLSCHGWVLGEHGDSSVPVWSGVNVAGVSLKSLNPQLGTDADKEQWKDVHKQVVDSAYEV
IKLKGYTSWAIGLSVADLAESIMKNLRRVHPISTMIKGLYGIKEDVFLSVPCILGQNGISDVVKVTLTPDEEARLKKSAD
TLWGIQKELQF
;
_entity_poly.pdbx_strand_id   A,B,C,D
#
loop_
_chem_comp.id
_chem_comp.type
_chem_comp.name
_chem_comp.formula
88R non-polymer '2-((3,4-DIMETHOXYPHENYL)METHYL))PROPANEDIOIC ACID' 'C12 H14 O6'
88S non-polymer N-(2-METHYL-1,3-BENZOTHIAZOL-6-YL)-3-UREIDO-PROPANAMIDE 'C12 H14 N4 O2 S'
DMS non-polymer 'DIMETHYL SULFOXIDE' 'C2 H6 O S'
GOL non-polymer GLYCEROL 'C3 H8 O3'
MLI non-polymer 'MALONATE ION' 'C3 H2 O4 -2'
#
# COMPACT_ATOMS: atom_id res chain seq x y z
N ALA A 2 9.49 8.88 37.58
CA ALA A 2 9.10 7.89 36.58
C ALA A 2 9.97 7.94 35.32
N LEU A 3 10.34 6.76 34.81
CA LEU A 3 11.17 6.57 33.61
C LEU A 3 10.61 7.32 32.39
N LYS A 4 9.28 7.29 32.19
CA LYS A 4 8.59 7.99 31.10
C LYS A 4 8.88 9.49 31.17
N ASP A 5 8.77 10.08 32.39
CA ASP A 5 9.04 11.51 32.62
C ASP A 5 10.52 11.88 32.50
N GLN A 6 11.42 10.92 32.77
CA GLN A 6 12.87 11.12 32.63
C GLN A 6 13.24 11.12 31.12
N LEU A 7 12.50 10.35 30.33
CA LEU A 7 12.74 10.18 28.89
C LEU A 7 12.00 11.21 28.04
N ILE A 8 10.76 11.55 28.42
CA ILE A 8 9.88 12.40 27.63
C ILE A 8 9.33 13.60 28.42
N VAL A 9 9.36 14.78 27.78
CA VAL A 9 8.76 16.00 28.32
C VAL A 9 7.37 16.07 27.67
N ASN A 10 6.33 15.97 28.49
CA ASN A 10 4.96 16.08 27.99
C ASN A 10 4.61 17.55 27.81
N LEU A 11 4.09 17.89 26.65
CA LEU A 11 3.74 19.28 26.36
C LEU A 11 2.24 19.47 26.20
N LEU A 12 1.53 18.37 25.94
CA LEU A 12 0.10 18.37 25.70
C LEU A 12 -0.53 17.09 26.25
N LYS A 13 -1.38 17.24 27.26
CA LYS A 13 -2.10 16.11 27.85
C LYS A 13 -3.46 16.09 27.17
N GLU A 14 -3.57 15.35 26.06
CA GLU A 14 -4.79 15.29 25.27
C GLU A 14 -5.19 13.87 24.90
N GLU A 15 -6.34 13.41 25.44
CA GLU A 15 -6.90 12.09 25.14
C GLU A 15 -7.30 12.08 23.67
N GLN A 16 -8.04 13.15 23.24
CA GLN A 16 -8.52 13.44 21.88
C GLN A 16 -9.33 12.35 21.17
N VAL A 17 -10.47 12.76 20.60
CA VAL A 17 -11.40 11.86 19.89
C VAL A 17 -10.75 11.31 18.58
N PRO A 18 -10.88 9.99 18.26
CA PRO A 18 -10.33 9.50 16.99
C PRO A 18 -11.12 10.15 15.83
N GLN A 19 -10.48 10.31 14.70
CA GLN A 19 -11.09 10.99 13.57
C GLN A 19 -11.61 10.05 12.50
N ASN A 20 -11.13 8.81 12.47
CA ASN A 20 -11.50 7.85 11.44
C ASN A 20 -11.75 6.50 12.11
N LYS A 21 -12.60 6.49 13.11
CA LYS A 21 -12.89 5.28 13.87
C LYS A 21 -13.87 4.36 13.17
N ILE A 22 -13.56 3.05 13.23
CA ILE A 22 -14.43 1.99 12.69
C ILE A 22 -14.72 1.01 13.82
N THR A 23 -15.97 0.55 13.92
CA THR A 23 -16.35 -0.48 14.88
C THR A 23 -16.79 -1.72 14.10
N VAL A 24 -16.39 -2.91 14.57
CA VAL A 24 -16.88 -4.17 14.02
C VAL A 24 -17.64 -4.82 15.17
N VAL A 25 -18.93 -5.10 14.94
CA VAL A 25 -19.75 -5.78 15.94
C VAL A 25 -19.78 -7.26 15.51
N GLY A 26 -19.30 -8.11 16.40
CA GLY A 26 -19.25 -9.54 16.10
C GLY A 26 -17.84 -9.95 15.81
N VAL A 27 -17.30 -10.87 16.64
CA VAL A 27 -15.93 -11.35 16.50
C VAL A 27 -15.86 -12.81 16.05
N GLY A 28 -16.84 -13.23 15.26
CA GLY A 28 -16.82 -14.54 14.63
C GLY A 28 -15.86 -14.46 13.46
N ALA A 29 -15.75 -15.53 12.66
CA ALA A 29 -14.82 -15.55 11.52
C ALA A 29 -15.08 -14.39 10.56
N VAL A 30 -16.36 -14.05 10.27
CA VAL A 30 -16.65 -12.91 9.37
C VAL A 30 -16.14 -11.59 9.97
N GLY A 31 -16.53 -11.31 11.21
CA GLY A 31 -16.12 -10.07 11.90
C GLY A 31 -14.62 -9.92 11.96
N MET A 32 -13.89 -11.01 12.29
CA MET A 32 -12.43 -10.92 12.36
C MET A 32 -11.77 -10.78 10.99
N ALA A 33 -12.38 -11.35 9.92
CA ALA A 33 -11.84 -11.19 8.56
C ALA A 33 -12.04 -9.72 8.14
N CYS A 34 -13.19 -9.10 8.50
CA CYS A 34 -13.45 -7.67 8.23
C CYS A 34 -12.38 -6.85 9.00
N ALA A 35 -12.17 -7.17 10.27
CA ALA A 35 -11.20 -6.49 11.14
C ALA A 35 -9.78 -6.53 10.55
N ILE A 36 -9.26 -7.73 10.23
CA ILE A 36 -7.90 -7.84 9.67
C ILE A 36 -7.80 -7.10 8.32
N SER A 37 -8.83 -7.20 7.46
CA SER A 37 -8.80 -6.57 6.13
C SER A 37 -8.78 -5.04 6.25
N ILE A 38 -9.55 -4.49 7.19
CA ILE A 38 -9.59 -3.04 7.45
C ILE A 38 -8.24 -2.56 8.00
N LEU A 39 -7.63 -3.37 8.89
CA LEU A 39 -6.34 -3.03 9.49
C LEU A 39 -5.24 -3.02 8.43
N MET A 40 -5.27 -4.02 7.51
CA MET A 40 -4.25 -4.12 6.49
CA MET A 40 -4.32 -4.19 6.42
C MET A 40 -4.43 -3.10 5.36
N LYS A 41 -5.60 -2.44 5.30
CA LYS A 41 -5.87 -1.38 4.33
C LYS A 41 -5.71 0.04 4.90
N ASP A 42 -5.29 0.18 6.19
CA ASP A 42 -5.05 1.48 6.84
C ASP A 42 -6.23 2.47 6.69
N LEU A 43 -7.44 1.98 6.95
CA LEU A 43 -8.65 2.78 6.80
C LEU A 43 -9.06 3.50 8.05
N ALA A 44 -8.51 3.08 9.21
CA ALA A 44 -8.89 3.61 10.51
C ALA A 44 -7.75 4.00 11.42
N ASP A 45 -7.98 5.03 12.27
CA ASP A 45 -7.03 5.42 13.33
C ASP A 45 -7.40 4.72 14.65
N GLU A 46 -8.61 4.14 14.72
CA GLU A 46 -9.07 3.38 15.88
C GLU A 46 -10.03 2.28 15.44
N LEU A 47 -9.79 1.05 15.90
CA LEU A 47 -10.70 -0.06 15.63
C LEU A 47 -11.29 -0.53 16.95
N ALA A 48 -12.62 -0.59 17.01
CA ALA A 48 -13.32 -1.10 18.19
C ALA A 48 -13.99 -2.40 17.82
N LEU A 49 -13.93 -3.39 18.71
CA LEU A 49 -14.58 -4.70 18.55
C LEU A 49 -15.63 -4.87 19.65
N VAL A 50 -16.81 -5.38 19.30
CA VAL A 50 -17.87 -5.63 20.28
C VAL A 50 -18.38 -7.06 20.11
N ASP A 51 -18.63 -7.75 21.23
CA ASP A 51 -19.25 -9.09 21.20
C ASP A 51 -19.81 -9.38 22.57
N VAL A 52 -20.51 -10.49 22.74
CA VAL A 52 -21.10 -10.89 24.03
C VAL A 52 -20.25 -11.95 24.74
N ILE A 53 -19.30 -12.58 24.03
CA ILE A 53 -18.46 -13.61 24.64
C ILE A 53 -17.19 -12.90 25.04
N GLU A 54 -17.09 -12.56 26.32
CA GLU A 54 -16.01 -11.75 26.89
C GLU A 54 -14.59 -12.26 26.69
N ASP A 55 -14.32 -13.55 26.94
CA ASP A 55 -12.97 -14.11 26.75
C ASP A 55 -12.54 -14.07 25.29
N LYS A 56 -13.39 -14.56 24.37
CA LYS A 56 -13.17 -14.58 22.93
C LYS A 56 -12.86 -13.17 22.44
N LEU A 57 -13.67 -12.20 22.87
CA LEU A 57 -13.49 -10.80 22.50
C LEU A 57 -12.12 -10.26 22.95
N LYS A 58 -11.74 -10.52 24.21
CA LYS A 58 -10.47 -10.03 24.74
C LYS A 58 -9.26 -10.65 24.01
N GLY A 59 -9.33 -11.95 23.76
CA GLY A 59 -8.26 -12.67 23.08
C GLY A 59 -8.07 -12.19 21.66
N GLU A 60 -9.16 -11.93 20.93
CA GLU A 60 -9.08 -11.40 19.56
C GLU A 60 -8.45 -10.02 19.53
N MET A 61 -8.90 -9.13 20.42
CA MET A 61 -8.35 -7.78 20.54
C MET A 61 -6.85 -7.85 20.85
N MET A 62 -6.45 -8.69 21.83
CA MET A 62 -5.05 -8.85 22.25
C MET A 62 -4.18 -9.38 21.12
N ASP A 63 -4.72 -10.33 20.35
CA ASP A 63 -4.01 -10.94 19.21
C ASP A 63 -3.73 -9.87 18.12
N LEU A 64 -4.74 -9.01 17.84
CA LEU A 64 -4.54 -7.90 16.91
C LEU A 64 -3.53 -6.90 17.46
N GLN A 65 -3.67 -6.53 18.74
CA GLN A 65 -2.79 -5.56 19.40
C GLN A 65 -1.35 -6.00 19.29
N HIS A 66 -1.09 -7.32 19.40
CA HIS A 66 0.29 -7.84 19.31
C HIS A 66 0.95 -7.64 17.92
N GLY A 67 0.16 -7.43 16.89
CA GLY A 67 0.72 -7.17 15.56
C GLY A 67 0.83 -5.68 15.26
N SER A 68 0.63 -4.80 16.29
CA SER A 68 0.66 -3.33 16.14
C SER A 68 1.86 -2.77 15.44
N LEU A 69 3.06 -3.36 15.71
CA LEU A 69 4.31 -2.97 15.06
C LEU A 69 4.18 -3.04 13.53
N PHE A 70 3.36 -3.98 13.01
CA PHE A 70 3.21 -4.20 11.57
C PHE A 70 2.03 -3.49 10.96
N LEU A 71 1.34 -2.65 11.75
CA LEU A 71 0.14 -1.96 11.30
C LEU A 71 0.28 -0.47 11.48
N LYS A 72 -0.74 0.28 11.04
CA LYS A 72 -0.78 1.74 11.15
C LYS A 72 -2.13 2.20 11.74
N THR A 73 -2.66 1.38 12.67
CA THR A 73 -3.90 1.64 13.40
C THR A 73 -3.45 1.64 14.84
N PRO A 74 -3.19 2.86 15.40
CA PRO A 74 -2.56 2.95 16.71
C PRO A 74 -3.40 2.62 17.93
N LYS A 75 -4.71 2.39 17.76
CA LYS A 75 -5.58 2.08 18.89
C LYS A 75 -6.58 1.00 18.49
N ILE A 76 -6.53 -0.13 19.19
CA ILE A 76 -7.43 -1.28 18.99
C ILE A 76 -8.03 -1.53 20.34
N VAL A 77 -9.36 -1.44 20.42
CA VAL A 77 -10.07 -1.57 21.68
C VAL A 77 -11.24 -2.56 21.59
N SER A 78 -11.72 -3.05 22.73
CA SER A 78 -12.88 -3.96 22.73
C SER A 78 -13.65 -3.91 24.02
N SER A 79 -14.95 -4.25 23.94
CA SER A 79 -15.81 -4.35 25.11
C SER A 79 -17.15 -4.90 24.69
N LYS A 80 -17.89 -5.48 25.64
CA LYS A 80 -19.26 -5.92 25.49
C LYS A 80 -20.14 -4.64 25.54
N ASP A 81 -19.60 -3.61 26.21
CA ASP A 81 -20.23 -2.30 26.44
C ASP A 81 -20.07 -1.42 25.19
N TYR A 82 -21.19 -0.94 24.65
CA TYR A 82 -21.17 -0.10 23.44
C TYR A 82 -20.54 1.27 23.59
N SER A 83 -20.21 1.68 24.84
CA SER A 83 -19.51 2.96 25.10
C SER A 83 -18.16 2.94 24.36
N VAL A 84 -17.58 1.73 24.15
CA VAL A 84 -16.32 1.52 23.41
C VAL A 84 -16.45 1.95 21.93
N THR A 85 -17.68 1.98 21.40
CA THR A 85 -17.97 2.32 20.00
C THR A 85 -18.19 3.81 19.72
N ALA A 86 -18.19 4.66 20.76
CA ALA A 86 -18.44 6.10 20.65
C ALA A 86 -17.61 6.76 19.54
N ASN A 87 -18.25 7.67 18.77
CA ASN A 87 -17.62 8.44 17.69
C ASN A 87 -17.08 7.62 16.52
N SER A 88 -17.77 6.53 16.21
CA SER A 88 -17.38 5.73 15.07
C SER A 88 -17.94 6.43 13.83
N LYS A 89 -17.15 6.47 12.74
CA LYS A 89 -17.61 7.01 11.46
C LYS A 89 -18.38 5.89 10.75
N LEU A 90 -17.94 4.66 10.98
CA LEU A 90 -18.54 3.50 10.34
C LEU A 90 -18.69 2.36 11.34
N VAL A 91 -19.89 1.78 11.40
CA VAL A 91 -20.14 0.64 12.30
C VAL A 91 -20.61 -0.52 11.44
N ILE A 92 -19.83 -1.61 11.49
CA ILE A 92 -20.05 -2.83 10.70
C ILE A 92 -20.65 -3.92 11.59
N ILE A 93 -21.84 -4.40 11.21
CA ILE A 93 -22.56 -5.41 11.99
C ILE A 93 -22.41 -6.76 11.31
N THR A 94 -21.73 -7.70 11.97
CA THR A 94 -21.52 -9.05 11.42
C THR A 94 -22.11 -10.08 12.38
N ALA A 95 -22.70 -9.62 13.50
CA ALA A 95 -23.25 -10.50 14.54
C ALA A 95 -24.49 -11.28 14.14
N GLY A 96 -24.72 -12.39 14.84
CA GLY A 96 -25.90 -13.21 14.68
C GLY A 96 -25.65 -14.63 14.23
N ALA A 97 -26.75 -15.38 14.00
CA ALA A 97 -26.66 -16.75 13.51
C ALA A 97 -26.06 -16.70 12.10
N ARG A 98 -25.16 -17.62 11.79
CA ARG A 98 -24.52 -17.63 10.47
C ARG A 98 -25.05 -18.77 9.64
N GLN A 99 -24.99 -18.62 8.30
CA GLN A 99 -25.52 -19.61 7.35
C GLN A 99 -24.94 -20.99 7.64
N GLN A 100 -25.81 -22.00 7.64
CA GLN A 100 -25.44 -23.38 7.95
C GLN A 100 -25.40 -24.23 6.70
N GLU A 101 -24.70 -25.37 6.80
CA GLU A 101 -24.56 -26.31 5.67
C GLU A 101 -25.91 -26.75 5.12
N GLY A 102 -26.11 -26.59 3.80
CA GLY A 102 -27.33 -26.97 3.11
C GLY A 102 -28.58 -26.19 3.48
N GLU A 103 -28.39 -25.00 4.04
CA GLU A 103 -29.48 -24.11 4.47
C GLU A 103 -29.38 -22.73 3.88
N SER A 104 -30.53 -22.17 3.50
CA SER A 104 -30.65 -20.82 2.97
C SER A 104 -30.27 -19.79 4.05
N ARG A 105 -29.79 -18.60 3.62
CA ARG A 105 -29.50 -17.49 4.54
C ARG A 105 -30.83 -16.98 5.11
N LEU A 106 -31.95 -17.27 4.40
CA LEU A 106 -33.30 -16.85 4.81
C LEU A 106 -33.77 -17.53 6.09
N ASN A 107 -33.10 -18.67 6.44
CA ASN A 107 -33.40 -19.46 7.63
C ASN A 107 -32.88 -18.80 8.92
N LEU A 108 -32.14 -17.70 8.81
CA LEU A 108 -31.53 -17.02 9.97
C LEU A 108 -32.31 -15.77 10.40
N VAL A 109 -33.32 -15.40 9.60
CA VAL A 109 -34.03 -14.13 9.72
C VAL A 109 -34.58 -13.67 11.10
N GLN A 110 -35.47 -14.46 11.73
N GLN A 110 -35.46 -14.45 11.74
CA GLN A 110 -36.07 -14.08 13.01
CA GLN A 110 -36.08 -14.10 13.03
C GLN A 110 -35.06 -13.94 14.15
C GLN A 110 -35.06 -13.93 14.14
N ARG A 111 -34.12 -14.88 14.26
CA ARG A 111 -33.07 -14.86 15.29
C ARG A 111 -32.19 -13.60 15.16
N ASN A 112 -31.85 -13.23 13.93
CA ASN A 112 -31.04 -12.05 13.66
C ASN A 112 -31.79 -10.74 13.81
N VAL A 113 -33.11 -10.74 13.52
CA VAL A 113 -33.96 -9.59 13.75
C VAL A 113 -34.00 -9.31 15.28
N ASN A 114 -34.17 -10.38 16.10
CA ASN A 114 -34.20 -10.26 17.57
C ASN A 114 -32.88 -9.72 18.10
N ILE A 115 -31.75 -10.19 17.55
CA ILE A 115 -30.43 -9.72 17.99
C ILE A 115 -30.29 -8.23 17.63
N PHE A 116 -30.75 -7.83 16.41
CA PHE A 116 -30.68 -6.45 15.94
C PHE A 116 -31.51 -5.50 16.78
N LYS A 117 -32.60 -6.00 17.41
CA LYS A 117 -33.42 -5.18 18.32
C LYS A 117 -32.60 -4.72 19.55
N PHE A 118 -31.54 -5.47 19.90
CA PHE A 118 -30.62 -5.09 20.99
C PHE A 118 -29.42 -4.27 20.47
N ILE A 119 -28.75 -4.76 19.43
CA ILE A 119 -27.55 -4.11 18.86
C ILE A 119 -27.78 -2.69 18.34
N ILE A 120 -28.70 -2.55 17.37
CA ILE A 120 -28.95 -1.29 16.69
C ILE A 120 -29.18 -0.08 17.61
N PRO A 121 -30.09 -0.11 18.62
CA PRO A 121 -30.25 1.07 19.50
C PRO A 121 -28.96 1.40 20.25
N ASN A 122 -28.19 0.37 20.65
CA ASN A 122 -26.92 0.57 21.36
C ASN A 122 -25.88 1.26 20.46
N VAL A 123 -25.79 0.84 19.17
CA VAL A 123 -24.89 1.48 18.20
C VAL A 123 -25.30 2.97 18.04
N VAL A 124 -26.61 3.22 17.80
CA VAL A 124 -27.18 4.57 17.58
C VAL A 124 -26.91 5.52 18.77
N LYS A 125 -27.04 4.99 20.00
CA LYS A 125 -26.82 5.76 21.23
C LYS A 125 -25.41 6.38 21.23
N TYR A 126 -24.39 5.56 20.91
CA TYR A 126 -23.00 6.00 20.94
C TYR A 126 -22.44 6.66 19.69
N SER A 127 -23.00 6.37 18.48
CA SER A 127 -22.52 7.05 17.26
C SER A 127 -23.76 7.44 16.44
N PRO A 128 -24.53 8.46 16.86
CA PRO A 128 -25.78 8.79 16.14
C PRO A 128 -25.61 9.24 14.71
N GLN A 129 -24.39 9.61 14.31
CA GLN A 129 -24.09 10.07 12.95
C GLN A 129 -23.26 9.10 12.10
N CYS A 130 -23.05 7.87 12.59
CA CYS A 130 -22.29 6.87 11.83
C CYS A 130 -23.07 6.41 10.58
N LYS A 131 -22.38 5.70 9.70
CA LYS A 131 -22.95 4.97 8.59
C LYS A 131 -22.96 3.55 9.15
N LEU A 132 -24.07 2.84 8.97
CA LEU A 132 -24.18 1.46 9.40
C LEU A 132 -23.93 0.59 8.18
N LEU A 133 -23.06 -0.39 8.32
CA LEU A 133 -22.81 -1.34 7.25
C LEU A 133 -23.22 -2.73 7.72
N ILE A 134 -24.33 -3.22 7.17
CA ILE A 134 -24.87 -4.53 7.58
C ILE A 134 -24.25 -5.65 6.75
N VAL A 135 -23.75 -6.70 7.43
CA VAL A 135 -23.12 -7.86 6.78
C VAL A 135 -23.88 -9.13 7.15
N SER A 136 -24.42 -9.20 8.38
CA SER A 136 -25.19 -10.31 8.93
C SER A 136 -26.29 -10.74 7.95
N ASN A 137 -26.56 -12.06 7.87
CA ASN A 137 -27.58 -12.58 6.96
C ASN A 137 -28.97 -12.85 7.55
N PRO A 138 -30.05 -12.77 6.72
CA PRO A 138 -30.09 -12.35 5.30
C PRO A 138 -29.91 -10.84 5.20
N VAL A 139 -28.78 -10.43 4.64
CA VAL A 139 -28.33 -9.03 4.57
C VAL A 139 -29.34 -8.01 4.05
N ASP A 140 -30.13 -8.38 3.04
CA ASP A 140 -31.08 -7.42 2.48
C ASP A 140 -32.18 -7.08 3.47
N ILE A 141 -32.72 -8.09 4.14
CA ILE A 141 -33.76 -7.93 5.14
C ILE A 141 -33.21 -7.24 6.39
N LEU A 142 -32.01 -7.65 6.83
CA LEU A 142 -31.38 -7.05 7.99
C LEU A 142 -31.00 -5.59 7.81
N THR A 143 -30.72 -5.15 6.56
CA THR A 143 -30.43 -3.74 6.28
C THR A 143 -31.73 -2.97 6.47
N TYR A 144 -32.85 -3.48 5.92
CA TYR A 144 -34.17 -2.85 6.11
C TYR A 144 -34.47 -2.77 7.64
N VAL A 145 -34.25 -3.89 8.36
CA VAL A 145 -34.48 -3.97 9.81
C VAL A 145 -33.65 -2.91 10.55
N ALA A 146 -32.33 -2.83 10.26
CA ALA A 146 -31.41 -1.85 10.83
C ALA A 146 -31.90 -0.43 10.53
N TRP A 147 -32.38 -0.20 9.29
CA TRP A 147 -32.93 1.10 8.87
C TRP A 147 -34.14 1.49 9.73
N LYS A 148 -35.14 0.58 9.88
CA LYS A 148 -36.33 0.82 10.72
C LYS A 148 -36.00 1.03 12.21
N ILE A 149 -35.15 0.18 12.79
CA ILE A 149 -34.78 0.31 14.21
C ILE A 149 -33.97 1.60 14.49
N SER A 150 -32.95 1.88 13.66
CA SER A 150 -32.10 3.06 13.86
C SER A 150 -32.76 4.43 13.77
N GLY A 151 -33.72 4.56 12.85
CA GLY A 151 -34.34 5.85 12.55
C GLY A 151 -33.43 6.69 11.67
N PHE A 152 -32.31 6.12 11.21
CA PHE A 152 -31.37 6.84 10.33
C PHE A 152 -31.97 7.12 8.94
N PRO A 153 -31.51 8.18 8.21
CA PRO A 153 -31.94 8.31 6.81
C PRO A 153 -31.32 7.16 6.01
N LYS A 154 -32.06 6.68 4.99
CA LYS A 154 -31.67 5.54 4.16
C LYS A 154 -30.24 5.55 3.61
N ASN A 155 -29.66 6.73 3.33
CA ASN A 155 -28.29 6.84 2.81
C ASN A 155 -27.24 6.26 3.77
N ARG A 156 -27.53 6.28 5.07
CA ARG A 156 -26.60 5.85 6.11
C ARG A 156 -26.72 4.39 6.55
N VAL A 157 -27.59 3.62 5.89
CA VAL A 157 -27.83 2.22 6.24
C VAL A 157 -27.58 1.42 4.99
N ILE A 158 -26.44 0.77 4.94
CA ILE A 158 -25.95 0.07 3.77
C ILE A 158 -25.82 -1.42 4.04
N GLY A 159 -26.24 -2.24 3.09
CA GLY A 159 -26.02 -3.68 3.22
C GLY A 159 -24.89 -4.10 2.31
N SER A 160 -23.98 -4.99 2.78
CA SER A 160 -22.87 -5.49 1.93
C SER A 160 -23.40 -6.15 0.64
N GLY A 161 -24.63 -6.61 0.70
CA GLY A 161 -25.40 -7.16 -0.42
C GLY A 161 -24.64 -8.02 -1.40
N CYS A 162 -24.70 -7.63 -2.69
CA CYS A 162 -24.08 -8.35 -3.80
C CYS A 162 -22.69 -7.90 -4.18
N ASN A 163 -21.99 -7.12 -3.33
CA ASN A 163 -20.62 -6.70 -3.64
C ASN A 163 -19.76 -7.96 -3.81
N LEU A 164 -19.95 -8.96 -2.91
CA LEU A 164 -19.21 -10.22 -2.98
C LEU A 164 -19.69 -11.10 -4.17
N ASP A 165 -21.02 -11.23 -4.36
CA ASP A 165 -21.57 -12.04 -5.48
C ASP A 165 -20.98 -11.55 -6.80
N SER A 166 -20.87 -10.20 -6.96
CA SER A 166 -20.30 -9.61 -8.18
C SER A 166 -18.81 -9.86 -8.29
N ALA A 167 -18.06 -9.80 -7.16
CA ALA A 167 -16.62 -10.11 -7.14
C ALA A 167 -16.42 -11.58 -7.53
N ARG A 168 -17.27 -12.50 -6.99
CA ARG A 168 -17.23 -13.94 -7.32
C ARG A 168 -17.49 -14.12 -8.81
N PHE A 169 -18.51 -13.42 -9.33
CA PHE A 169 -18.89 -13.47 -10.74
C PHE A 169 -17.72 -13.05 -11.63
N ARG A 170 -17.04 -11.95 -11.26
CA ARG A 170 -15.93 -11.40 -12.02
C ARG A 170 -14.71 -12.30 -11.94
N TYR A 171 -14.48 -12.96 -10.79
CA TYR A 171 -13.39 -13.92 -10.64
C TYR A 171 -13.60 -15.10 -11.61
N LEU A 172 -14.81 -15.67 -11.59
CA LEU A 172 -15.17 -16.83 -12.42
C LEU A 172 -15.11 -16.49 -13.93
N MET A 173 -15.60 -15.30 -14.30
CA MET A 173 -15.59 -14.79 -15.68
C MET A 173 -14.11 -14.62 -16.11
N GLY A 174 -13.29 -14.06 -15.20
CA GLY A 174 -11.85 -13.88 -15.41
C GLY A 174 -11.10 -15.17 -15.64
N GLU A 175 -11.45 -16.23 -14.87
N GLU A 175 -11.45 -16.23 -14.87
CA GLU A 175 -10.83 -17.56 -15.01
CA GLU A 175 -10.85 -17.56 -14.97
C GLU A 175 -11.15 -18.17 -16.37
C GLU A 175 -11.16 -18.18 -16.34
N ARG A 176 -12.40 -18.00 -16.83
CA ARG A 176 -12.86 -18.50 -18.13
C ARG A 176 -12.16 -17.80 -19.29
N LEU A 177 -11.93 -16.49 -19.15
CA LEU A 177 -11.37 -15.67 -20.23
C LEU A 177 -9.83 -15.48 -20.19
N GLY A 178 -9.20 -15.82 -19.07
CA GLY A 178 -7.77 -15.63 -18.88
C GLY A 178 -7.44 -14.16 -18.70
N VAL A 179 -8.34 -13.44 -18.01
CA VAL A 179 -8.22 -12.00 -17.78
C VAL A 179 -8.38 -11.72 -16.28
N HIS A 180 -7.67 -10.70 -15.74
CA HIS A 180 -7.79 -10.38 -14.30
C HIS A 180 -9.25 -9.94 -14.00
N PRO A 181 -9.87 -10.32 -12.86
CA PRO A 181 -11.26 -9.88 -12.59
C PRO A 181 -11.44 -8.36 -12.65
N LEU A 182 -10.38 -7.56 -12.38
CA LEU A 182 -10.46 -6.10 -12.45
C LEU A 182 -10.87 -5.61 -13.86
N SER A 183 -10.55 -6.41 -14.90
CA SER A 183 -10.82 -6.08 -16.29
C SER A 183 -12.03 -6.83 -16.87
N CYS A 184 -12.69 -7.65 -16.03
CA CYS A 184 -13.91 -8.39 -16.41
C CYS A 184 -15.06 -7.75 -15.67
N HIS A 185 -15.96 -7.09 -16.40
CA HIS A 185 -17.09 -6.37 -15.81
C HIS A 185 -18.38 -7.13 -15.94
N GLY A 186 -19.16 -7.13 -14.88
CA GLY A 186 -20.43 -7.83 -14.82
C GLY A 186 -21.05 -7.62 -13.46
N TRP A 187 -22.38 -7.50 -13.41
CA TRP A 187 -23.13 -7.18 -12.21
C TRP A 187 -24.13 -8.26 -11.81
N VAL A 188 -24.10 -8.63 -10.52
CA VAL A 188 -25.06 -9.57 -9.94
C VAL A 188 -25.86 -8.69 -8.98
N LEU A 189 -27.18 -8.54 -9.23
CA LEU A 189 -28.06 -7.68 -8.43
C LEU A 189 -29.14 -8.45 -7.67
N GLY A 190 -29.97 -7.73 -6.91
CA GLY A 190 -31.06 -8.33 -6.15
C GLY A 190 -30.64 -8.90 -4.81
N GLU A 191 -31.25 -10.02 -4.43
CA GLU A 191 -30.91 -10.68 -3.17
C GLU A 191 -29.49 -11.20 -3.12
N HIS A 192 -28.82 -11.02 -1.98
CA HIS A 192 -27.53 -11.66 -1.75
C HIS A 192 -27.93 -13.07 -1.29
N GLY A 193 -28.22 -13.90 -2.27
CA GLY A 193 -28.71 -15.25 -2.03
C GLY A 193 -29.18 -15.92 -3.31
N ASP A 194 -30.05 -16.91 -3.15
CA ASP A 194 -30.55 -17.76 -4.25
C ASP A 194 -31.22 -17.04 -5.41
N SER A 195 -31.93 -15.93 -5.17
CA SER A 195 -32.68 -15.23 -6.21
C SER A 195 -31.88 -14.08 -6.87
N SER A 196 -30.53 -14.04 -6.69
CA SER A 196 -29.69 -13.00 -7.30
C SER A 196 -29.83 -12.99 -8.81
N VAL A 197 -29.61 -11.82 -9.41
CA VAL A 197 -29.82 -11.60 -10.84
C VAL A 197 -28.53 -11.27 -11.59
N PRO A 198 -28.02 -12.18 -12.45
CA PRO A 198 -26.86 -11.82 -13.30
C PRO A 198 -27.34 -10.91 -14.45
N VAL A 199 -26.74 -9.73 -14.59
CA VAL A 199 -27.13 -8.76 -15.62
C VAL A 199 -26.27 -9.03 -16.86
N TRP A 200 -26.65 -10.09 -17.62
CA TRP A 200 -25.95 -10.51 -18.82
C TRP A 200 -25.77 -9.41 -19.86
N SER A 201 -26.75 -8.50 -19.93
CA SER A 201 -26.74 -7.38 -20.87
C SER A 201 -25.58 -6.39 -20.63
N GLY A 202 -25.06 -6.31 -19.40
CA GLY A 202 -23.95 -5.41 -19.09
C GLY A 202 -22.61 -6.09 -18.94
N VAL A 203 -22.55 -7.42 -19.15
CA VAL A 203 -21.32 -8.18 -18.98
C VAL A 203 -20.37 -7.85 -20.14
N ASN A 204 -19.16 -7.36 -19.83
CA ASN A 204 -18.23 -6.93 -20.88
C ASN A 204 -16.76 -6.94 -20.47
N VAL A 205 -15.87 -6.89 -21.50
CA VAL A 205 -14.41 -6.73 -21.36
C VAL A 205 -14.04 -5.61 -22.30
N ALA A 206 -13.38 -4.54 -21.79
CA ALA A 206 -12.95 -3.37 -22.56
C ALA A 206 -14.11 -2.69 -23.32
N GLY A 207 -15.31 -2.73 -22.73
CA GLY A 207 -16.50 -2.16 -23.34
C GLY A 207 -17.17 -3.02 -24.38
N VAL A 208 -16.62 -4.23 -24.61
CA VAL A 208 -17.15 -5.19 -25.58
C VAL A 208 -18.16 -6.09 -24.87
N SER A 209 -19.44 -5.89 -25.18
CA SER A 209 -20.58 -6.63 -24.63
C SER A 209 -20.42 -8.11 -25.01
N LEU A 210 -20.36 -9.02 -24.02
CA LEU A 210 -20.26 -10.46 -24.33
C LEU A 210 -21.53 -10.97 -25.04
N LYS A 211 -22.69 -10.41 -24.67
CA LYS A 211 -24.00 -10.71 -25.28
C LYS A 211 -23.99 -10.34 -26.78
N SER A 212 -23.21 -9.31 -27.19
CA SER A 212 -23.10 -8.96 -28.62
C SER A 212 -22.35 -10.06 -29.41
N LEU A 213 -21.49 -10.81 -28.74
CA LEU A 213 -20.74 -11.91 -29.36
C LEU A 213 -21.44 -13.26 -29.19
N ASN A 214 -22.37 -13.34 -28.22
CA ASN A 214 -23.15 -14.54 -27.93
C ASN A 214 -24.58 -14.08 -27.54
N PRO A 215 -25.52 -13.90 -28.50
CA PRO A 215 -26.86 -13.39 -28.14
C PRO A 215 -27.63 -14.18 -27.09
N GLN A 216 -27.36 -15.48 -26.99
CA GLN A 216 -28.02 -16.39 -26.04
C GLN A 216 -27.29 -16.40 -24.68
N LEU A 217 -26.25 -15.57 -24.51
CA LEU A 217 -25.46 -15.51 -23.27
C LEU A 217 -26.32 -15.55 -21.98
N GLY A 218 -26.07 -16.56 -21.15
CA GLY A 218 -26.74 -16.72 -19.85
C GLY A 218 -28.11 -17.35 -19.88
N THR A 219 -28.63 -17.68 -21.08
CA THR A 219 -29.95 -18.31 -21.23
C THR A 219 -29.77 -19.83 -21.28
N ASP A 220 -30.89 -20.56 -21.31
CA ASP A 220 -30.90 -22.03 -21.43
C ASP A 220 -30.32 -22.46 -22.78
N ALA A 221 -30.61 -21.69 -23.83
CA ALA A 221 -30.19 -21.94 -25.21
C ALA A 221 -28.70 -21.56 -25.52
N ASP A 222 -27.93 -21.11 -24.51
CA ASP A 222 -26.52 -20.74 -24.63
C ASP A 222 -25.67 -22.02 -24.77
N LYS A 223 -25.06 -22.22 -25.95
CA LYS A 223 -24.21 -23.36 -26.29
C LYS A 223 -23.02 -23.54 -25.34
N GLU A 224 -22.56 -22.44 -24.70
CA GLU A 224 -21.44 -22.41 -23.76
C GLU A 224 -21.88 -22.42 -22.28
N GLN A 225 -23.20 -22.39 -22.05
CA GLN A 225 -23.87 -22.41 -20.74
C GLN A 225 -23.28 -21.47 -19.69
N TRP A 226 -23.19 -20.15 -20.02
CA TRP A 226 -22.68 -19.15 -19.08
C TRP A 226 -23.54 -19.00 -17.84
N LYS A 227 -24.82 -19.46 -17.88
CA LYS A 227 -25.70 -19.45 -16.69
C LYS A 227 -25.07 -20.25 -15.54
N ASP A 228 -24.19 -21.23 -15.87
CA ASP A 228 -23.47 -22.05 -14.90
C ASP A 228 -22.52 -21.19 -14.05
N VAL A 229 -22.04 -20.07 -14.62
CA VAL A 229 -21.19 -19.12 -13.87
C VAL A 229 -22.04 -18.48 -12.76
N HIS A 230 -23.27 -18.04 -13.07
CA HIS A 230 -24.14 -17.48 -12.03
C HIS A 230 -24.55 -18.59 -11.06
N LYS A 231 -24.78 -19.83 -11.57
CA LYS A 231 -25.09 -20.95 -10.69
C LYS A 231 -23.95 -21.14 -9.66
N GLN A 232 -22.70 -21.06 -10.12
CA GLN A 232 -21.51 -21.15 -9.24
C GLN A 232 -21.50 -20.01 -8.22
N VAL A 233 -21.88 -18.79 -8.64
CA VAL A 233 -22.00 -17.61 -7.75
C VAL A 233 -23.04 -17.92 -6.64
N VAL A 234 -24.24 -18.40 -7.04
CA VAL A 234 -25.32 -18.73 -6.09
C VAL A 234 -24.86 -19.80 -5.10
N ASP A 235 -24.23 -20.86 -5.62
CA ASP A 235 -23.79 -22.01 -4.83
C ASP A 235 -22.54 -21.79 -4.02
N SER A 236 -21.71 -20.77 -4.34
CA SER A 236 -20.42 -20.53 -3.70
C SER A 236 -20.38 -20.67 -2.18
N ALA A 237 -21.21 -19.92 -1.44
CA ALA A 237 -21.21 -20.00 0.03
C ALA A 237 -21.58 -21.38 0.52
N TYR A 238 -22.55 -22.06 -0.12
CA TYR A 238 -22.92 -23.41 0.30
C TYR A 238 -21.73 -24.37 0.14
N GLU A 239 -21.01 -24.29 -1.00
CA GLU A 239 -19.83 -25.14 -1.26
C GLU A 239 -18.73 -24.88 -0.22
N VAL A 240 -18.42 -23.60 0.03
CA VAL A 240 -17.37 -23.17 0.98
C VAL A 240 -17.72 -23.60 2.41
N ILE A 241 -19.00 -23.44 2.81
CA ILE A 241 -19.50 -23.90 4.11
C ILE A 241 -19.35 -25.41 4.25
N LYS A 242 -19.73 -26.18 3.21
CA LYS A 242 -19.58 -27.65 3.20
C LYS A 242 -18.10 -28.05 3.39
N LEU A 243 -17.20 -27.33 2.71
CA LEU A 243 -15.76 -27.62 2.74
C LEU A 243 -15.02 -27.19 4.00
N LYS A 244 -15.15 -25.91 4.42
CA LYS A 244 -14.44 -25.38 5.58
C LYS A 244 -15.30 -25.00 6.80
N GLY A 245 -16.62 -25.16 6.71
CA GLY A 245 -17.50 -24.85 7.83
C GLY A 245 -18.18 -23.50 7.85
N TYR A 246 -17.64 -22.52 7.10
CA TYR A 246 -18.12 -21.13 7.05
C TYR A 246 -17.39 -20.39 5.93
N THR A 247 -17.74 -19.14 5.67
CA THR A 247 -16.96 -18.34 4.72
C THR A 247 -16.46 -17.15 5.51
N SER A 248 -15.28 -16.61 5.16
CA SER A 248 -14.76 -15.47 5.92
C SER A 248 -13.88 -14.54 5.07
N TRP A 249 -12.86 -15.08 4.40
CA TRP A 249 -11.89 -14.26 3.68
C TRP A 249 -12.45 -13.36 2.58
N ALA A 250 -13.25 -13.91 1.67
CA ALA A 250 -13.80 -13.13 0.57
C ALA A 250 -14.76 -12.05 1.08
N ILE A 251 -15.60 -12.38 2.07
CA ILE A 251 -16.52 -11.39 2.65
C ILE A 251 -15.76 -10.27 3.39
N GLY A 252 -14.68 -10.63 4.10
CA GLY A 252 -13.84 -9.66 4.81
C GLY A 252 -13.27 -8.63 3.84
N LEU A 253 -12.81 -9.12 2.67
CA LEU A 253 -12.24 -8.26 1.61
C LEU A 253 -13.32 -7.41 0.94
N SER A 254 -14.52 -7.97 0.73
CA SER A 254 -15.65 -7.26 0.13
C SER A 254 -16.06 -6.11 1.08
N VAL A 255 -16.16 -6.41 2.38
CA VAL A 255 -16.49 -5.43 3.40
C VAL A 255 -15.44 -4.32 3.48
N ALA A 256 -14.13 -4.69 3.41
CA ALA A 256 -13.06 -3.69 3.45
C ALA A 256 -13.10 -2.79 2.21
N ASP A 257 -13.55 -3.35 1.08
CA ASP A 257 -13.71 -2.64 -0.18
C ASP A 257 -14.80 -1.55 0.00
N LEU A 258 -15.95 -1.91 0.62
CA LEU A 258 -17.03 -0.95 0.91
C LEU A 258 -16.57 0.07 1.96
N ALA A 259 -15.82 -0.38 3.00
CA ALA A 259 -15.33 0.53 4.06
C ALA A 259 -14.38 1.56 3.44
N GLU A 260 -13.58 1.14 2.46
CA GLU A 260 -12.65 2.04 1.77
C GLU A 260 -13.40 3.15 1.01
N SER A 261 -14.43 2.80 0.22
CA SER A 261 -15.22 3.81 -0.53
C SER A 261 -15.89 4.80 0.44
N ILE A 262 -16.39 4.30 1.59
CA ILE A 262 -17.04 5.15 2.59
C ILE A 262 -15.99 6.08 3.25
N MET A 263 -14.96 5.49 3.85
CA MET A 263 -13.94 6.23 4.61
C MET A 263 -13.14 7.20 3.77
N LYS A 264 -12.92 6.87 2.49
CA LYS A 264 -12.13 7.72 1.57
C LYS A 264 -13.00 8.55 0.60
N ASN A 265 -14.34 8.52 0.78
CA ASN A 265 -15.33 9.26 -0.03
C ASN A 265 -15.07 9.05 -1.52
N LEU A 266 -14.86 7.79 -1.92
CA LEU A 266 -14.46 7.52 -3.29
C LEU A 266 -15.51 7.75 -4.34
N ARG A 267 -16.79 7.50 -4.01
CA ARG A 267 -17.92 7.59 -4.95
C ARG A 267 -17.73 6.60 -6.10
N ARG A 268 -17.25 5.40 -5.74
CA ARG A 268 -17.16 4.28 -6.66
C ARG A 268 -18.54 3.66 -6.66
N VAL A 269 -18.89 2.91 -7.70
CA VAL A 269 -20.18 2.26 -7.82
C VAL A 269 -20.08 0.81 -7.34
N HIS A 270 -20.96 0.43 -6.40
CA HIS A 270 -20.99 -0.93 -5.86
C HIS A 270 -22.41 -1.51 -5.89
N PRO A 271 -22.56 -2.84 -6.09
CA PRO A 271 -23.90 -3.44 -6.02
C PRO A 271 -24.17 -3.79 -4.55
N ILE A 272 -24.88 -2.90 -3.88
CA ILE A 272 -25.11 -3.01 -2.43
C ILE A 272 -26.56 -2.81 -2.08
N SER A 273 -26.96 -3.28 -0.87
CA SER A 273 -28.37 -3.25 -0.47
C SER A 273 -28.82 -1.86 -0.06
N THR A 274 -29.89 -1.39 -0.71
CA THR A 274 -30.53 -0.11 -0.45
C THR A 274 -32.01 -0.22 -0.73
N MET A 275 -32.81 0.75 -0.29
N MET A 275 -32.81 0.76 -0.30
CA MET A 275 -34.25 0.77 -0.53
CA MET A 275 -34.25 0.78 -0.55
C MET A 275 -34.51 0.98 -2.03
C MET A 275 -34.50 0.99 -2.04
N ILE A 276 -35.20 0.03 -2.67
CA ILE A 276 -35.50 0.07 -4.10
C ILE A 276 -36.94 0.47 -4.43
N LYS A 277 -37.69 0.99 -3.44
CA LYS A 277 -39.07 1.44 -3.61
C LYS A 277 -39.10 2.55 -4.66
N GLY A 278 -39.84 2.31 -5.74
CA GLY A 278 -39.97 3.26 -6.85
C GLY A 278 -39.33 2.83 -8.15
N LEU A 279 -38.38 1.87 -8.09
CA LEU A 279 -37.67 1.35 -9.27
C LEU A 279 -38.16 -0.03 -9.69
N TYR A 280 -38.19 -0.27 -11.01
CA TYR A 280 -38.59 -1.52 -11.68
C TYR A 280 -39.99 -2.04 -11.33
N GLY A 281 -40.88 -1.12 -10.98
CA GLY A 281 -42.26 -1.44 -10.61
C GLY A 281 -42.45 -1.91 -9.18
N ILE A 282 -41.38 -1.85 -8.35
CA ILE A 282 -41.45 -2.27 -6.95
C ILE A 282 -42.04 -1.14 -6.09
N LYS A 283 -43.18 -1.41 -5.43
CA LYS A 283 -43.92 -0.43 -4.63
C LYS A 283 -43.77 -0.51 -3.10
N GLU A 284 -43.07 -1.54 -2.58
CA GLU A 284 -42.85 -1.75 -1.14
C GLU A 284 -41.44 -1.33 -0.67
N ASP A 285 -41.24 -1.21 0.67
CA ASP A 285 -39.97 -0.85 1.32
C ASP A 285 -38.96 -2.03 1.29
N VAL A 286 -38.77 -2.62 0.10
CA VAL A 286 -37.85 -3.73 -0.15
C VAL A 286 -36.40 -3.17 -0.27
N PHE A 287 -35.41 -3.84 0.36
CA PHE A 287 -33.98 -3.52 0.20
C PHE A 287 -33.36 -4.66 -0.57
N LEU A 288 -32.54 -4.33 -1.55
CA LEU A 288 -31.80 -5.31 -2.36
C LEU A 288 -30.70 -4.58 -3.10
N SER A 289 -29.80 -5.33 -3.73
CA SER A 289 -28.68 -4.73 -4.42
C SER A 289 -28.98 -4.20 -5.80
N VAL A 290 -28.57 -2.95 -6.01
CA VAL A 290 -28.57 -2.24 -7.28
C VAL A 290 -27.24 -1.47 -7.27
N PRO A 291 -26.68 -1.01 -8.43
CA PRO A 291 -25.38 -0.30 -8.38
C PRO A 291 -25.58 1.08 -7.73
N CYS A 292 -24.87 1.35 -6.62
CA CYS A 292 -24.97 2.59 -5.83
C CYS A 292 -23.66 3.33 -5.83
N ILE A 293 -23.72 4.66 -5.76
CA ILE A 293 -22.54 5.50 -5.60
C ILE A 293 -22.33 5.56 -4.09
N LEU A 294 -21.16 5.09 -3.63
CA LEU A 294 -20.82 4.98 -2.22
C LEU A 294 -19.69 5.91 -1.81
N GLY A 295 -19.95 6.74 -0.82
CA GLY A 295 -18.97 7.69 -0.30
C GLY A 295 -19.16 8.01 1.18
N GLN A 296 -18.68 9.21 1.59
CA GLN A 296 -18.67 9.66 2.99
C GLN A 296 -20.03 9.71 3.65
N ASN A 297 -21.08 9.98 2.87
CA ASN A 297 -22.43 10.05 3.41
C ASN A 297 -23.23 8.77 3.12
N GLY A 298 -22.51 7.70 2.79
CA GLY A 298 -23.11 6.43 2.44
C GLY A 298 -23.58 6.40 0.99
N ILE A 299 -24.83 5.95 0.77
CA ILE A 299 -25.43 5.88 -0.59
C ILE A 299 -26.09 7.21 -0.93
N SER A 300 -25.50 7.95 -1.86
CA SER A 300 -26.00 9.27 -2.26
C SER A 300 -26.79 9.20 -3.55
N ASP A 301 -26.51 8.16 -4.38
CA ASP A 301 -27.13 8.01 -5.69
C ASP A 301 -27.19 6.54 -6.12
N VAL A 302 -28.15 6.23 -7.00
CA VAL A 302 -28.36 4.91 -7.57
C VAL A 302 -28.24 4.99 -9.10
N VAL A 303 -27.51 4.03 -9.69
CA VAL A 303 -27.39 3.94 -11.14
C VAL A 303 -28.63 3.18 -11.58
N LYS A 304 -29.34 3.70 -12.58
CA LYS A 304 -30.54 3.09 -13.13
C LYS A 304 -30.11 2.16 -14.27
N VAL A 305 -29.98 0.86 -13.98
CA VAL A 305 -29.57 -0.13 -14.98
C VAL A 305 -30.73 -0.43 -15.92
N THR A 306 -30.46 -0.43 -17.24
CA THR A 306 -31.47 -0.76 -18.24
C THR A 306 -31.47 -2.28 -18.37
N LEU A 307 -32.38 -2.91 -17.65
CA LEU A 307 -32.53 -4.35 -17.63
C LEU A 307 -33.39 -4.85 -18.78
N THR A 308 -33.04 -6.02 -19.35
CA THR A 308 -33.84 -6.65 -20.39
C THR A 308 -35.11 -7.19 -19.71
N PRO A 309 -36.22 -7.46 -20.44
CA PRO A 309 -37.44 -8.00 -19.79
C PRO A 309 -37.19 -9.23 -18.90
N ASP A 310 -36.30 -10.14 -19.33
CA ASP A 310 -35.88 -11.35 -18.58
C ASP A 310 -35.24 -10.94 -17.25
N GLU A 311 -34.23 -10.04 -17.30
CA GLU A 311 -33.50 -9.52 -16.13
C GLU A 311 -34.43 -8.75 -15.19
N GLU A 312 -35.36 -7.96 -15.76
CA GLU A 312 -36.33 -7.22 -14.95
C GLU A 312 -37.29 -8.17 -14.22
N ALA A 313 -37.70 -9.29 -14.89
CA ALA A 313 -38.60 -10.29 -14.33
C ALA A 313 -37.91 -10.97 -13.15
N ARG A 314 -36.64 -11.36 -13.34
CA ARG A 314 -35.82 -12.00 -12.31
C ARG A 314 -35.60 -11.09 -11.12
N LEU A 315 -35.41 -9.78 -11.36
CA LEU A 315 -35.23 -8.80 -10.27
C LEU A 315 -36.52 -8.61 -9.48
N LYS A 316 -37.68 -8.54 -10.17
CA LYS A 316 -39.01 -8.44 -9.55
C LYS A 316 -39.27 -9.65 -8.65
N LYS A 317 -38.92 -10.85 -9.14
CA LYS A 317 -39.04 -12.13 -8.45
C LYS A 317 -38.16 -12.13 -7.19
N SER A 318 -36.92 -11.59 -7.26
CA SER A 318 -36.01 -11.46 -6.12
C SER A 318 -36.65 -10.56 -5.06
N ALA A 319 -37.22 -9.40 -5.48
CA ALA A 319 -37.92 -8.44 -4.62
C ALA A 319 -39.16 -9.10 -3.96
N ASP A 320 -39.89 -9.92 -4.73
CA ASP A 320 -41.08 -10.62 -4.23
C ASP A 320 -40.71 -11.64 -3.14
N THR A 321 -39.63 -12.40 -3.36
CA THR A 321 -39.12 -13.39 -2.40
C THR A 321 -38.74 -12.71 -1.09
N LEU A 322 -38.05 -11.54 -1.16
CA LEU A 322 -37.62 -10.79 0.03
C LEU A 322 -38.80 -10.19 0.81
N TRP A 323 -39.73 -9.55 0.09
CA TRP A 323 -40.94 -8.95 0.67
C TRP A 323 -41.82 -10.00 1.37
N GLY A 324 -41.92 -11.19 0.80
CA GLY A 324 -42.69 -12.31 1.33
C GLY A 324 -42.26 -12.66 2.74
N ILE A 325 -40.93 -12.79 2.94
CA ILE A 325 -40.31 -13.06 4.25
C ILE A 325 -40.50 -11.82 5.16
N GLN A 326 -40.16 -10.64 4.64
CA GLN A 326 -40.19 -9.34 5.32
C GLN A 326 -41.55 -8.93 5.88
N LYS A 327 -42.65 -9.12 5.12
CA LYS A 327 -44.00 -8.70 5.54
C LYS A 327 -44.47 -9.38 6.82
N GLU A 328 -44.03 -10.63 7.05
CA GLU A 328 -44.36 -11.44 8.22
C GLU A 328 -43.34 -11.24 9.37
N LEU A 329 -42.74 -10.02 9.44
CA LEU A 329 -41.76 -9.61 10.45
C LEU A 329 -42.40 -8.62 11.42
N GLN A 330 -42.27 -8.91 12.73
CA GLN A 330 -42.81 -8.06 13.79
C GLN A 330 -41.67 -7.60 14.68
N PHE A 331 -41.45 -6.27 14.73
CA PHE A 331 -40.42 -5.62 15.53
C PHE A 331 -40.76 -4.15 15.73
N ALA B 2 -16.09 -20.44 -29.94
CA ALA B 2 -16.14 -20.05 -28.54
C ALA B 2 -16.11 -18.54 -28.36
N LEU B 3 -16.79 -18.05 -27.30
CA LEU B 3 -16.87 -16.64 -26.93
C LEU B 3 -15.48 -16.03 -26.65
N LYS B 4 -14.59 -16.80 -25.99
CA LYS B 4 -13.23 -16.36 -25.69
C LYS B 4 -12.43 -16.01 -26.96
N ASP B 5 -12.50 -16.86 -28.01
CA ASP B 5 -11.79 -16.61 -29.27
C ASP B 5 -12.41 -15.48 -30.08
N GLN B 6 -13.73 -15.27 -29.94
CA GLN B 6 -14.47 -14.18 -30.58
C GLN B 6 -14.06 -12.84 -29.97
N LEU B 7 -13.78 -12.83 -28.66
CA LEU B 7 -13.42 -11.63 -27.90
C LEU B 7 -11.92 -11.35 -27.89
N ILE B 8 -11.09 -12.40 -27.77
CA ILE B 8 -9.63 -12.30 -27.63
C ILE B 8 -8.84 -13.05 -28.68
N VAL B 9 -7.85 -12.38 -29.31
CA VAL B 9 -6.93 -13.00 -30.26
C VAL B 9 -5.69 -13.35 -29.44
N ASN B 10 -5.35 -14.64 -29.36
CA ASN B 10 -4.12 -15.06 -28.68
C ASN B 10 -2.93 -14.78 -29.60
N LEU B 11 -1.90 -14.11 -29.06
CA LEU B 11 -0.73 -13.75 -29.84
C LEU B 11 0.52 -14.50 -29.40
N LEU B 12 0.46 -15.10 -28.19
CA LEU B 12 1.60 -15.77 -27.60
C LEU B 12 1.19 -17.05 -26.86
N LYS B 13 1.87 -18.15 -27.20
CA LYS B 13 1.63 -19.47 -26.60
C LYS B 13 2.20 -19.52 -25.18
N GLU B 14 3.54 -19.33 -25.06
CA GLU B 14 4.40 -19.29 -23.86
C GLU B 14 3.96 -19.95 -22.55
N GLU B 15 4.82 -20.82 -22.01
CA GLU B 15 4.59 -21.53 -20.75
C GLU B 15 4.86 -20.58 -19.57
N GLN B 16 3.84 -20.34 -18.75
CA GLN B 16 3.90 -19.46 -17.60
C GLN B 16 4.67 -20.07 -16.43
N VAL B 17 5.73 -19.40 -15.99
CA VAL B 17 6.58 -19.78 -14.85
C VAL B 17 6.51 -18.66 -13.80
N PRO B 18 6.02 -18.95 -12.55
CA PRO B 18 5.88 -17.87 -11.55
C PRO B 18 7.23 -17.30 -11.14
N GLN B 19 7.30 -15.98 -10.91
CA GLN B 19 8.52 -15.27 -10.58
C GLN B 19 8.69 -14.94 -9.09
N ASN B 20 7.58 -14.88 -8.34
CA ASN B 20 7.58 -14.50 -6.94
C ASN B 20 6.57 -15.36 -6.17
N LYS B 21 6.70 -16.65 -6.30
CA LYS B 21 5.75 -17.59 -5.72
C LYS B 21 6.04 -17.88 -4.27
N ILE B 22 4.96 -17.95 -3.49
CA ILE B 22 5.04 -18.30 -2.08
C ILE B 22 4.13 -19.49 -1.83
N THR B 23 4.64 -20.45 -1.04
CA THR B 23 3.85 -21.59 -0.59
C THR B 23 3.65 -21.48 0.93
N VAL B 24 2.43 -21.76 1.38
CA VAL B 24 2.11 -21.88 2.80
C VAL B 24 1.69 -23.34 3.03
N VAL B 25 2.45 -24.07 3.87
CA VAL B 25 2.14 -25.45 4.23
C VAL B 25 1.39 -25.40 5.57
N GLY B 26 0.14 -25.85 5.55
CA GLY B 26 -0.72 -25.84 6.72
C GLY B 26 -1.78 -24.77 6.58
N VAL B 27 -3.06 -25.18 6.63
CA VAL B 27 -4.19 -24.26 6.50
C VAL B 27 -4.98 -24.12 7.78
N GLY B 28 -4.30 -24.31 8.92
CA GLY B 28 -4.89 -24.04 10.23
C GLY B 28 -4.95 -22.53 10.38
N ALA B 29 -5.37 -22.03 11.55
CA ALA B 29 -5.50 -20.60 11.81
C ALA B 29 -4.19 -19.81 11.50
N VAL B 30 -3.02 -20.35 11.88
CA VAL B 30 -1.73 -19.68 11.60
C VAL B 30 -1.45 -19.63 10.10
N GLY B 31 -1.55 -20.77 9.42
CA GLY B 31 -1.30 -20.80 7.98
C GLY B 31 -2.20 -19.84 7.22
N MET B 32 -3.49 -19.78 7.59
CA MET B 32 -4.43 -18.88 6.89
C MET B 32 -4.16 -17.41 7.20
N ALA B 33 -3.72 -17.11 8.43
CA ALA B 33 -3.38 -15.73 8.83
C ALA B 33 -2.15 -15.31 8.03
N CYS B 34 -1.15 -16.23 7.86
CA CYS B 34 0.03 -15.93 7.03
C CYS B 34 -0.41 -15.66 5.60
N ALA B 35 -1.31 -16.50 5.06
CA ALA B 35 -1.80 -16.38 3.68
C ALA B 35 -2.53 -15.03 3.43
N ILE B 36 -3.50 -14.69 4.26
CA ILE B 36 -4.23 -13.42 4.10
C ILE B 36 -3.30 -12.21 4.22
N SER B 37 -2.33 -12.28 5.18
CA SER B 37 -1.36 -11.19 5.37
C SER B 37 -0.44 -11.02 4.17
N ILE B 38 0.02 -12.15 3.62
CA ILE B 38 0.89 -12.11 2.44
C ILE B 38 0.13 -11.58 1.22
N LEU B 39 -1.12 -12.02 1.05
CA LEU B 39 -1.95 -11.56 -0.06
C LEU B 39 -2.21 -10.05 0.04
N MET B 40 -2.50 -9.55 1.24
CA MET B 40 -2.82 -8.13 1.41
C MET B 40 -1.61 -7.21 1.35
N LYS B 41 -0.40 -7.79 1.41
CA LYS B 41 0.87 -7.07 1.28
C LYS B 41 1.46 -7.14 -0.15
N ASP B 42 0.74 -7.80 -1.08
CA ASP B 42 1.14 -7.92 -2.49
C ASP B 42 2.58 -8.44 -2.67
N LEU B 43 2.94 -9.46 -1.91
CA LEU B 43 4.30 -10.00 -1.94
C LEU B 43 4.52 -11.07 -2.97
N ALA B 44 3.42 -11.69 -3.45
CA ALA B 44 3.50 -12.83 -4.36
C ALA B 44 2.69 -12.72 -5.66
N ASP B 45 3.19 -13.36 -6.75
CA ASP B 45 2.44 -13.42 -8.00
C ASP B 45 1.66 -14.76 -8.06
N GLU B 46 1.99 -15.67 -7.14
CA GLU B 46 1.31 -16.96 -7.04
C GLU B 46 1.36 -17.42 -5.61
N LEU B 47 0.23 -17.93 -5.08
CA LEU B 47 0.17 -18.47 -3.72
C LEU B 47 -0.29 -19.92 -3.77
N ALA B 48 0.52 -20.85 -3.23
CA ALA B 48 0.14 -22.25 -3.15
C ALA B 48 -0.14 -22.64 -1.70
N LEU B 49 -1.19 -23.43 -1.46
CA LEU B 49 -1.53 -23.93 -0.13
C LEU B 49 -1.43 -25.45 -0.16
N VAL B 50 -0.90 -26.05 0.92
CA VAL B 50 -0.76 -27.51 1.04
C VAL B 50 -1.25 -27.93 2.43
N ASP B 51 -2.04 -28.99 2.49
CA ASP B 51 -2.47 -29.59 3.76
C ASP B 51 -2.80 -31.04 3.50
N VAL B 52 -3.23 -31.78 4.53
CA VAL B 52 -3.61 -33.18 4.41
C VAL B 52 -5.13 -33.35 4.47
N ILE B 53 -5.84 -32.32 4.96
CA ILE B 53 -7.30 -32.33 5.07
C ILE B 53 -7.85 -31.71 3.78
N GLU B 54 -8.23 -32.56 2.82
CA GLU B 54 -8.67 -32.15 1.49
C GLU B 54 -9.82 -31.12 1.39
N ASP B 55 -10.93 -31.35 2.10
CA ASP B 55 -12.08 -30.45 2.09
CA ASP B 55 -12.09 -30.45 2.08
C ASP B 55 -11.72 -29.08 2.63
N LYS B 56 -11.13 -29.02 3.84
CA LYS B 56 -10.70 -27.79 4.49
C LYS B 56 -9.75 -27.03 3.55
N LEU B 57 -8.79 -27.75 2.92
CA LEU B 57 -7.83 -27.14 2.00
C LEU B 57 -8.53 -26.46 0.81
N LYS B 58 -9.42 -27.20 0.13
CA LYS B 58 -10.16 -26.67 -1.02
C LYS B 58 -11.04 -25.50 -0.59
N GLY B 59 -11.71 -25.63 0.55
CA GLY B 59 -12.57 -24.57 1.08
C GLY B 59 -11.82 -23.27 1.32
N GLU B 60 -10.63 -23.36 1.95
CA GLU B 60 -9.78 -22.20 2.23
C GLU B 60 -9.27 -21.55 0.94
N MET B 61 -8.80 -22.38 -0.03
CA MET B 61 -8.35 -21.91 -1.33
C MET B 61 -9.46 -21.13 -2.03
N MET B 62 -10.68 -21.74 -2.12
CA MET B 62 -11.82 -21.10 -2.81
C MET B 62 -12.18 -19.79 -2.16
N ASP B 63 -12.21 -19.73 -0.81
CA ASP B 63 -12.56 -18.51 -0.07
C ASP B 63 -11.57 -17.39 -0.39
N LEU B 64 -10.25 -17.70 -0.49
CA LEU B 64 -9.27 -16.70 -0.87
C LEU B 64 -9.48 -16.30 -2.35
N GLN B 65 -9.65 -17.30 -3.24
CA GLN B 65 -9.90 -17.05 -4.67
C GLN B 65 -11.06 -16.08 -4.89
N HIS B 66 -12.18 -16.24 -4.14
CA HIS B 66 -13.36 -15.37 -4.26
C HIS B 66 -13.09 -13.87 -3.94
N GLY B 67 -12.01 -13.61 -3.21
CA GLY B 67 -11.57 -12.25 -2.93
C GLY B 67 -10.60 -11.67 -3.95
N SER B 68 -10.31 -12.40 -5.07
CA SER B 68 -9.32 -11.98 -6.10
C SER B 68 -9.47 -10.59 -6.64
N LEU B 69 -10.72 -10.13 -6.84
CA LEU B 69 -10.98 -8.78 -7.38
C LEU B 69 -10.36 -7.69 -6.49
N PHE B 70 -10.26 -7.98 -5.17
CA PHE B 70 -9.71 -7.04 -4.18
C PHE B 70 -8.22 -7.25 -3.93
N LEU B 71 -7.60 -8.18 -4.67
CA LEU B 71 -6.20 -8.53 -4.49
C LEU B 71 -5.35 -8.29 -5.76
N LYS B 72 -4.02 -8.48 -5.64
CA LYS B 72 -3.08 -8.36 -6.75
C LYS B 72 -2.17 -9.61 -6.86
N THR B 73 -2.75 -10.78 -6.57
CA THR B 73 -2.10 -12.11 -6.63
C THR B 73 -2.97 -12.90 -7.58
N PRO B 74 -2.57 -12.97 -8.87
CA PRO B 74 -3.46 -13.55 -9.89
C PRO B 74 -3.65 -15.05 -9.90
N LYS B 75 -2.88 -15.82 -9.12
CA LYS B 75 -3.03 -17.27 -9.10
C LYS B 75 -2.91 -17.80 -7.68
N ILE B 76 -3.98 -18.45 -7.21
CA ILE B 76 -4.07 -19.06 -5.87
C ILE B 76 -4.43 -20.50 -6.15
N VAL B 77 -3.59 -21.42 -5.69
CA VAL B 77 -3.77 -22.85 -5.96
C VAL B 77 -3.59 -23.65 -4.69
N SER B 78 -4.07 -24.89 -4.70
CA SER B 78 -3.90 -25.77 -3.55
C SER B 78 -3.91 -27.22 -3.97
N SER B 79 -3.27 -28.09 -3.16
CA SER B 79 -3.25 -29.53 -3.33
C SER B 79 -2.59 -30.21 -2.15
N LYS B 80 -2.92 -31.48 -1.94
CA LYS B 80 -2.22 -32.28 -0.95
C LYS B 80 -0.86 -32.72 -1.58
N ASP B 81 -0.77 -32.64 -2.94
CA ASP B 81 0.42 -33.03 -3.71
CA ASP B 81 0.43 -33.03 -3.68
C ASP B 81 1.40 -31.84 -3.77
N TYR B 82 2.66 -32.07 -3.36
CA TYR B 82 3.68 -31.01 -3.36
C TYR B 82 4.08 -30.48 -4.73
N SER B 83 3.67 -31.16 -5.83
CA SER B 83 3.96 -30.64 -7.17
C SER B 83 3.32 -29.25 -7.34
N VAL B 84 2.23 -28.92 -6.58
CA VAL B 84 1.56 -27.60 -6.63
C VAL B 84 2.51 -26.44 -6.14
N THR B 85 3.53 -26.78 -5.33
CA THR B 85 4.44 -25.80 -4.74
C THR B 85 5.63 -25.48 -5.64
N ALA B 86 5.70 -26.12 -6.83
CA ALA B 86 6.83 -25.99 -7.76
C ALA B 86 7.20 -24.55 -8.04
N ASN B 87 8.51 -24.28 -8.03
CA ASN B 87 9.09 -22.95 -8.31
C ASN B 87 8.77 -21.87 -7.27
N SER B 88 8.64 -22.25 -6.00
CA SER B 88 8.44 -21.26 -4.94
C SER B 88 9.77 -20.57 -4.61
N LYS B 89 9.70 -19.28 -4.28
CA LYS B 89 10.88 -18.53 -3.83
C LYS B 89 10.91 -18.66 -2.30
N LEU B 90 9.73 -18.86 -1.70
CA LEU B 90 9.57 -18.97 -0.26
C LEU B 90 8.51 -20.01 0.11
N VAL B 91 8.89 -20.89 1.03
CA VAL B 91 7.99 -21.93 1.52
C VAL B 91 7.89 -21.74 3.01
N ILE B 92 6.68 -21.48 3.49
CA ILE B 92 6.36 -21.21 4.89
C ILE B 92 5.70 -22.44 5.51
N ILE B 93 6.33 -23.00 6.56
CA ILE B 93 5.84 -24.24 7.20
C ILE B 93 5.12 -23.93 8.49
N THR B 94 3.79 -24.18 8.52
CA THR B 94 2.98 -23.88 9.72
C THR B 94 2.24 -25.13 10.19
N ALA B 95 2.60 -26.31 9.67
CA ALA B 95 1.92 -27.54 10.01
C ALA B 95 2.39 -28.10 11.35
N GLY B 96 1.55 -28.94 11.95
CA GLY B 96 1.89 -29.62 13.19
C GLY B 96 0.98 -29.38 14.36
N ALA B 97 1.28 -30.10 15.45
CA ALA B 97 0.55 -29.97 16.70
C ALA B 97 0.90 -28.63 17.34
N ARG B 98 -0.04 -28.09 18.12
CA ARG B 98 0.19 -26.85 18.88
C ARG B 98 -0.02 -27.13 20.36
N GLN B 99 0.64 -26.36 21.23
CA GLN B 99 0.60 -26.59 22.66
C GLN B 99 -0.75 -26.23 23.27
N GLN B 100 -1.12 -27.02 24.28
CA GLN B 100 -2.30 -26.83 25.12
C GLN B 100 -1.89 -25.88 26.25
N GLU B 101 -2.87 -25.36 27.01
CA GLU B 101 -2.60 -24.51 28.17
C GLU B 101 -1.80 -25.38 29.17
N GLY B 102 -0.73 -24.83 29.72
CA GLY B 102 0.11 -25.58 30.66
C GLY B 102 1.07 -26.54 29.99
N GLU B 103 1.14 -26.51 28.64
CA GLU B 103 2.06 -27.40 27.90
C GLU B 103 3.14 -26.58 27.23
N SER B 104 4.39 -27.01 27.32
CA SER B 104 5.48 -26.27 26.71
C SER B 104 5.49 -26.53 25.20
N ARG B 105 5.97 -25.55 24.41
CA ARG B 105 6.16 -25.74 22.96
C ARG B 105 7.20 -26.87 22.76
N LEU B 106 8.12 -27.01 23.72
CA LEU B 106 9.16 -28.04 23.63
C LEU B 106 8.55 -29.45 23.69
N ASN B 107 7.35 -29.58 24.27
CA ASN B 107 6.64 -30.87 24.33
C ASN B 107 6.11 -31.34 22.97
N LEU B 108 6.06 -30.45 21.96
CA LEU B 108 5.57 -30.75 20.60
C LEU B 108 6.63 -31.41 19.71
N VAL B 109 7.87 -31.45 20.20
CA VAL B 109 9.02 -31.89 19.41
C VAL B 109 8.89 -33.21 18.64
N GLN B 110 8.61 -34.33 19.32
CA GLN B 110 8.49 -35.63 18.63
C GLN B 110 7.38 -35.66 17.57
N ARG B 111 6.20 -35.09 17.89
CA ARG B 111 5.07 -35.05 16.96
C ARG B 111 5.43 -34.24 15.71
N ASN B 112 6.05 -33.06 15.90
CA ASN B 112 6.38 -32.16 14.79
C ASN B 112 7.58 -32.59 13.94
N VAL B 113 8.58 -33.26 14.56
CA VAL B 113 9.71 -33.84 13.82
C VAL B 113 9.19 -34.92 12.87
N ASN B 114 8.34 -35.83 13.36
CA ASN B 114 7.74 -36.89 12.54
C ASN B 114 7.02 -36.31 11.31
N ILE B 115 6.27 -35.22 11.50
CA ILE B 115 5.56 -34.55 10.41
C ILE B 115 6.60 -33.93 9.44
N PHE B 116 7.66 -33.29 9.97
CA PHE B 116 8.69 -32.64 9.15
C PHE B 116 9.44 -33.65 8.29
N LYS B 117 9.54 -34.90 8.78
CA LYS B 117 10.20 -35.98 8.01
C LYS B 117 9.51 -36.23 6.67
N PHE B 118 8.19 -35.94 6.60
CA PHE B 118 7.41 -36.07 5.37
C PHE B 118 7.43 -34.76 4.58
N ILE B 119 7.07 -33.64 5.25
CA ILE B 119 6.96 -32.35 4.59
C ILE B 119 8.25 -31.85 3.95
N ILE B 120 9.34 -31.77 4.75
CA ILE B 120 10.60 -31.16 4.29
C ILE B 120 11.16 -31.72 2.96
N PRO B 121 11.32 -33.06 2.78
CA PRO B 121 11.84 -33.57 1.49
C PRO B 121 10.89 -33.28 0.31
N ASN B 122 9.58 -33.29 0.57
CA ASN B 122 8.57 -32.99 -0.46
C ASN B 122 8.59 -31.52 -0.89
N VAL B 123 8.80 -30.61 0.06
CA VAL B 123 8.87 -29.17 -0.21
C VAL B 123 10.08 -28.82 -1.07
N VAL B 124 11.28 -29.25 -0.65
CA VAL B 124 12.54 -28.88 -1.29
C VAL B 124 12.71 -29.43 -2.71
N LYS B 125 12.06 -30.57 -2.98
CA LYS B 125 12.07 -31.31 -4.24
C LYS B 125 11.69 -30.43 -5.45
N TYR B 126 10.65 -29.60 -5.30
CA TYR B 126 10.09 -28.81 -6.37
C TYR B 126 10.51 -27.37 -6.47
N SER B 127 11.25 -26.86 -5.48
CA SER B 127 11.62 -25.47 -5.41
C SER B 127 13.12 -25.29 -5.12
N PRO B 128 13.97 -25.42 -6.16
CA PRO B 128 15.42 -25.29 -5.94
C PRO B 128 15.86 -23.92 -5.44
N GLN B 129 15.10 -22.85 -5.75
CA GLN B 129 15.42 -21.48 -5.33
C GLN B 129 14.75 -21.04 -4.02
N CYS B 130 14.06 -21.96 -3.33
CA CYS B 130 13.34 -21.53 -2.13
C CYS B 130 14.18 -21.29 -0.90
N LYS B 131 13.63 -20.44 -0.02
CA LYS B 131 14.06 -20.25 1.34
C LYS B 131 12.98 -20.98 2.14
N LEU B 132 13.37 -21.61 3.23
CA LEU B 132 12.46 -22.30 4.12
C LEU B 132 12.24 -21.43 5.34
N LEU B 133 10.99 -21.05 5.58
CA LEU B 133 10.59 -20.22 6.72
CA LEU B 133 10.61 -20.24 6.74
C LEU B 133 9.75 -21.08 7.67
N ILE B 134 10.34 -21.48 8.81
CA ILE B 134 9.69 -22.34 9.79
C ILE B 134 8.90 -21.53 10.82
N VAL B 135 7.63 -21.89 11.03
CA VAL B 135 6.75 -21.23 12.00
C VAL B 135 6.35 -22.23 13.09
N SER B 136 6.13 -23.51 12.72
CA SER B 136 5.74 -24.62 13.60
C SER B 136 6.64 -24.67 14.84
N ASN B 137 6.06 -25.04 15.99
CA ASN B 137 6.77 -25.09 17.27
C ASN B 137 7.24 -26.47 17.72
N PRO B 138 8.35 -26.55 18.51
CA PRO B 138 9.24 -25.45 18.95
C PRO B 138 10.08 -24.93 17.78
N VAL B 139 9.82 -23.70 17.36
CA VAL B 139 10.39 -23.10 16.14
C VAL B 139 11.91 -23.19 15.98
N ASP B 140 12.66 -22.95 17.08
CA ASP B 140 14.12 -22.98 17.01
C ASP B 140 14.59 -24.39 16.73
N ILE B 141 14.05 -25.36 17.47
CA ILE B 141 14.39 -26.77 17.28
C ILE B 141 13.97 -27.21 15.88
N LEU B 142 12.75 -26.85 15.44
CA LEU B 142 12.27 -27.23 14.12
C LEU B 142 12.99 -26.58 12.96
N THR B 143 13.67 -25.43 13.21
CA THR B 143 14.48 -24.80 12.16
C THR B 143 15.72 -25.67 12.01
N TYR B 144 16.30 -26.10 13.14
CA TYR B 144 17.46 -27.00 13.12
C TYR B 144 17.08 -28.30 12.39
N VAL B 145 15.91 -28.86 12.70
CA VAL B 145 15.37 -30.09 12.09
C VAL B 145 15.19 -29.93 10.57
N ALA B 146 14.55 -28.83 10.13
CA ALA B 146 14.35 -28.56 8.70
C ALA B 146 15.71 -28.41 8.01
N TRP B 147 16.68 -27.76 8.68
CA TRP B 147 18.03 -27.56 8.14
C TRP B 147 18.71 -28.93 7.96
N LYS B 148 18.60 -29.81 8.97
CA LYS B 148 19.20 -31.15 8.90
C LYS B 148 18.52 -32.03 7.85
N ILE B 149 17.17 -32.04 7.81
CA ILE B 149 16.44 -32.89 6.85
C ILE B 149 16.63 -32.40 5.40
N SER B 150 16.49 -31.09 5.16
CA SER B 150 16.61 -30.54 3.82
C SER B 150 18.01 -30.61 3.22
N GLY B 151 19.04 -30.54 4.06
CA GLY B 151 20.43 -30.48 3.59
C GLY B 151 20.73 -29.13 2.95
N PHE B 152 19.88 -28.11 3.24
CA PHE B 152 20.04 -26.76 2.70
C PHE B 152 21.16 -26.00 3.42
N PRO B 153 21.81 -24.99 2.80
CA PRO B 153 22.80 -24.21 3.55
C PRO B 153 22.04 -23.40 4.63
N LYS B 154 22.70 -23.08 5.76
CA LYS B 154 22.06 -22.38 6.87
C LYS B 154 21.39 -21.06 6.53
N ASN B 155 21.93 -20.29 5.56
CA ASN B 155 21.30 -19.00 5.17
C ASN B 155 19.86 -19.17 4.65
N ARG B 156 19.56 -20.35 4.10
CA ARG B 156 18.24 -20.62 3.52
C ARG B 156 17.16 -21.20 4.45
N VAL B 157 17.53 -21.52 5.71
CA VAL B 157 16.60 -22.12 6.67
C VAL B 157 16.41 -21.16 7.84
N ILE B 158 15.24 -20.54 7.90
CA ILE B 158 14.92 -19.49 8.87
C ILE B 158 13.75 -19.86 9.76
N GLY B 159 13.86 -19.56 11.04
CA GLY B 159 12.75 -19.76 11.96
C GLY B 159 12.11 -18.43 12.25
N SER B 160 10.78 -18.38 12.31
CA SER B 160 10.06 -17.13 12.61
C SER B 160 10.53 -16.56 13.96
N GLY B 161 10.99 -17.47 14.83
CA GLY B 161 11.67 -17.18 16.08
C GLY B 161 11.07 -16.09 16.92
N CYS B 162 11.93 -15.13 17.31
CA CYS B 162 11.55 -14.02 18.19
C CYS B 162 11.07 -12.74 17.52
N ASN B 163 10.76 -12.81 16.21
CA ASN B 163 10.23 -11.64 15.51
C ASN B 163 8.91 -11.19 16.19
N LEU B 164 8.04 -12.15 16.56
CA LEU B 164 6.78 -11.89 17.27
C LEU B 164 7.01 -11.48 18.74
N ASP B 165 7.90 -12.16 19.47
CA ASP B 165 8.21 -11.80 20.88
C ASP B 165 8.71 -10.37 20.94
N SER B 166 9.55 -9.98 19.97
CA SER B 166 10.09 -8.62 19.93
C SER B 166 9.01 -7.61 19.55
N ALA B 167 8.07 -7.99 18.63
CA ALA B 167 6.96 -7.12 18.26
C ALA B 167 6.06 -6.92 19.50
N ARG B 168 5.83 -7.99 20.27
CA ARG B 168 5.01 -7.91 21.51
C ARG B 168 5.69 -7.01 22.55
N PHE B 169 7.02 -7.20 22.73
CA PHE B 169 7.81 -6.38 23.65
C PHE B 169 7.66 -4.87 23.29
N ARG B 170 7.80 -4.54 22.00
CA ARG B 170 7.75 -3.17 21.52
C ARG B 170 6.36 -2.58 21.64
N TYR B 171 5.31 -3.43 21.43
CA TYR B 171 3.91 -3.02 21.61
C TYR B 171 3.72 -2.62 23.10
N LEU B 172 4.16 -3.49 24.03
CA LEU B 172 4.00 -3.28 25.48
C LEU B 172 4.80 -2.09 25.98
N MET B 173 6.03 -1.93 25.45
CA MET B 173 6.88 -0.79 25.79
C MET B 173 6.20 0.49 25.25
N GLY B 174 5.67 0.43 24.04
CA GLY B 174 4.94 1.51 23.39
C GLY B 174 3.77 2.01 24.23
N GLU B 175 2.97 1.07 24.74
CA GLU B 175 1.81 1.33 25.59
C GLU B 175 2.21 2.02 26.89
N ARG B 176 3.32 1.61 27.51
CA ARG B 176 3.80 2.25 28.75
C ARG B 176 4.30 3.66 28.49
N LEU B 177 4.92 3.89 27.34
CA LEU B 177 5.54 5.20 27.04
C LEU B 177 4.69 6.17 26.22
N GLY B 178 3.56 5.70 25.69
CA GLY B 178 2.72 6.49 24.80
C GLY B 178 3.41 6.80 23.48
N VAL B 179 4.17 5.82 22.94
CA VAL B 179 4.91 5.96 21.68
C VAL B 179 4.54 4.80 20.75
N HIS B 180 4.46 5.04 19.43
CA HIS B 180 4.16 3.93 18.50
C HIS B 180 5.26 2.84 18.62
N PRO B 181 4.91 1.53 18.55
CA PRO B 181 5.94 0.48 18.62
C PRO B 181 7.07 0.62 17.61
N LEU B 182 6.79 1.25 16.44
CA LEU B 182 7.79 1.52 15.39
C LEU B 182 8.97 2.35 15.94
N SER B 183 8.70 3.28 16.90
CA SER B 183 9.72 4.16 17.50
C SER B 183 10.23 3.66 18.87
N CYS B 184 9.77 2.47 19.31
CA CYS B 184 10.19 1.84 20.58
C CYS B 184 11.09 0.68 20.18
N HIS B 185 12.37 0.73 20.55
CA HIS B 185 13.32 -0.32 20.16
C HIS B 185 13.69 -1.22 21.31
N GLY B 186 13.67 -2.52 21.08
CA GLY B 186 13.99 -3.50 22.12
C GLY B 186 14.02 -4.89 21.53
N TRP B 187 14.98 -5.70 21.99
CA TRP B 187 15.16 -7.04 21.42
C TRP B 187 14.93 -8.14 22.42
N VAL B 188 14.11 -9.13 22.01
CA VAL B 188 13.86 -10.34 22.78
C VAL B 188 14.55 -11.45 21.95
N LEU B 189 15.58 -12.10 22.53
CA LEU B 189 16.39 -13.09 21.84
C LEU B 189 16.32 -14.49 22.45
N GLY B 190 16.94 -15.45 21.77
CA GLY B 190 16.99 -16.80 22.27
C GLY B 190 15.79 -17.61 21.84
N GLU B 191 15.32 -18.48 22.72
CA GLU B 191 14.18 -19.33 22.40
C GLU B 191 12.90 -18.54 22.23
N HIS B 192 12.09 -18.87 21.20
CA HIS B 192 10.74 -18.34 21.07
C HIS B 192 9.95 -19.24 22.04
N GLY B 193 9.99 -18.88 23.32
CA GLY B 193 9.39 -19.67 24.39
C GLY B 193 9.81 -19.15 25.76
N ASP B 194 9.74 -20.02 26.78
CA ASP B 194 10.00 -19.67 28.18
C ASP B 194 11.38 -19.10 28.50
N SER B 195 12.41 -19.53 27.77
CA SER B 195 13.77 -19.10 28.09
C SER B 195 14.22 -17.88 27.28
N SER B 196 13.30 -17.15 26.63
CA SER B 196 13.67 -15.96 25.84
C SER B 196 14.40 -14.92 26.73
N VAL B 197 15.16 -14.05 26.10
CA VAL B 197 15.99 -13.09 26.82
C VAL B 197 15.68 -11.65 26.41
N PRO B 198 15.22 -10.80 27.35
CA PRO B 198 15.05 -9.37 26.99
C PRO B 198 16.41 -8.68 27.06
N VAL B 199 16.84 -8.04 25.97
CA VAL B 199 18.15 -7.38 25.97
C VAL B 199 17.93 -5.95 26.46
N TRP B 200 17.84 -5.78 27.79
CA TRP B 200 17.62 -4.47 28.42
C TRP B 200 18.64 -3.43 28.02
N SER B 201 19.91 -3.82 27.83
CA SER B 201 20.98 -2.90 27.45
C SER B 201 20.74 -2.18 26.11
N GLY B 202 19.94 -2.76 25.24
CA GLY B 202 19.62 -2.19 23.93
C GLY B 202 18.26 -1.53 23.80
N VAL B 203 17.44 -1.54 24.88
CA VAL B 203 16.08 -0.97 24.90
C VAL B 203 16.20 0.55 24.86
N ASN B 204 15.59 1.19 23.84
CA ASN B 204 15.74 2.62 23.66
C ASN B 204 14.63 3.28 22.85
N VAL B 205 14.50 4.58 23.00
CA VAL B 205 13.65 5.44 22.18
C VAL B 205 14.59 6.52 21.64
N ALA B 206 14.62 6.69 20.30
CA ALA B 206 15.45 7.70 19.61
C ALA B 206 16.97 7.62 20.00
N GLY B 207 17.46 6.41 20.28
CA GLY B 207 18.85 6.21 20.67
C GLY B 207 19.14 6.37 22.15
N VAL B 208 18.12 6.78 22.94
CA VAL B 208 18.23 6.97 24.38
C VAL B 208 17.98 5.65 25.06
N SER B 209 19.05 5.11 25.67
CA SER B 209 19.01 3.85 26.41
C SER B 209 18.18 4.01 27.68
N LEU B 210 17.09 3.25 27.82
CA LEU B 210 16.23 3.32 29.02
C LEU B 210 17.00 2.82 30.24
N LYS B 211 17.93 1.85 30.05
CA LYS B 211 18.79 1.32 31.12
C LYS B 211 19.74 2.42 31.65
N SER B 212 20.15 3.36 30.78
CA SER B 212 21.03 4.46 31.21
C SER B 212 20.30 5.51 32.07
N LEU B 213 18.96 5.56 31.99
CA LEU B 213 18.10 6.46 32.77
C LEU B 213 17.67 5.81 34.10
N ASN B 214 17.55 4.47 34.08
CA ASN B 214 17.17 3.65 35.23
C ASN B 214 18.09 2.42 35.23
N PRO B 215 19.25 2.52 35.93
CA PRO B 215 20.20 1.39 35.94
C PRO B 215 19.65 0.03 36.39
N GLN B 216 18.56 0.04 37.17
CA GLN B 216 17.89 -1.17 37.69
C GLN B 216 16.82 -1.72 36.72
N LEU B 217 16.65 -1.09 35.53
CA LEU B 217 15.66 -1.52 34.53
C LEU B 217 15.78 -3.02 34.24
N GLY B 218 14.66 -3.72 34.38
CA GLY B 218 14.61 -5.16 34.11
C GLY B 218 14.97 -6.08 35.25
N THR B 219 15.39 -5.52 36.42
CA THR B 219 15.77 -6.33 37.59
C THR B 219 14.63 -6.33 38.63
N ASP B 220 14.75 -7.14 39.70
CA ASP B 220 13.74 -7.15 40.75
C ASP B 220 13.72 -5.86 41.57
N ALA B 221 14.85 -5.13 41.58
CA ALA B 221 14.96 -3.83 42.26
C ALA B 221 14.29 -2.68 41.48
N ASP B 222 13.81 -2.94 40.25
CA ASP B 222 13.15 -1.93 39.40
C ASP B 222 11.80 -1.52 39.99
N LYS B 223 11.66 -0.22 40.35
CA LYS B 223 10.43 0.34 40.92
C LYS B 223 9.23 0.23 39.99
N GLU B 224 9.48 0.30 38.67
CA GLU B 224 8.44 0.22 37.65
C GLU B 224 8.18 -1.20 37.16
N GLN B 225 9.00 -2.15 37.64
CA GLN B 225 8.92 -3.58 37.30
C GLN B 225 8.87 -3.83 35.78
N TRP B 226 9.89 -3.35 35.04
CA TRP B 226 9.95 -3.57 33.59
C TRP B 226 10.13 -5.02 33.23
N LYS B 227 10.60 -5.85 34.19
CA LYS B 227 10.71 -7.29 34.00
C LYS B 227 9.33 -7.90 33.67
N ASP B 228 8.24 -7.30 34.22
N ASP B 228 8.23 -7.31 34.21
CA ASP B 228 6.86 -7.75 33.96
CA ASP B 228 6.85 -7.74 33.95
C ASP B 228 6.50 -7.67 32.47
C ASP B 228 6.52 -7.70 32.46
N VAL B 229 7.14 -6.76 31.72
CA VAL B 229 6.93 -6.62 30.25
C VAL B 229 7.45 -7.90 29.59
N HIS B 230 8.66 -8.36 29.98
CA HIS B 230 9.22 -9.59 29.44
C HIS B 230 8.37 -10.79 29.86
N LYS B 231 7.88 -10.81 31.13
CA LYS B 231 6.98 -11.90 31.59
C LYS B 231 5.68 -11.92 30.71
N GLN B 232 5.12 -10.75 30.42
CA GLN B 232 3.93 -10.65 29.55
C GLN B 232 4.24 -11.18 28.15
N VAL B 233 5.47 -10.91 27.64
CA VAL B 233 5.91 -11.44 26.35
C VAL B 233 5.95 -12.99 26.41
N VAL B 234 6.65 -13.55 27.43
CA VAL B 234 6.73 -15.01 27.62
C VAL B 234 5.33 -15.66 27.66
N ASP B 235 4.44 -15.07 28.43
CA ASP B 235 3.09 -15.58 28.69
C ASP B 235 2.02 -15.26 27.66
N SER B 236 2.33 -14.39 26.67
CA SER B 236 1.39 -13.93 25.66
CA SER B 236 1.41 -13.94 25.64
C SER B 236 0.65 -15.04 24.91
N ALA B 237 1.38 -16.05 24.38
CA ALA B 237 0.68 -17.12 23.64
C ALA B 237 -0.31 -17.84 24.55
N TYR B 238 0.13 -18.16 25.80
CA TYR B 238 -0.74 -18.86 26.74
CA TYR B 238 -0.69 -18.83 26.83
C TYR B 238 -1.96 -18.03 27.15
N GLU B 239 -1.79 -16.71 27.34
CA GLU B 239 -2.91 -15.81 27.68
C GLU B 239 -3.95 -15.78 26.55
N VAL B 240 -3.47 -15.66 25.29
CA VAL B 240 -4.32 -15.59 24.12
C VAL B 240 -5.03 -16.94 23.88
N ILE B 241 -4.28 -18.04 24.07
CA ILE B 241 -4.82 -19.40 23.95
C ILE B 241 -5.94 -19.62 24.96
N LYS B 242 -5.74 -19.17 26.22
CA LYS B 242 -6.74 -19.28 27.28
C LYS B 242 -8.02 -18.54 26.90
N LEU B 243 -7.88 -17.37 26.21
CA LEU B 243 -9.02 -16.52 25.83
C LEU B 243 -9.76 -16.94 24.55
N LYS B 244 -9.04 -17.12 23.44
CA LYS B 244 -9.64 -17.45 22.14
C LYS B 244 -9.34 -18.85 21.58
N GLY B 245 -8.54 -19.66 22.30
CA GLY B 245 -8.27 -21.04 21.90
C GLY B 245 -6.98 -21.29 21.17
N TYR B 246 -6.42 -20.24 20.55
CA TYR B 246 -5.21 -20.31 19.73
C TYR B 246 -4.77 -18.87 19.47
N THR B 247 -3.64 -18.68 18.79
CA THR B 247 -3.20 -17.34 18.37
C THR B 247 -3.09 -17.41 16.84
N SER B 248 -3.27 -16.28 16.15
CA SER B 248 -3.23 -16.28 14.69
C SER B 248 -2.82 -14.98 14.07
N TRP B 249 -3.49 -13.87 14.43
CA TRP B 249 -3.24 -12.61 13.75
C TRP B 249 -1.83 -12.06 13.86
N ALA B 250 -1.30 -11.98 15.07
CA ALA B 250 0.04 -11.45 15.34
C ALA B 250 1.13 -12.29 14.68
N ILE B 251 1.03 -13.61 14.76
CA ILE B 251 2.04 -14.48 14.11
C ILE B 251 1.96 -14.36 12.57
N GLY B 252 0.74 -14.23 12.04
CA GLY B 252 0.52 -14.08 10.61
C GLY B 252 1.19 -12.80 10.11
N LEU B 253 1.00 -11.68 10.86
CA LEU B 253 1.65 -10.42 10.51
C LEU B 253 3.17 -10.50 10.69
N SER B 254 3.63 -11.22 11.73
CA SER B 254 5.07 -11.37 11.96
C SER B 254 5.70 -12.15 10.80
N VAL B 255 5.05 -13.24 10.35
CA VAL B 255 5.54 -14.06 9.21
C VAL B 255 5.51 -13.23 7.92
N ALA B 256 4.42 -12.46 7.68
CA ALA B 256 4.33 -11.61 6.48
C ALA B 256 5.46 -10.55 6.47
N ASP B 257 5.85 -10.04 7.66
CA ASP B 257 6.94 -9.06 7.84
C ASP B 257 8.27 -9.69 7.35
N LEU B 258 8.51 -10.96 7.74
CA LEU B 258 9.72 -11.71 7.31
C LEU B 258 9.64 -12.03 5.80
N ALA B 259 8.46 -12.44 5.31
CA ALA B 259 8.25 -12.72 3.88
C ALA B 259 8.54 -11.46 3.07
N GLU B 260 8.19 -10.28 3.61
CA GLU B 260 8.46 -9.03 2.90
C GLU B 260 9.96 -8.77 2.75
N SER B 261 10.75 -8.94 3.84
CA SER B 261 12.21 -8.73 3.79
C SER B 261 12.84 -9.69 2.78
N ILE B 262 12.39 -10.97 2.78
CA ILE B 262 12.91 -11.98 1.84
C ILE B 262 12.54 -11.64 0.40
N MET B 263 11.23 -11.53 0.12
CA MET B 263 10.72 -11.28 -1.23
C MET B 263 11.25 -9.99 -1.86
N LYS B 264 11.40 -8.94 -1.05
CA LYS B 264 11.82 -7.63 -1.55
C LYS B 264 13.30 -7.34 -1.34
N ASN B 265 14.06 -8.37 -0.89
CA ASN B 265 15.50 -8.30 -0.63
C ASN B 265 15.82 -7.04 0.22
N LEU B 266 15.06 -6.82 1.29
CA LEU B 266 15.21 -5.58 2.05
C LEU B 266 16.48 -5.44 2.85
N ARG B 267 16.99 -6.54 3.38
CA ARG B 267 18.20 -6.54 4.23
C ARG B 267 17.91 -5.74 5.52
N ARG B 268 16.70 -5.94 6.03
CA ARG B 268 16.28 -5.41 7.32
C ARG B 268 16.77 -6.41 8.36
N VAL B 269 16.90 -5.94 9.62
CA VAL B 269 17.33 -6.77 10.72
C VAL B 269 16.13 -7.26 11.52
N HIS B 270 16.07 -8.58 11.74
CA HIS B 270 15.01 -9.25 12.50
C HIS B 270 15.60 -10.26 13.47
N PRO B 271 14.95 -10.45 14.64
CA PRO B 271 15.42 -11.49 15.59
C PRO B 271 14.73 -12.81 15.21
N ILE B 272 15.46 -13.64 14.49
CA ILE B 272 14.93 -14.89 13.91
C ILE B 272 15.88 -16.05 14.17
N SER B 273 15.39 -17.30 14.09
CA SER B 273 16.17 -18.50 14.41
C SER B 273 17.20 -18.80 13.36
N THR B 274 18.44 -18.89 13.80
CA THR B 274 19.58 -19.23 12.95
C THR B 274 20.60 -20.02 13.76
N MET B 275 21.60 -20.59 13.11
CA MET B 275 22.64 -21.30 13.84
C MET B 275 23.60 -20.29 14.47
N ILE B 276 23.82 -20.43 15.79
CA ILE B 276 24.66 -19.49 16.55
C ILE B 276 26.02 -20.03 16.97
N LYS B 277 26.41 -21.24 16.50
CA LYS B 277 27.71 -21.85 16.80
C LYS B 277 28.83 -20.85 16.50
N GLY B 278 29.71 -20.63 17.48
CA GLY B 278 30.82 -19.71 17.34
C GLY B 278 30.59 -18.35 17.96
N LEU B 279 29.38 -18.14 18.55
CA LEU B 279 29.02 -16.88 19.21
C LEU B 279 28.64 -17.16 20.66
N TYR B 280 28.97 -16.23 21.56
CA TYR B 280 28.67 -16.27 23.01
C TYR B 280 29.12 -17.58 23.69
N GLY B 281 30.27 -18.08 23.29
CA GLY B 281 30.84 -19.33 23.80
C GLY B 281 30.10 -20.60 23.38
N ILE B 282 29.04 -20.49 22.54
CA ILE B 282 28.29 -21.67 22.07
C ILE B 282 29.10 -22.43 21.02
N LYS B 283 29.45 -23.70 21.35
CA LYS B 283 30.26 -24.56 20.50
C LYS B 283 29.48 -25.63 19.75
N GLU B 284 28.15 -25.69 19.96
CA GLU B 284 27.26 -26.66 19.31
C GLU B 284 26.37 -26.02 18.25
N ASP B 285 25.75 -26.85 17.39
CA ASP B 285 24.86 -26.47 16.28
C ASP B 285 23.45 -26.05 16.77
N VAL B 286 23.42 -25.09 17.71
CA VAL B 286 22.18 -24.57 18.29
C VAL B 286 21.55 -23.51 17.39
N PHE B 287 20.23 -23.60 17.17
CA PHE B 287 19.47 -22.58 16.48
C PHE B 287 18.65 -21.80 17.54
N LEU B 288 18.68 -20.47 17.48
CA LEU B 288 17.91 -19.59 18.35
C LEU B 288 17.92 -18.21 17.73
N SER B 289 17.09 -17.28 18.24
CA SER B 289 17.01 -15.95 17.66
C SER B 289 18.09 -15.03 18.10
N VAL B 290 18.73 -14.42 17.09
CA VAL B 290 19.70 -13.33 17.20
C VAL B 290 19.31 -12.35 16.07
N PRO B 291 19.73 -11.05 16.10
CA PRO B 291 19.39 -10.13 15.00
C PRO B 291 20.12 -10.55 13.73
N CYS B 292 19.35 -10.83 12.67
CA CYS B 292 19.85 -11.29 11.37
C CYS B 292 19.49 -10.33 10.29
N ILE B 293 20.38 -10.18 9.27
CA ILE B 293 20.10 -9.36 8.09
C ILE B 293 19.37 -10.32 7.12
N LEU B 294 18.12 -10.00 6.77
CA LEU B 294 17.24 -10.86 5.97
C LEU B 294 16.93 -10.29 4.59
N GLY B 295 17.23 -11.06 3.56
CA GLY B 295 17.01 -10.67 2.16
C GLY B 295 16.67 -11.82 1.25
N GLN B 296 16.93 -11.64 -0.05
CA GLN B 296 16.57 -12.62 -1.11
C GLN B 296 17.25 -13.99 -0.99
N ASN B 297 18.39 -14.06 -0.29
CA ASN B 297 19.09 -15.33 -0.08
C ASN B 297 18.95 -15.79 1.36
N GLY B 298 17.91 -15.30 2.04
CA GLY B 298 17.65 -15.66 3.43
C GLY B 298 18.52 -14.85 4.36
N ILE B 299 19.11 -15.50 5.37
CA ILE B 299 20.00 -14.81 6.32
C ILE B 299 21.42 -14.79 5.74
N SER B 300 21.87 -13.63 5.26
CA SER B 300 23.22 -13.51 4.66
C SER B 300 24.24 -13.08 5.70
N ASP B 301 23.77 -12.46 6.79
CA ASP B 301 24.62 -11.88 7.81
C ASP B 301 23.98 -11.90 9.19
N VAL B 302 24.80 -11.99 10.25
CA VAL B 302 24.30 -12.00 11.63
C VAL B 302 24.92 -10.82 12.36
N VAL B 303 24.09 -10.06 13.12
CA VAL B 303 24.55 -8.94 13.92
C VAL B 303 25.08 -9.51 15.22
N LYS B 304 26.26 -9.07 15.64
CA LYS B 304 26.90 -9.49 16.89
C LYS B 304 26.47 -8.54 18.00
N VAL B 305 25.41 -8.91 18.74
CA VAL B 305 24.92 -8.07 19.84
C VAL B 305 25.86 -8.13 21.01
N THR B 306 26.23 -6.95 21.52
CA THR B 306 27.08 -6.81 22.68
C THR B 306 26.16 -6.96 23.90
N LEU B 307 26.26 -8.08 24.58
CA LEU B 307 25.41 -8.36 25.74
C LEU B 307 26.20 -8.13 27.01
N THR B 308 25.50 -7.77 28.10
CA THR B 308 26.13 -7.63 29.42
C THR B 308 26.40 -9.07 29.89
N PRO B 309 27.29 -9.30 30.89
CA PRO B 309 27.50 -10.68 31.37
C PRO B 309 26.21 -11.40 31.80
N ASP B 310 25.24 -10.67 32.40
CA ASP B 310 23.98 -11.30 32.80
C ASP B 310 23.13 -11.67 31.58
N GLU B 311 23.05 -10.78 30.58
CA GLU B 311 22.29 -11.07 29.36
C GLU B 311 22.90 -12.27 28.62
N GLU B 312 24.25 -12.31 28.53
CA GLU B 312 24.97 -13.41 27.87
C GLU B 312 24.73 -14.75 28.57
N ALA B 313 24.70 -14.75 29.93
CA ALA B 313 24.48 -15.94 30.75
C ALA B 313 23.06 -16.45 30.47
N ARG B 314 22.07 -15.54 30.38
CA ARG B 314 20.68 -15.89 30.08
C ARG B 314 20.56 -16.45 28.66
N LEU B 315 21.31 -15.88 27.69
CA LEU B 315 21.30 -16.38 26.31
C LEU B 315 21.93 -17.77 26.22
N LYS B 316 23.04 -18.01 26.96
N LYS B 316 23.04 -18.01 26.96
CA LYS B 316 23.70 -19.31 27.03
CA LYS B 316 23.70 -19.30 27.03
C LYS B 316 22.76 -20.34 27.67
C LYS B 316 22.76 -20.34 27.67
N LYS B 317 22.00 -19.93 28.69
CA LYS B 317 21.02 -20.79 29.40
C LYS B 317 19.92 -21.21 28.41
N SER B 318 19.45 -20.27 27.58
CA SER B 318 18.46 -20.56 26.52
C SER B 318 19.06 -21.56 25.51
N ALA B 319 20.33 -21.35 25.10
CA ALA B 319 21.02 -22.24 24.15
C ALA B 319 21.21 -23.64 24.73
N ASP B 320 21.61 -23.76 26.00
CA ASP B 320 21.79 -25.05 26.67
C ASP B 320 20.46 -25.83 26.70
N THR B 321 19.33 -25.12 26.97
CA THR B 321 17.98 -25.71 27.00
C THR B 321 17.65 -26.30 25.61
N LEU B 322 17.82 -25.47 24.55
CA LEU B 322 17.55 -25.87 23.17
C LEU B 322 18.46 -26.98 22.70
N TRP B 323 19.74 -26.92 23.07
CA TRP B 323 20.72 -27.99 22.76
C TRP B 323 20.29 -29.32 23.39
N GLY B 324 19.81 -29.30 24.65
CA GLY B 324 19.34 -30.49 25.38
C GLY B 324 18.23 -31.21 24.62
N ILE B 325 17.28 -30.43 24.06
CA ILE B 325 16.16 -30.96 23.25
C ILE B 325 16.71 -31.46 21.91
N GLN B 326 17.67 -30.74 21.31
CA GLN B 326 18.28 -31.20 20.05
C GLN B 326 18.96 -32.57 20.21
N LYS B 327 19.50 -32.84 21.41
CA LYS B 327 20.13 -34.13 21.72
C LYS B 327 19.09 -35.27 21.80
N GLU B 328 17.78 -34.93 21.88
CA GLU B 328 16.68 -35.91 21.95
C GLU B 328 16.15 -36.27 20.56
N LEU B 329 16.65 -35.60 19.53
CA LEU B 329 16.15 -35.82 18.17
C LEU B 329 16.56 -37.14 17.57
N GLN B 330 15.60 -37.81 16.95
CA GLN B 330 15.73 -39.11 16.29
C GLN B 330 15.43 -38.96 14.79
N PHE B 331 16.47 -38.76 13.97
CA PHE B 331 16.38 -38.61 12.51
C PHE B 331 16.31 -39.96 11.81
C ALA C 1 -31.83 15.24 -20.01
N ALA C 2 -31.03 15.70 -19.05
CA ALA C 2 -29.59 15.43 -19.05
C ALA C 2 -29.29 13.93 -18.98
N LEU C 3 -28.13 13.52 -19.55
CA LEU C 3 -27.68 12.14 -19.56
C LEU C 3 -27.48 11.66 -18.11
N LYS C 4 -26.86 12.52 -17.27
CA LYS C 4 -26.57 12.27 -15.85
C LYS C 4 -27.85 11.83 -15.08
N ASP C 5 -28.97 12.52 -15.31
CA ASP C 5 -30.24 12.20 -14.63
C ASP C 5 -30.93 10.97 -15.19
N GLN C 6 -30.60 10.57 -16.44
CA GLN C 6 -31.16 9.36 -17.06
C GLN C 6 -30.40 8.16 -16.49
N LEU C 7 -29.11 8.36 -16.24
CA LEU C 7 -28.21 7.34 -15.75
C LEU C 7 -28.29 7.16 -14.24
N ILE C 8 -28.33 8.29 -13.51
CA ILE C 8 -28.25 8.33 -12.06
C ILE C 8 -29.45 9.01 -11.41
N VAL C 9 -30.03 8.35 -10.41
CA VAL C 9 -31.10 8.94 -9.62
C VAL C 9 -30.46 9.49 -8.32
N ASN C 10 -30.52 10.81 -8.12
CA ASN C 10 -29.93 11.44 -6.95
C ASN C 10 -30.86 11.23 -5.76
N LEU C 11 -30.30 10.73 -4.66
CA LEU C 11 -31.09 10.43 -3.48
C LEU C 11 -30.75 11.32 -2.30
N LEU C 12 -29.62 12.05 -2.37
CA LEU C 12 -29.15 12.90 -1.29
C LEU C 12 -28.54 14.21 -1.81
N LYS C 13 -28.90 15.35 -1.17
CA LYS C 13 -28.37 16.69 -1.49
C LYS C 13 -26.87 16.75 -1.15
N GLU C 14 -26.05 17.22 -2.11
CA GLU C 14 -24.59 17.27 -2.01
C GLU C 14 -23.96 18.38 -1.14
N GLU C 15 -23.98 18.22 0.19
CA GLU C 15 -23.33 19.19 1.09
C GLU C 15 -21.97 18.58 1.50
N GLN C 16 -21.07 18.45 0.51
CA GLN C 16 -19.76 17.84 0.64
C GLN C 16 -18.75 18.68 1.42
N VAL C 17 -18.25 18.13 2.54
CA VAL C 17 -17.22 18.70 3.41
C VAL C 17 -16.13 17.62 3.57
N PRO C 18 -14.87 17.87 3.16
CA PRO C 18 -13.84 16.82 3.26
C PRO C 18 -13.50 16.50 4.70
N GLN C 19 -13.08 15.25 4.94
CA GLN C 19 -12.75 14.76 6.27
C GLN C 19 -11.25 14.70 6.57
N ASN C 20 -10.42 14.57 5.52
CA ASN C 20 -8.96 14.43 5.65
C ASN C 20 -8.29 15.28 4.58
N LYS C 21 -8.61 16.56 4.52
CA LYS C 21 -8.07 17.45 3.49
C LYS C 21 -6.66 17.94 3.78
N ILE C 22 -5.81 17.94 2.74
CA ILE C 22 -4.45 18.44 2.86
C ILE C 22 -4.26 19.56 1.86
N THR C 23 -3.60 20.65 2.29
CA THR C 23 -3.24 21.73 1.36
C THR C 23 -1.74 21.82 1.25
N VAL C 24 -1.24 22.01 0.02
CA VAL C 24 0.16 22.28 -0.25
C VAL C 24 0.24 23.69 -0.82
N VAL C 25 0.91 24.59 -0.09
CA VAL C 25 1.14 25.97 -0.51
C VAL C 25 2.50 25.99 -1.19
N GLY C 26 2.51 26.37 -2.46
CA GLY C 26 3.71 26.43 -3.27
C GLY C 26 3.78 25.23 -4.19
N VAL C 27 3.86 25.49 -5.50
CA VAL C 27 3.91 24.45 -6.53
C VAL C 27 5.25 24.41 -7.29
N GLY C 28 6.33 24.79 -6.60
CA GLY C 28 7.68 24.61 -7.13
C GLY C 28 7.99 23.13 -7.03
N ALA C 29 9.25 22.72 -7.29
CA ALA C 29 9.65 21.30 -7.24
C ALA C 29 9.35 20.62 -5.90
N VAL C 30 9.59 21.33 -4.79
CA VAL C 30 9.33 20.75 -3.46
C VAL C 30 7.86 20.53 -3.24
N GLY C 31 7.04 21.55 -3.51
CA GLY C 31 5.60 21.47 -3.32
C GLY C 31 4.99 20.34 -4.12
N MET C 32 5.41 20.20 -5.38
CA MET C 32 4.88 19.13 -6.23
C MET C 32 5.34 17.74 -5.80
N ALA C 33 6.58 17.62 -5.25
CA ALA C 33 7.08 16.32 -4.76
C ALA C 33 6.31 15.94 -3.50
N CYS C 34 5.96 16.94 -2.68
CA CYS C 34 5.14 16.71 -1.48
C CYS C 34 3.77 16.23 -1.95
N ALA C 35 3.19 16.90 -2.99
CA ALA C 35 1.85 16.57 -3.49
C ALA C 35 1.78 15.15 -4.05
N ILE C 36 2.70 14.78 -4.95
CA ILE C 36 2.71 13.43 -5.52
C ILE C 36 2.92 12.36 -4.45
N SER C 37 3.83 12.61 -3.49
CA SER C 37 4.12 11.62 -2.43
C SER C 37 2.91 11.41 -1.53
N ILE C 38 2.22 12.51 -1.20
CA ILE C 38 1.00 12.43 -0.39
C ILE C 38 -0.12 11.70 -1.14
N LEU C 39 -0.26 11.99 -2.44
CA LEU C 39 -1.28 11.33 -3.26
C LEU C 39 -1.03 9.83 -3.33
N MET C 40 0.23 9.44 -3.49
CA MET C 40 0.59 8.02 -3.58
C MET C 40 0.56 7.24 -2.26
N LYS C 41 0.41 7.96 -1.13
CA LYS C 41 0.32 7.36 0.19
C LYS C 41 -1.12 7.34 0.69
N ASP C 42 -2.09 7.80 -0.15
CA ASP C 42 -3.52 7.80 0.16
C ASP C 42 -3.79 8.43 1.54
N LEU C 43 -3.19 9.59 1.78
CA LEU C 43 -3.35 10.26 3.08
C LEU C 43 -4.52 11.22 3.13
N ALA C 44 -5.03 11.65 1.94
CA ALA C 44 -6.07 12.67 1.87
C ALA C 44 -7.26 12.30 0.99
N ASP C 45 -8.45 12.86 1.33
CA ASP C 45 -9.66 12.69 0.53
C ASP C 45 -9.82 13.92 -0.39
N GLU C 46 -9.01 14.95 -0.14
CA GLU C 46 -8.99 16.18 -0.92
C GLU C 46 -7.60 16.78 -0.86
N LEU C 47 -7.10 17.22 -2.02
CA LEU C 47 -5.80 17.88 -2.09
C LEU C 47 -5.98 19.25 -2.72
N ALA C 48 -5.57 20.29 -2.01
CA ALA C 48 -5.67 21.67 -2.52
C ALA C 48 -4.25 22.22 -2.77
N LEU C 49 -4.05 22.93 -3.89
CA LEU C 49 -2.77 23.57 -4.20
C LEU C 49 -2.95 25.08 -4.23
N VAL C 50 -1.97 25.83 -3.71
CA VAL C 50 -2.02 27.29 -3.74
C VAL C 50 -0.68 27.83 -4.22
N ASP C 51 -0.73 28.83 -5.12
CA ASP C 51 0.46 29.54 -5.58
C ASP C 51 0.05 30.90 -6.10
N VAL C 52 1.03 31.72 -6.50
CA VAL C 52 0.81 33.06 -7.05
C VAL C 52 0.95 33.08 -8.58
N ILE C 53 1.56 32.04 -9.16
CA ILE C 53 1.73 31.95 -10.62
C ILE C 53 0.57 31.16 -11.19
N GLU C 54 -0.42 31.89 -11.74
CA GLU C 54 -1.69 31.37 -12.28
C GLU C 54 -1.56 30.15 -13.21
N ASP C 55 -0.83 30.30 -14.33
CA ASP C 55 -0.66 29.24 -15.34
C ASP C 55 -0.01 27.98 -14.78
N LYS C 56 1.14 28.15 -14.11
CA LYS C 56 1.88 27.05 -13.51
C LYS C 56 0.98 26.25 -12.55
N LEU C 57 0.23 26.96 -11.70
CA LEU C 57 -0.69 26.36 -10.72
C LEU C 57 -1.78 25.51 -11.38
N LYS C 58 -2.43 26.05 -12.41
CA LYS C 58 -3.48 25.36 -13.16
C LYS C 58 -2.93 24.13 -13.88
N GLY C 59 -1.73 24.27 -14.50
CA GLY C 59 -1.05 23.18 -15.20
C GLY C 59 -0.71 22.03 -14.26
N GLU C 60 -0.15 22.36 -13.08
CA GLU C 60 0.19 21.36 -12.07
C GLU C 60 -1.06 20.63 -11.57
N MET C 61 -2.12 21.37 -11.22
CA MET C 61 -3.40 20.82 -10.78
C MET C 61 -3.97 19.85 -11.85
N MET C 62 -4.05 20.30 -13.11
CA MET C 62 -4.56 19.49 -14.22
C MET C 62 -3.76 18.20 -14.42
N ASP C 63 -2.43 18.30 -14.35
CA ASP C 63 -1.53 17.15 -14.51
C ASP C 63 -1.78 16.09 -13.41
N LEU C 64 -1.99 16.53 -12.14
CA LEU C 64 -2.34 15.60 -11.05
C LEU C 64 -3.73 14.99 -11.30
N GLN C 65 -4.70 15.85 -11.66
CA GLN C 65 -6.09 15.44 -11.95
C GLN C 65 -6.17 14.35 -13.02
N HIS C 66 -5.35 14.44 -14.05
CA HIS C 66 -5.32 13.46 -15.15
C HIS C 66 -4.85 12.07 -14.71
N GLY C 67 -4.20 11.99 -13.54
CA GLY C 67 -3.76 10.73 -12.96
C GLY C 67 -4.76 10.15 -11.96
N SER C 68 -5.93 10.80 -11.78
CA SER C 68 -6.98 10.40 -10.81
C SER C 68 -7.40 8.94 -10.83
N LEU C 69 -7.47 8.35 -12.03
CA LEU C 69 -7.79 6.92 -12.19
C LEU C 69 -6.81 6.02 -11.38
N PHE C 70 -5.55 6.45 -11.24
CA PHE C 70 -4.51 5.68 -10.56
C PHE C 70 -4.34 6.05 -9.09
N LEU C 71 -5.24 6.89 -8.57
CA LEU C 71 -5.15 7.41 -7.21
C LEU C 71 -6.43 7.14 -6.40
N LYS C 72 -6.42 7.48 -5.09
CA LYS C 72 -7.56 7.34 -4.19
C LYS C 72 -7.83 8.68 -3.47
N THR C 73 -7.63 9.80 -4.20
CA THR C 73 -7.86 11.16 -3.72
C THR C 73 -8.85 11.74 -4.73
N PRO C 74 -10.15 11.68 -4.38
CA PRO C 74 -11.20 12.00 -5.37
C PRO C 74 -11.36 13.47 -5.75
N LYS C 75 -10.69 14.38 -5.06
CA LYS C 75 -10.85 15.77 -5.40
C LYS C 75 -9.52 16.48 -5.29
N ILE C 76 -9.07 17.07 -6.40
CA ILE C 76 -7.84 17.84 -6.49
C ILE C 76 -8.25 19.20 -7.01
N VAL C 77 -7.95 20.24 -6.24
CA VAL C 77 -8.34 21.63 -6.56
C VAL C 77 -7.13 22.57 -6.45
N SER C 78 -7.24 23.77 -7.02
CA SER C 78 -6.20 24.80 -6.94
C SER C 78 -6.75 26.19 -7.12
N SER C 79 -6.06 27.17 -6.54
CA SER C 79 -6.42 28.59 -6.65
C SER C 79 -5.38 29.47 -6.00
N LYS C 80 -5.29 30.72 -6.44
CA LYS C 80 -4.47 31.74 -5.81
C LYS C 80 -5.23 32.15 -4.53
N ASP C 81 -6.57 31.96 -4.53
CA ASP C 81 -7.46 32.34 -3.43
C ASP C 81 -7.45 31.28 -2.32
N TYR C 82 -7.22 31.70 -1.07
CA TYR C 82 -7.16 30.75 0.04
C TYR C 82 -8.47 30.07 0.41
N SER C 83 -9.61 30.53 -0.16
CA SER C 83 -10.91 29.88 0.05
C SER C 83 -10.83 28.43 -0.40
N VAL C 84 -9.97 28.13 -1.41
CA VAL C 84 -9.79 26.76 -1.91
C VAL C 84 -9.21 25.81 -0.83
N THR C 85 -8.58 26.37 0.22
CA THR C 85 -7.92 25.56 1.26
C THR C 85 -8.81 25.28 2.47
N ALA C 86 -10.06 25.79 2.47
CA ALA C 86 -11.02 25.66 3.58
C ALA C 86 -11.13 24.23 4.12
N ASN C 87 -11.18 24.10 5.46
CA ASN C 87 -11.34 22.84 6.18
C ASN C 87 -10.16 21.86 6.01
N SER C 88 -8.93 22.35 5.83
CA SER C 88 -7.80 21.43 5.75
C SER C 88 -7.47 20.93 7.17
N LYS C 89 -7.02 19.68 7.27
CA LYS C 89 -6.56 19.08 8.52
C LYS C 89 -5.05 19.33 8.63
N LEU C 90 -4.38 19.45 7.48
CA LEU C 90 -2.96 19.70 7.41
C LEU C 90 -2.66 20.68 6.29
N VAL C 91 -1.84 21.70 6.57
CA VAL C 91 -1.43 22.67 5.54
C VAL C 91 0.10 22.69 5.50
N ILE C 92 0.68 22.36 4.33
CA ILE C 92 2.11 22.25 4.14
C ILE C 92 2.63 23.49 3.41
N ILE C 93 3.54 24.23 4.05
CA ILE C 93 4.07 25.47 3.45
C ILE C 93 5.41 25.23 2.79
N THR C 94 5.46 25.33 1.46
CA THR C 94 6.70 25.13 0.68
C THR C 94 7.01 26.38 -0.14
N ALA C 95 6.26 27.46 0.05
CA ALA C 95 6.46 28.68 -0.72
C ALA C 95 7.65 29.48 -0.22
N GLY C 96 8.22 30.25 -1.13
CA GLY C 96 9.31 31.16 -0.81
C GLY C 96 10.53 31.01 -1.68
N ALA C 97 11.49 31.93 -1.47
CA ALA C 97 12.77 31.90 -2.18
C ALA C 97 13.53 30.66 -1.71
N ARG C 98 14.35 30.11 -2.60
CA ARG C 98 15.23 28.97 -2.29
C ARG C 98 16.66 29.42 -2.52
N GLN C 99 17.60 28.81 -1.79
CA GLN C 99 19.00 29.19 -1.86
C GLN C 99 19.66 28.82 -3.18
N GLN C 100 20.56 29.70 -3.62
CA GLN C 100 21.38 29.51 -4.80
C GLN C 100 22.58 28.68 -4.37
N GLU C 101 23.40 28.30 -5.33
CA GLU C 101 24.65 27.57 -5.07
C GLU C 101 25.52 28.51 -4.23
N GLY C 102 26.01 28.01 -3.10
CA GLY C 102 26.87 28.80 -2.21
C GLY C 102 26.15 29.80 -1.33
N GLU C 103 24.80 29.73 -1.28
CA GLU C 103 23.98 30.61 -0.44
C GLU C 103 23.44 29.77 0.72
N SER C 104 23.46 30.33 1.95
CA SER C 104 22.92 29.61 3.10
C SER C 104 21.39 29.68 3.11
N ARG C 105 20.74 28.66 3.72
CA ARG C 105 19.28 28.72 3.93
C ARG C 105 18.95 29.92 4.81
N LEU C 106 19.85 30.28 5.74
CA LEU C 106 19.69 31.42 6.64
C LEU C 106 19.56 32.77 5.92
N ASN C 107 20.09 32.85 4.68
CA ASN C 107 20.02 34.07 3.86
C ASN C 107 18.64 34.32 3.23
N LEU C 108 17.74 33.34 3.33
CA LEU C 108 16.38 33.45 2.77
C LEU C 108 15.40 34.02 3.77
N VAL C 109 15.84 34.23 5.02
CA VAL C 109 14.97 34.64 6.12
C VAL C 109 14.11 35.90 5.90
N GLN C 110 14.72 37.00 5.43
CA GLN C 110 14.00 38.26 5.20
C GLN C 110 12.89 38.08 4.15
N ARG C 111 13.23 37.48 3.00
CA ARG C 111 12.28 37.23 1.91
C ARG C 111 11.14 36.33 2.36
N ASN C 112 11.47 35.25 3.05
CA ASN C 112 10.48 34.27 3.47
C ASN C 112 9.60 34.67 4.65
N VAL C 113 10.13 35.50 5.58
CA VAL C 113 9.34 36.03 6.69
C VAL C 113 8.25 36.95 6.09
N ASN C 114 8.66 37.84 5.14
CA ASN C 114 7.74 38.77 4.48
C ASN C 114 6.63 38.00 3.72
N ILE C 115 6.98 36.88 3.06
CA ILE C 115 6.00 36.03 2.36
C ILE C 115 5.04 35.39 3.39
N PHE C 116 5.59 34.89 4.51
CA PHE C 116 4.80 34.25 5.58
C PHE C 116 3.79 35.19 6.22
N LYS C 117 4.09 36.50 6.27
CA LYS C 117 3.18 37.54 6.80
C LYS C 117 1.86 37.57 6.01
N PHE C 118 1.91 37.19 4.70
CA PHE C 118 0.72 37.10 3.86
C PHE C 118 0.10 35.69 3.91
N ILE C 119 0.92 34.64 3.72
CA ILE C 119 0.45 33.25 3.69
C ILE C 119 -0.17 32.78 5.00
N ILE C 120 0.56 32.91 6.12
CA ILE C 120 0.09 32.35 7.39
C ILE C 120 -1.30 32.80 7.86
N PRO C 121 -1.63 34.10 7.88
CA PRO C 121 -2.98 34.51 8.31
C PRO C 121 -4.06 33.99 7.36
N ASN C 122 -3.78 33.92 6.06
CA ASN C 122 -4.72 33.41 5.07
C ASN C 122 -5.00 31.92 5.23
N VAL C 123 -3.97 31.14 5.60
CA VAL C 123 -4.16 29.72 5.83
C VAL C 123 -5.04 29.50 7.07
N VAL C 124 -4.72 30.16 8.20
CA VAL C 124 -5.46 29.99 9.46
C VAL C 124 -6.92 30.47 9.38
N LYS C 125 -7.18 31.50 8.56
CA LYS C 125 -8.49 32.08 8.31
C LYS C 125 -9.47 30.97 7.81
N TYR C 126 -8.99 30.07 6.92
CA TYR C 126 -9.83 29.03 6.31
C TYR C 126 -9.74 27.65 6.92
N SER C 127 -8.65 27.33 7.65
CA SER C 127 -8.48 26.00 8.25
C SER C 127 -8.14 26.13 9.73
N PRO C 128 -9.14 26.50 10.57
CA PRO C 128 -8.88 26.69 12.01
C PRO C 128 -8.49 25.45 12.79
N GLN C 129 -8.72 24.26 12.22
CA GLN C 129 -8.38 22.99 12.82
C GLN C 129 -7.06 22.39 12.33
N CYS C 130 -6.40 23.00 11.33
CA CYS C 130 -5.19 22.41 10.79
C CYS C 130 -3.98 22.40 11.71
N LYS C 131 -3.03 21.56 11.34
CA LYS C 131 -1.67 21.53 11.82
C LYS C 131 -0.91 22.19 10.66
N LEU C 132 0.07 23.04 11.00
CA LEU C 132 0.91 23.71 10.02
C LEU C 132 2.21 22.95 9.93
N LEU C 133 2.57 22.53 8.71
CA LEU C 133 3.83 21.83 8.45
C LEU C 133 4.71 22.71 7.56
N ILE C 134 5.70 23.37 8.19
CA ILE C 134 6.63 24.29 7.54
C ILE C 134 7.80 23.52 6.92
N VAL C 135 8.05 23.76 5.62
CA VAL C 135 9.11 23.14 4.81
C VAL C 135 10.05 24.22 4.29
N SER C 136 9.48 25.40 3.94
CA SER C 136 10.24 26.58 3.50
C SER C 136 11.43 26.87 4.44
N ASN C 137 12.53 27.38 3.88
CA ASN C 137 13.78 27.65 4.60
C ASN C 137 14.07 29.12 4.95
N PRO C 138 14.80 29.39 6.07
CA PRO C 138 15.34 28.43 7.06
C PRO C 138 14.19 27.89 7.92
N VAL C 139 13.90 26.59 7.75
CA VAL C 139 12.76 25.91 8.39
C VAL C 139 12.56 26.18 9.89
N ASP C 140 13.66 26.13 10.67
CA ASP C 140 13.57 26.31 12.13
C ASP C 140 13.09 27.71 12.50
N ILE C 141 13.63 28.73 11.83
CA ILE C 141 13.23 30.10 12.10
C ILE C 141 11.81 30.32 11.57
N LEU C 142 11.50 29.77 10.38
CA LEU C 142 10.16 29.94 9.82
C LEU C 142 9.05 29.24 10.61
N THR C 143 9.38 28.15 11.32
CA THR C 143 8.39 27.46 12.18
C THR C 143 8.05 28.41 13.33
N TYR C 144 9.06 29.03 13.95
CA TYR C 144 8.89 30.03 15.02
C TYR C 144 8.04 31.20 14.49
N VAL C 145 8.39 31.71 13.29
CA VAL C 145 7.68 32.80 12.61
C VAL C 145 6.20 32.44 12.38
N ALA C 146 5.94 31.26 11.78
CA ALA C 146 4.56 30.79 11.52
C ALA C 146 3.79 30.64 12.84
N TRP C 147 4.45 30.14 13.89
CA TRP C 147 3.84 29.99 15.21
C TRP C 147 3.39 31.36 15.76
N LYS C 148 4.29 32.35 15.76
CA LYS C 148 3.99 33.71 16.26
C LYS C 148 2.88 34.37 15.48
N ILE C 149 2.90 34.25 14.15
CA ILE C 149 1.88 34.87 13.27
C ILE C 149 0.50 34.16 13.42
N SER C 150 0.50 32.82 13.36
CA SER C 150 -0.74 32.02 13.35
C SER C 150 -1.69 32.19 14.52
N GLY C 151 -1.12 32.30 15.72
CA GLY C 151 -1.91 32.32 16.95
C GLY C 151 -2.24 30.89 17.34
N PHE C 152 -1.61 29.90 16.66
CA PHE C 152 -1.81 28.49 16.93
C PHE C 152 -1.00 28.07 18.16
N PRO C 153 -1.39 27.02 18.92
CA PRO C 153 -0.52 26.58 20.02
C PRO C 153 0.72 25.92 19.39
N LYS C 154 1.87 25.96 20.09
CA LYS C 154 3.13 25.44 19.54
C LYS C 154 3.09 24.01 19.01
N ASN C 155 2.26 23.12 19.61
CA ASN C 155 2.13 21.73 19.14
C ASN C 155 1.64 21.65 17.68
N ARG C 156 0.86 22.64 17.25
CA ARG C 156 0.28 22.62 15.90
C ARG C 156 1.10 23.28 14.80
N VAL C 157 2.33 23.74 15.13
CA VAL C 157 3.23 24.40 14.17
C VAL C 157 4.53 23.63 14.16
N ILE C 158 4.68 22.78 13.12
CA ILE C 158 5.78 21.81 12.98
C ILE C 158 6.68 22.15 11.81
N GLY C 159 7.98 22.11 12.03
CA GLY C 159 8.95 22.32 10.96
C GLY C 159 9.49 20.97 10.50
N SER C 160 9.59 20.76 9.17
CA SER C 160 10.10 19.49 8.65
C SER C 160 11.52 19.16 9.18
N GLY C 161 12.21 20.22 9.61
CA GLY C 161 13.50 20.16 10.26
C GLY C 161 14.48 19.12 9.74
N CYS C 162 14.99 18.32 10.67
CA CYS C 162 15.99 17.28 10.42
C CYS C 162 15.44 15.90 10.07
N ASN C 163 14.13 15.80 9.74
CA ASN C 163 13.57 14.51 9.34
C ASN C 163 14.32 14.03 8.09
N LEU C 164 14.65 14.95 7.19
CA LEU C 164 15.41 14.63 5.97
C LEU C 164 16.91 14.36 6.25
N ASP C 165 17.55 15.22 7.04
CA ASP C 165 18.98 15.05 7.39
C ASP C 165 19.18 13.68 8.04
N SER C 166 18.28 13.28 8.96
CA SER C 166 18.39 11.97 9.62
C SER C 166 18.19 10.83 8.62
N ALA C 167 17.24 10.98 7.66
CA ALA C 167 16.99 9.98 6.61
C ALA C 167 18.26 9.84 5.74
N ARG C 168 18.92 10.98 5.41
CA ARG C 168 20.16 10.97 4.64
C ARG C 168 21.24 10.25 5.42
N PHE C 169 21.37 10.57 6.73
CA PHE C 169 22.35 9.92 7.61
C PHE C 169 22.15 8.40 7.61
N ARG C 170 20.90 7.95 7.78
CA ARG C 170 20.55 6.52 7.83
C ARG C 170 20.79 5.80 6.52
N TYR C 171 20.54 6.46 5.37
CA TYR C 171 20.83 5.92 4.04
C TYR C 171 22.35 5.68 3.91
N LEU C 172 23.18 6.69 4.27
CA LEU C 172 24.65 6.62 4.16
C LEU C 172 25.25 5.55 5.07
N MET C 173 24.73 5.48 6.30
CA MET C 173 25.11 4.48 7.29
C MET C 173 24.77 3.07 6.75
N GLY C 174 23.55 2.92 6.22
CA GLY C 174 23.04 1.68 5.62
C GLY C 174 23.91 1.19 4.48
N GLU C 175 24.33 2.12 3.59
CA GLU C 175 25.19 1.84 2.45
C GLU C 175 26.55 1.31 2.95
N ARG C 176 27.12 1.91 4.00
CA ARG C 176 28.41 1.48 4.55
C ARG C 176 28.33 0.10 5.19
N LEU C 177 27.19 -0.21 5.82
CA LEU C 177 27.01 -1.47 6.57
C LEU C 177 26.35 -2.62 5.81
N GLY C 178 25.73 -2.32 4.67
CA GLY C 178 24.97 -3.31 3.89
C GLY C 178 23.70 -3.69 4.65
N VAL C 179 23.09 -2.70 5.29
CA VAL C 179 21.85 -2.89 6.05
C VAL C 179 20.83 -1.86 5.53
N HIS C 180 19.55 -2.23 5.47
CA HIS C 180 18.52 -1.27 5.04
C HIS C 180 18.51 -0.07 5.99
N PRO C 181 18.29 1.18 5.50
CA PRO C 181 18.23 2.33 6.43
C PRO C 181 17.19 2.17 7.55
N LEU C 182 16.11 1.40 7.32
CA LEU C 182 15.08 1.16 8.35
C LEU C 182 15.70 0.51 9.62
N SER C 183 16.77 -0.29 9.46
CA SER C 183 17.41 -0.97 10.58
C SER C 183 18.68 -0.28 11.08
N CYS C 184 19.03 0.88 10.48
CA CYS C 184 20.20 1.70 10.84
C CYS C 184 19.70 2.93 11.55
N HIS C 185 19.94 3.01 12.86
CA HIS C 185 19.41 4.12 13.67
C HIS C 185 20.48 5.16 13.94
N GLY C 186 20.10 6.42 13.75
CA GLY C 186 21.03 7.54 13.90
C GLY C 186 20.27 8.84 13.81
N TRP C 187 20.61 9.78 14.68
CA TRP C 187 19.88 11.05 14.73
C TRP C 187 20.77 12.23 14.42
N VAL C 188 20.28 13.12 13.55
CA VAL C 188 20.93 14.38 13.22
C VAL C 188 19.96 15.43 13.77
N LEU C 189 20.40 16.23 14.74
CA LEU C 189 19.56 17.22 15.42
C LEU C 189 20.02 18.67 15.21
N GLY C 190 19.29 19.63 15.79
CA GLY C 190 19.62 21.04 15.68
C GLY C 190 19.05 21.69 14.44
N GLU C 191 19.79 22.63 13.85
CA GLU C 191 19.38 23.33 12.63
C GLU C 191 19.33 22.37 11.41
N HIS C 192 18.31 22.56 10.55
CA HIS C 192 18.26 21.87 9.27
C HIS C 192 19.16 22.74 8.37
N GLY C 193 20.45 22.50 8.46
CA GLY C 193 21.45 23.32 7.79
C GLY C 193 22.85 23.00 8.27
N ASP C 194 23.77 23.95 8.05
CA ASP C 194 25.19 23.77 8.34
C ASP C 194 25.58 23.43 9.78
N SER C 195 24.79 23.85 10.77
CA SER C 195 25.12 23.63 12.19
C SER C 195 24.44 22.39 12.82
N SER C 196 23.89 21.50 11.99
CA SER C 196 23.25 20.24 12.44
C SER C 196 24.23 19.38 13.24
N VAL C 197 23.69 18.57 14.16
CA VAL C 197 24.48 17.77 15.09
C VAL C 197 24.26 16.27 14.89
N PRO C 198 25.29 15.52 14.44
CA PRO C 198 25.15 14.05 14.38
C PRO C 198 25.31 13.50 15.79
N VAL C 199 24.28 12.79 16.27
CA VAL C 199 24.32 12.24 17.64
C VAL C 199 24.97 10.86 17.56
N TRP C 200 26.31 10.84 17.52
CA TRP C 200 27.10 9.60 17.42
C TRP C 200 26.81 8.59 18.53
N SER C 201 26.59 9.09 19.76
CA SER C 201 26.32 8.27 20.92
C SER C 201 25.06 7.41 20.77
N GLY C 202 24.11 7.83 19.93
CA GLY C 202 22.87 7.09 19.72
C GLY C 202 22.82 6.23 18.47
N VAL C 203 23.90 6.27 17.64
CA VAL C 203 24.00 5.53 16.37
C VAL C 203 24.09 4.02 16.65
N ASN C 204 23.14 3.25 16.12
CA ASN C 204 23.13 1.82 16.42
C ASN C 204 22.42 0.98 15.38
N VAL C 205 22.75 -0.32 15.38
CA VAL C 205 22.07 -1.36 14.60
C VAL C 205 21.65 -2.40 15.65
N ALA C 206 20.35 -2.74 15.73
CA ALA C 206 19.82 -3.74 16.69
C ALA C 206 20.20 -3.45 18.15
N GLY C 207 20.28 -2.17 18.49
CA GLY C 207 20.65 -1.74 19.84
C GLY C 207 22.13 -1.78 20.12
N VAL C 208 22.96 -2.16 19.12
CA VAL C 208 24.42 -2.20 19.28
C VAL C 208 24.98 -0.82 18.96
N SER C 209 25.56 -0.14 19.96
CA SER C 209 26.13 1.19 19.76
C SER C 209 27.40 1.09 18.91
N LEU C 210 27.45 1.79 17.76
CA LEU C 210 28.63 1.81 16.90
C LEU C 210 29.78 2.54 17.58
N LYS C 211 29.46 3.54 18.43
CA LYS C 211 30.47 4.30 19.19
C LYS C 211 31.13 3.41 20.27
N SER C 212 30.40 2.41 20.80
CA SER C 212 30.98 1.49 21.80
C SER C 212 31.95 0.54 21.10
N LEU C 213 31.67 0.20 19.82
CA LEU C 213 32.53 -0.68 19.03
C LEU C 213 33.77 0.10 18.58
N ASN C 214 33.57 1.35 18.13
CA ASN C 214 34.62 2.23 17.65
C ASN C 214 34.51 3.56 18.41
N PRO C 215 35.24 3.68 19.55
CA PRO C 215 35.18 4.94 20.33
C PRO C 215 35.52 6.22 19.55
N GLN C 216 36.33 6.09 18.49
CA GLN C 216 36.75 7.22 17.65
C GLN C 216 35.66 7.69 16.65
N LEU C 217 34.52 6.98 16.58
CA LEU C 217 33.40 7.28 15.67
C LEU C 217 33.01 8.76 15.62
N GLY C 218 33.04 9.31 14.42
CA GLY C 218 32.67 10.69 14.17
C GLY C 218 33.74 11.72 14.45
N THR C 219 34.93 11.29 14.96
CA THR C 219 36.07 12.19 15.22
C THR C 219 37.05 12.13 14.04
N ASP C 220 38.02 13.07 14.01
CA ASP C 220 39.05 13.14 12.97
C ASP C 220 40.00 11.95 13.03
N ALA C 221 40.19 11.35 14.22
CA ALA C 221 41.04 10.17 14.46
C ALA C 221 40.40 8.85 13.96
N ASP C 222 39.13 8.88 13.52
CA ASP C 222 38.42 7.70 13.01
C ASP C 222 39.04 7.24 11.68
N LYS C 223 39.56 6.00 11.64
CA LYS C 223 40.20 5.42 10.44
C LYS C 223 39.22 5.29 9.27
N GLU C 224 37.92 5.07 9.56
CA GLU C 224 36.88 4.94 8.56
C GLU C 224 36.24 6.27 8.20
N GLN C 225 36.64 7.35 8.89
CA GLN C 225 36.18 8.71 8.67
C GLN C 225 34.64 8.83 8.62
N TRP C 226 33.95 8.32 9.67
CA TRP C 226 32.49 8.42 9.76
C TRP C 226 31.98 9.87 9.84
N LYS C 227 32.83 10.83 10.24
CA LYS C 227 32.47 12.25 10.27
C LYS C 227 32.08 12.71 8.85
N ASP C 228 32.69 12.08 7.79
CA ASP C 228 32.38 12.40 6.39
CA ASP C 228 32.38 12.40 6.40
C ASP C 228 30.91 12.09 6.08
N VAL C 229 30.29 11.15 6.84
CA VAL C 229 28.87 10.81 6.67
C VAL C 229 28.07 12.08 7.05
N HIS C 230 28.37 12.68 8.23
CA HIS C 230 27.67 13.91 8.64
C HIS C 230 27.97 15.05 7.70
N LYS C 231 29.23 15.12 7.19
CA LYS C 231 29.63 16.15 6.22
C LYS C 231 28.80 15.99 4.94
N GLN C 232 28.61 14.74 4.47
CA GLN C 232 27.79 14.48 3.28
C GLN C 232 26.33 14.91 3.54
N VAL C 233 25.84 14.73 4.77
CA VAL C 233 24.49 15.14 5.18
C VAL C 233 24.37 16.65 5.08
N VAL C 234 25.29 17.41 5.70
CA VAL C 234 25.31 18.87 5.65
C VAL C 234 25.38 19.36 4.19
N ASP C 235 26.25 18.75 3.38
CA ASP C 235 26.50 19.17 1.99
C ASP C 235 25.49 18.67 0.95
N SER C 236 24.64 17.69 1.33
CA SER C 236 23.66 17.07 0.45
CA SER C 236 23.68 17.06 0.43
C SER C 236 22.87 18.02 -0.43
N ALA C 237 22.15 19.00 0.18
CA ALA C 237 21.37 19.95 -0.60
C ALA C 237 22.25 20.72 -1.57
N TYR C 238 23.42 21.20 -1.11
CA TYR C 238 24.37 21.94 -1.95
C TYR C 238 24.85 21.10 -3.14
N GLU C 239 25.24 19.84 -2.87
CA GLU C 239 25.72 18.90 -3.90
C GLU C 239 24.62 18.60 -4.94
N VAL C 240 23.40 18.25 -4.46
CA VAL C 240 22.26 17.96 -5.34
C VAL C 240 21.87 19.22 -6.15
N ILE C 241 21.83 20.43 -5.51
CA ILE C 241 21.54 21.71 -6.21
C ILE C 241 22.57 21.92 -7.33
N LYS C 242 23.86 21.72 -7.02
CA LYS C 242 24.96 21.87 -7.98
C LYS C 242 24.78 20.91 -9.18
N LEU C 243 24.24 19.69 -8.93
CA LEU C 243 24.06 18.66 -9.95
C LEU C 243 22.78 18.77 -10.78
N LYS C 244 21.62 18.91 -10.13
CA LYS C 244 20.33 18.98 -10.82
C LYS C 244 19.59 20.32 -10.76
N GLY C 245 20.14 21.29 -10.03
CA GLY C 245 19.57 22.64 -9.94
C GLY C 245 18.74 22.95 -8.70
N TYR C 246 18.28 21.88 -8.00
CA TYR C 246 17.41 21.97 -6.83
C TYR C 246 17.31 20.58 -6.23
N THR C 247 16.57 20.42 -5.13
CA THR C 247 16.28 19.09 -4.57
C THR C 247 14.76 19.00 -4.50
N SER C 248 14.21 17.77 -4.57
CA SER C 248 12.75 17.62 -4.55
C SER C 248 12.28 16.29 -4.00
N TRP C 249 12.80 15.18 -4.55
CA TRP C 249 12.30 13.85 -4.21
C TRP C 249 12.42 13.46 -2.75
N ALA C 250 13.62 13.63 -2.18
CA ALA C 250 13.87 13.25 -0.80
C ALA C 250 13.10 14.09 0.21
N ILE C 251 13.02 15.41 -0.02
CA ILE C 251 12.22 16.29 0.85
C ILE C 251 10.72 15.95 0.75
N GLY C 252 10.26 15.67 -0.47
CA GLY C 252 8.88 15.26 -0.74
C GLY C 252 8.50 14.04 0.07
N LEU C 253 9.37 13.04 0.09
CA LEU C 253 9.16 11.80 0.84
C LEU C 253 9.24 12.04 2.34
N SER C 254 10.17 12.91 2.78
CA SER C 254 10.34 13.23 4.19
C SER C 254 9.08 13.94 4.69
N VAL C 255 8.52 14.85 3.87
CA VAL C 255 7.30 15.58 4.24
C VAL C 255 6.09 14.61 4.29
N ALA C 256 5.99 13.69 3.31
CA ALA C 256 4.91 12.69 3.29
C ALA C 256 4.97 11.76 4.52
N ASP C 257 6.18 11.45 5.00
CA ASP C 257 6.43 10.64 6.19
C ASP C 257 5.82 11.36 7.41
N LEU C 258 6.11 12.67 7.55
CA LEU C 258 5.56 13.51 8.62
C LEU C 258 4.04 13.63 8.49
N ALA C 259 3.54 13.85 7.25
CA ALA C 259 2.09 13.96 7.00
C ALA C 259 1.40 12.65 7.40
N GLU C 260 2.05 11.50 7.17
CA GLU C 260 1.47 10.22 7.57
C GLU C 260 1.32 10.12 9.10
N SER C 261 2.40 10.47 9.87
CA SER C 261 2.30 10.38 11.35
C SER C 261 1.19 11.29 11.86
N ILE C 262 1.03 12.50 11.24
CA ILE C 262 -0.03 13.46 11.62
C ILE C 262 -1.43 12.94 11.28
N MET C 263 -1.67 12.66 10.00
CA MET C 263 -2.97 12.19 9.49
C MET C 263 -3.47 10.88 10.10
N LYS C 264 -2.57 9.93 10.41
N LYS C 264 -2.56 9.97 10.42
CA LYS C 264 -2.94 8.63 10.98
CA LYS C 264 -2.92 8.65 10.98
C LYS C 264 -2.77 8.57 12.50
C LYS C 264 -2.69 8.55 12.48
N ASN C 265 -2.42 9.71 13.15
CA ASN C 265 -2.20 9.82 14.60
C ASN C 265 -1.23 8.73 15.11
N LEU C 266 -0.11 8.51 14.41
CA LEU C 266 0.79 7.41 14.74
C LEU C 266 1.58 7.53 16.01
N ARG C 267 1.95 8.76 16.41
CA ARG C 267 2.79 8.96 17.61
C ARG C 267 4.18 8.30 17.42
N ARG C 268 4.71 8.42 16.19
CA ARG C 268 6.06 7.98 15.87
C ARG C 268 6.96 9.14 16.29
N VAL C 269 8.27 8.85 16.48
CA VAL C 269 9.24 9.84 16.90
C VAL C 269 10.03 10.32 15.68
N HIS C 270 10.05 11.65 15.46
CA HIS C 270 10.74 12.27 14.33
C HIS C 270 11.60 13.43 14.79
N PRO C 271 12.75 13.70 14.13
CA PRO C 271 13.56 14.88 14.49
C PRO C 271 13.03 16.08 13.69
N ILE C 272 12.19 16.89 14.33
CA ILE C 272 11.49 18.01 13.68
C ILE C 272 11.55 19.28 14.52
N SER C 273 11.33 20.42 13.85
CA SER C 273 11.42 21.74 14.48
C SER C 273 10.35 22.05 15.51
N THR C 274 10.79 22.30 16.75
CA THR C 274 9.91 22.67 17.88
C THR C 274 10.64 23.59 18.84
N MET C 275 9.90 24.28 19.72
CA MET C 275 10.51 25.16 20.70
C MET C 275 11.36 24.35 21.69
N ILE C 276 12.63 24.74 21.87
CA ILE C 276 13.53 24.00 22.76
C ILE C 276 13.87 24.73 24.05
N LYS C 277 13.31 25.96 24.25
CA LYS C 277 13.50 26.77 25.45
C LYS C 277 13.19 25.88 26.67
N GLY C 278 14.13 25.81 27.60
CA GLY C 278 14.00 24.98 28.80
C GLY C 278 14.86 23.73 28.78
N LEU C 279 15.35 23.32 27.59
CA LEU C 279 16.22 22.16 27.45
C LEU C 279 17.63 22.55 27.07
N TYR C 280 18.63 21.79 27.56
CA TYR C 280 20.06 21.97 27.33
C TYR C 280 20.58 23.39 27.67
N GLY C 281 19.95 24.03 28.64
CA GLY C 281 20.29 25.38 29.09
C GLY C 281 19.92 26.50 28.14
N ILE C 282 19.07 26.21 27.12
CA ILE C 282 18.63 27.24 26.17
C ILE C 282 17.51 28.06 26.80
N LYS C 283 17.71 29.40 26.88
CA LYS C 283 16.78 30.34 27.50
C LYS C 283 15.89 31.13 26.52
N GLU C 284 16.21 31.13 25.22
CA GLU C 284 15.43 31.87 24.22
C GLU C 284 14.46 30.99 23.43
N ASP C 285 13.42 31.62 22.81
CA ASP C 285 12.37 30.95 22.02
C ASP C 285 12.91 30.35 20.71
N VAL C 286 14.02 29.61 20.79
CA VAL C 286 14.64 28.99 19.62
C VAL C 286 13.84 27.74 19.25
N PHE C 287 13.63 27.54 17.95
CA PHE C 287 13.05 26.33 17.40
C PHE C 287 14.16 25.60 16.67
N LEU C 288 14.28 24.28 16.89
CA LEU C 288 15.23 23.42 16.20
C LEU C 288 14.81 21.97 16.33
N SER C 289 15.46 21.06 15.61
CA SER C 289 15.07 19.65 15.67
C SER C 289 15.58 18.90 16.86
N VAL C 290 14.65 18.22 17.53
CA VAL C 290 14.86 17.28 18.63
C VAL C 290 13.86 16.14 18.36
N PRO C 291 14.04 14.92 18.88
CA PRO C 291 13.06 13.86 18.56
C PRO C 291 11.73 14.16 19.24
N CYS C 292 10.67 14.26 18.43
CA CYS C 292 9.33 14.61 18.87
C CYS C 292 8.37 13.50 18.59
N ILE C 293 7.37 13.32 19.48
CA ILE C 293 6.28 12.39 19.25
C ILE C 293 5.27 13.15 18.37
N LEU C 294 4.95 12.60 17.20
CA LEU C 294 4.07 13.30 16.24
C LEU C 294 2.77 12.57 15.97
N GLY C 295 1.67 13.28 16.15
CA GLY C 295 0.36 12.68 15.96
C GLY C 295 -0.69 13.65 15.46
N GLN C 296 -1.97 13.34 15.72
CA GLN C 296 -3.11 14.14 15.25
C GLN C 296 -3.16 15.58 15.78
N ASN C 297 -2.52 15.85 16.93
CA ASN C 297 -2.46 17.21 17.49
C ASN C 297 -1.07 17.80 17.32
N GLY C 298 -0.32 17.27 16.35
CA GLY C 298 1.04 17.72 16.07
C GLY C 298 2.02 17.15 17.08
N ILE C 299 2.90 18.01 17.62
CA ILE C 299 3.93 17.63 18.58
C ILE C 299 3.38 17.64 20.01
N SER C 300 3.13 16.46 20.56
CA SER C 300 2.55 16.29 21.89
C SER C 300 3.60 16.15 23.00
N ASP C 301 4.80 15.67 22.63
CA ASP C 301 5.87 15.35 23.55
C ASP C 301 7.22 15.47 22.89
N VAL C 302 8.27 15.73 23.71
CA VAL C 302 9.65 15.82 23.25
C VAL C 302 10.49 14.78 23.99
N VAL C 303 11.30 13.99 23.24
CA VAL C 303 12.19 13.03 23.88
C VAL C 303 13.44 13.82 24.33
N LYS C 304 13.88 13.60 25.57
CA LYS C 304 15.08 14.21 26.12
C LYS C 304 16.28 13.33 25.81
N VAL C 305 16.98 13.63 24.72
CA VAL C 305 18.16 12.84 24.33
C VAL C 305 19.30 13.17 25.29
N THR C 306 19.99 12.11 25.73
CA THR C 306 21.15 12.17 26.62
C THR C 306 22.37 12.32 25.71
N LEU C 307 22.85 13.54 25.56
CA LEU C 307 23.97 13.85 24.68
C LEU C 307 25.28 13.83 25.42
N THR C 308 26.39 13.50 24.72
CA THR C 308 27.75 13.56 25.30
C THR C 308 28.08 15.05 25.46
N PRO C 309 29.08 15.44 26.30
CA PRO C 309 29.41 16.87 26.41
C PRO C 309 29.67 17.57 25.06
N ASP C 310 30.36 16.91 24.11
CA ASP C 310 30.61 17.51 22.79
C ASP C 310 29.32 17.70 21.97
N GLU C 311 28.45 16.68 21.96
CA GLU C 311 27.15 16.72 21.25
C GLU C 311 26.27 17.86 21.80
N GLU C 312 26.20 17.97 23.14
CA GLU C 312 25.43 19.03 23.82
C GLU C 312 25.97 20.42 23.48
N ALA C 313 27.32 20.60 23.49
CA ALA C 313 27.93 21.89 23.16
C ALA C 313 27.61 22.24 21.71
N ARG C 314 27.68 21.23 20.82
CA ARG C 314 27.34 21.40 19.41
C ARG C 314 25.88 21.80 19.23
N LEU C 315 24.96 21.20 20.04
CA LEU C 315 23.54 21.53 19.96
C LEU C 315 23.30 22.96 20.45
N LYS C 316 23.95 23.35 21.55
CA LYS C 316 23.86 24.72 22.09
C LYS C 316 24.39 25.72 21.04
N LYS C 317 25.47 25.34 20.32
CA LYS C 317 26.07 26.20 19.30
C LYS C 317 25.12 26.37 18.11
N SER C 318 24.39 25.30 17.74
CA SER C 318 23.39 25.36 16.67
C SER C 318 22.27 26.34 17.07
N ALA C 319 21.81 26.26 18.34
CA ALA C 319 20.77 27.14 18.91
C ALA C 319 21.21 28.59 18.89
N ASP C 320 22.50 28.84 19.26
CA ASP C 320 23.11 30.17 19.24
C ASP C 320 23.07 30.74 17.80
N THR C 321 23.44 29.91 16.80
CA THR C 321 23.44 30.29 15.38
C THR C 321 22.04 30.73 14.95
N LEU C 322 21.01 29.92 15.26
CA LEU C 322 19.63 30.27 14.93
C LEU C 322 19.15 31.55 15.64
N TRP C 323 19.49 31.69 16.93
CA TRP C 323 19.14 32.87 17.72
C TRP C 323 19.75 34.17 17.17
N GLY C 324 21.00 34.09 16.69
CA GLY C 324 21.72 35.21 16.07
C GLY C 324 21.01 35.81 14.88
N ILE C 325 20.24 34.97 14.15
CA ILE C 325 19.44 35.39 12.99
C ILE C 325 18.04 35.83 13.46
N GLN C 326 17.38 34.98 14.27
CA GLN C 326 16.03 35.18 14.82
C GLN C 326 15.83 36.46 15.65
N LYS C 327 16.80 36.80 16.53
CA LYS C 327 16.71 37.99 17.38
C LYS C 327 16.55 39.31 16.61
N GLU C 328 17.06 39.37 15.37
CA GLU C 328 17.01 40.55 14.52
C GLU C 328 15.74 40.64 13.65
N LEU C 329 14.81 39.68 13.80
CA LEU C 329 13.58 39.67 13.00
C LEU C 329 12.53 40.68 13.38
N GLN C 330 11.85 41.23 12.35
CA GLN C 330 10.77 42.20 12.48
C GLN C 330 9.57 41.73 11.66
N PHE C 331 8.43 41.47 12.35
CA PHE C 331 7.15 41.01 11.79
C PHE C 331 5.99 41.28 12.76
C ALA D 1 38.11 -3.48 12.40
N ALA D 2 37.81 -3.43 11.09
CA ALA D 2 36.72 -2.63 10.53
C ALA D 2 35.40 -2.74 11.31
N LEU D 3 34.69 -1.61 11.39
CA LEU D 3 33.43 -1.48 12.11
C LEU D 3 32.35 -2.45 11.60
N LYS D 4 32.16 -2.53 10.26
CA LYS D 4 31.17 -3.44 9.66
C LYS D 4 31.42 -4.88 10.15
N ASP D 5 32.70 -5.30 10.16
CA ASP D 5 33.13 -6.62 10.59
C ASP D 5 33.02 -6.86 12.10
N GLN D 6 33.20 -5.80 12.91
CA GLN D 6 33.04 -5.88 14.37
C GLN D 6 31.55 -6.06 14.73
N LEU D 7 30.68 -5.49 13.90
CA LEU D 7 29.23 -5.48 14.09
C LEU D 7 28.52 -6.68 13.48
N ILE D 8 28.97 -7.11 12.30
CA ILE D 8 28.29 -8.14 11.51
C ILE D 8 29.21 -9.33 11.14
N VAL D 9 28.67 -10.57 11.23
CA VAL D 9 29.38 -11.74 10.73
C VAL D 9 28.72 -12.07 9.39
N ASN D 10 29.50 -12.10 8.30
CA ASN D 10 28.97 -12.46 6.99
C ASN D 10 28.92 -13.98 6.84
N LEU D 11 27.79 -14.53 6.35
CA LEU D 11 27.57 -15.97 6.16
C LEU D 11 27.96 -16.47 4.76
N LEU D 12 27.67 -15.66 3.71
CA LEU D 12 27.93 -16.02 2.31
C LEU D 12 28.11 -14.78 1.40
N LYS D 13 28.74 -15.00 0.21
CA LYS D 13 28.90 -14.01 -0.85
C LYS D 13 27.74 -14.29 -1.82
N GLU D 14 26.73 -13.41 -1.82
CA GLU D 14 25.53 -13.54 -2.63
C GLU D 14 25.78 -13.29 -4.12
N GLU D 15 24.83 -13.75 -4.98
CA GLU D 15 24.88 -13.55 -6.43
C GLU D 15 24.66 -12.08 -6.76
N GLN D 16 23.87 -11.38 -5.91
CA GLN D 16 23.52 -9.96 -6.01
C GLN D 16 22.71 -9.58 -7.28
N VAL D 17 22.24 -10.58 -8.04
CA VAL D 17 21.43 -10.35 -9.23
C VAL D 17 20.00 -10.03 -8.78
N PRO D 18 19.50 -8.81 -9.08
CA PRO D 18 18.13 -8.46 -8.65
C PRO D 18 17.09 -9.31 -9.37
N GLN D 19 15.95 -9.53 -8.74
CA GLN D 19 14.89 -10.39 -9.27
C GLN D 19 13.76 -9.62 -9.91
N ASN D 20 13.63 -8.32 -9.56
CA ASN D 20 12.56 -7.46 -10.07
C ASN D 20 13.13 -6.10 -10.44
N LYS D 21 14.20 -6.11 -11.25
CA LYS D 21 14.87 -4.87 -11.64
C LYS D 21 14.14 -4.10 -12.75
N ILE D 22 14.05 -2.77 -12.57
CA ILE D 22 13.46 -1.86 -13.54
C ILE D 22 14.51 -0.81 -13.90
N THR D 23 14.63 -0.51 -15.21
CA THR D 23 15.51 0.57 -15.67
C THR D 23 14.63 1.66 -16.26
N VAL D 24 14.95 2.92 -15.96
CA VAL D 24 14.33 4.06 -16.61
C VAL D 24 15.43 4.78 -17.38
N VAL D 25 15.26 4.87 -18.71
CA VAL D 25 16.18 5.55 -19.61
C VAL D 25 15.60 6.93 -19.87
N GLY D 26 16.33 7.94 -19.41
CA GLY D 26 15.94 9.35 -19.53
C GLY D 26 15.53 9.89 -18.18
N VAL D 27 16.23 10.94 -17.70
CA VAL D 27 15.94 11.56 -16.41
C VAL D 27 15.30 12.96 -16.51
N GLY D 28 14.61 13.18 -17.64
CA GLY D 28 13.82 14.39 -17.84
C GLY D 28 12.59 14.30 -16.94
N ALA D 29 11.65 15.25 -17.08
CA ALA D 29 10.47 15.27 -16.21
C ALA D 29 9.62 13.99 -16.27
N VAL D 30 9.45 13.40 -17.47
CA VAL D 30 8.71 12.15 -17.64
C VAL D 30 9.43 10.97 -16.96
N GLY D 31 10.71 10.78 -17.28
CA GLY D 31 11.51 9.71 -16.70
C GLY D 31 11.47 9.72 -15.17
N MET D 32 11.68 10.91 -14.56
CA MET D 32 11.65 11.04 -13.09
C MET D 32 10.27 10.78 -12.47
N ALA D 33 9.18 11.18 -13.17
CA ALA D 33 7.81 10.93 -12.67
C ALA D 33 7.53 9.43 -12.72
N CYS D 34 8.03 8.72 -13.79
CA CYS D 34 7.94 7.25 -13.86
C CYS D 34 8.71 6.64 -12.69
N ALA D 35 9.92 7.16 -12.42
CA ALA D 35 10.82 6.65 -11.36
C ALA D 35 10.17 6.76 -10.01
N ILE D 36 9.65 7.95 -9.65
CA ILE D 36 9.00 8.15 -8.36
C ILE D 36 7.74 7.32 -8.18
N SER D 37 6.93 7.20 -9.24
CA SER D 37 5.67 6.43 -9.20
C SER D 37 5.98 4.93 -9.00
N ILE D 38 6.98 4.42 -9.70
CA ILE D 38 7.38 3.01 -9.55
C ILE D 38 7.93 2.75 -8.14
N LEU D 39 8.76 3.69 -7.62
CA LEU D 39 9.31 3.59 -6.28
C LEU D 39 8.21 3.58 -5.21
N MET D 40 7.16 4.42 -5.40
CA MET D 40 6.09 4.49 -4.41
CA MET D 40 6.02 4.55 -4.47
C MET D 40 5.09 3.34 -4.51
N LYS D 41 5.15 2.56 -5.62
CA LYS D 41 4.27 1.39 -5.79
C LYS D 41 4.99 0.07 -5.45
N ASP D 42 6.24 0.15 -4.96
CA ASP D 42 7.06 -1.00 -4.53
C ASP D 42 7.11 -2.10 -5.58
N LEU D 43 7.37 -1.71 -6.85
CA LEU D 43 7.38 -2.65 -7.97
C LEU D 43 8.72 -3.28 -8.23
N ALA D 44 9.80 -2.64 -7.76
CA ALA D 44 11.15 -3.10 -8.04
C ALA D 44 12.03 -3.30 -6.82
N ASP D 45 13.02 -4.21 -6.91
CA ASP D 45 14.03 -4.39 -5.87
C ASP D 45 15.31 -3.61 -6.25
N GLU D 46 15.38 -3.18 -7.51
CA GLU D 46 16.47 -2.38 -8.00
C GLU D 46 15.95 -1.44 -9.07
N LEU D 47 16.33 -0.17 -8.97
CA LEU D 47 15.97 0.84 -9.96
C LEU D 47 17.26 1.40 -10.54
N ALA D 48 17.39 1.36 -11.88
CA ALA D 48 18.56 1.91 -12.55
C ALA D 48 18.12 3.07 -13.45
N LEU D 49 18.89 4.16 -13.44
CA LEU D 49 18.62 5.33 -14.29
C LEU D 49 19.76 5.51 -15.28
N VAL D 50 19.43 5.86 -16.54
CA VAL D 50 20.45 6.11 -17.58
C VAL D 50 20.11 7.42 -18.25
N ASP D 51 21.14 8.24 -18.52
CA ASP D 51 21.02 9.47 -19.29
C ASP D 51 22.41 9.84 -19.82
N VAL D 52 22.48 10.86 -20.68
CA VAL D 52 23.72 11.38 -21.28
C VAL D 52 24.25 12.61 -20.53
N ILE D 53 23.40 13.31 -19.74
CA ILE D 53 23.82 14.48 -18.96
C ILE D 53 24.26 13.91 -17.62
N GLU D 54 25.58 13.81 -17.44
N GLU D 54 25.58 13.78 -17.41
CA GLU D 54 26.30 13.27 -16.28
CA GLU D 54 26.15 13.17 -16.20
C GLU D 54 25.85 13.85 -14.93
C GLU D 54 25.80 13.84 -14.87
N ASP D 55 25.85 15.18 -14.79
CA ASP D 55 25.51 15.92 -13.55
C ASP D 55 24.05 15.70 -13.16
N LYS D 56 23.13 15.96 -14.09
CA LYS D 56 21.69 15.80 -13.90
C LYS D 56 21.36 14.35 -13.51
N LEU D 57 22.02 13.37 -14.17
CA LEU D 57 21.79 11.96 -13.85
C LEU D 57 22.16 11.65 -12.39
N LYS D 58 23.37 12.05 -11.97
CA LYS D 58 23.88 11.82 -10.62
C LYS D 58 23.01 12.52 -9.59
N GLY D 59 22.64 13.77 -9.85
CA GLY D 59 21.78 14.57 -8.96
C GLY D 59 20.44 13.91 -8.70
N GLU D 60 19.80 13.42 -9.79
CA GLU D 60 18.51 12.73 -9.69
C GLU D 60 18.64 11.41 -8.89
N MET D 61 19.68 10.60 -9.20
CA MET D 61 19.91 9.34 -8.50
C MET D 61 20.10 9.59 -7.00
N MET D 62 20.92 10.61 -6.65
CA MET D 62 21.20 10.97 -5.24
C MET D 62 19.92 11.39 -4.50
N ASP D 63 19.08 12.22 -5.16
CA ASP D 63 17.86 12.74 -4.57
C ASP D 63 16.88 11.57 -4.26
N LEU D 64 16.77 10.59 -5.18
CA LEU D 64 15.95 9.38 -4.93
C LEU D 64 16.58 8.59 -3.79
N GLN D 65 17.91 8.36 -3.83
CA GLN D 65 18.62 7.60 -2.79
C GLN D 65 18.38 8.15 -1.39
N HIS D 66 18.36 9.49 -1.27
CA HIS D 66 18.15 10.17 0.01
C HIS D 66 16.78 9.90 0.65
N GLY D 67 15.81 9.48 -0.17
CA GLY D 67 14.50 9.07 0.35
C GLY D 67 14.35 7.59 0.63
N SER D 68 15.46 6.78 0.56
CA SER D 68 15.44 5.31 0.75
C SER D 68 14.78 4.85 2.03
N LEU D 69 15.01 5.56 3.13
CA LEU D 69 14.37 5.23 4.42
C LEU D 69 12.82 5.11 4.26
N PHE D 70 12.26 5.91 3.35
CA PHE D 70 10.81 5.98 3.13
C PHE D 70 10.31 5.05 2.04
N LEU D 71 11.22 4.25 1.47
CA LEU D 71 10.90 3.36 0.37
C LEU D 71 11.19 1.91 0.70
N LYS D 72 10.90 1.03 -0.26
CA LYS D 72 11.17 -0.41 -0.16
C LYS D 72 11.87 -0.92 -1.41
N THR D 73 12.74 -0.06 -1.99
CA THR D 73 13.57 -0.36 -3.16
C THR D 73 15.00 -0.19 -2.66
N PRO D 74 15.65 -1.32 -2.26
CA PRO D 74 16.96 -1.23 -1.58
C PRO D 74 18.19 -0.79 -2.36
N LYS D 75 18.10 -0.72 -3.69
CA LYS D 75 19.23 -0.32 -4.52
C LYS D 75 18.75 0.56 -5.64
N ILE D 76 19.32 1.77 -5.71
CA ILE D 76 19.05 2.78 -6.74
C ILE D 76 20.41 3.16 -7.30
N VAL D 77 20.59 2.95 -8.60
CA VAL D 77 21.88 3.18 -9.29
C VAL D 77 21.66 3.98 -10.57
N SER D 78 22.74 4.51 -11.12
CA SER D 78 22.69 5.28 -12.37
C SER D 78 24.07 5.30 -13.02
N SER D 79 24.07 5.44 -14.35
CA SER D 79 25.28 5.54 -15.17
C SER D 79 24.89 5.87 -16.61
N LYS D 80 25.83 6.46 -17.37
CA LYS D 80 25.67 6.71 -18.80
C LYS D 80 25.89 5.38 -19.52
N ASP D 81 26.65 4.45 -18.86
CA ASP D 81 26.99 3.13 -19.36
C ASP D 81 25.87 2.14 -19.08
N TYR D 82 25.40 1.46 -20.14
CA TYR D 82 24.29 0.51 -20.04
C TYR D 82 24.58 -0.74 -19.21
N SER D 83 25.84 -0.93 -18.76
CA SER D 83 26.17 -2.07 -17.89
C SER D 83 25.35 -1.98 -16.59
N VAL D 84 24.98 -0.76 -16.18
CA VAL D 84 24.18 -0.48 -14.98
C VAL D 84 22.74 -1.05 -15.06
N THR D 85 22.25 -1.28 -16.30
CA THR D 85 20.90 -1.77 -16.61
C THR D 85 20.82 -3.30 -16.67
N ALA D 86 21.96 -3.99 -16.47
CA ALA D 86 22.02 -5.44 -16.60
C ALA D 86 20.94 -6.15 -15.79
N ASN D 87 20.34 -7.17 -16.40
CA ASN D 87 19.31 -8.05 -15.80
C ASN D 87 18.04 -7.34 -15.41
N SER D 88 17.59 -6.36 -16.21
CA SER D 88 16.33 -5.69 -15.93
C SER D 88 15.20 -6.54 -16.50
N LYS D 89 14.10 -6.67 -15.75
CA LYS D 89 12.90 -7.36 -16.22
C LYS D 89 12.17 -6.41 -17.15
N LEU D 90 12.23 -5.10 -16.84
CA LEU D 90 11.53 -4.06 -17.57
C LEU D 90 12.41 -2.86 -17.79
N VAL D 91 12.48 -2.40 -19.04
CA VAL D 91 13.27 -1.22 -19.41
C VAL D 91 12.32 -0.21 -20.03
N ILE D 92 12.22 0.95 -19.37
CA ILE D 92 11.32 2.04 -19.75
C ILE D 92 12.10 3.16 -20.43
N ILE D 93 11.74 3.42 -21.69
CA ILE D 93 12.43 4.44 -22.47
C ILE D 93 11.59 5.71 -22.55
N THR D 94 12.09 6.79 -21.94
CA THR D 94 11.46 8.12 -21.91
C THR D 94 12.40 9.18 -22.52
N ALA D 95 13.55 8.73 -23.05
CA ALA D 95 14.58 9.61 -23.59
C ALA D 95 14.20 10.22 -24.94
N GLY D 96 14.84 11.34 -25.25
CA GLY D 96 14.69 12.02 -26.52
C GLY D 96 14.07 13.39 -26.45
N ALA D 97 13.87 13.99 -27.63
CA ALA D 97 13.20 15.28 -27.75
C ALA D 97 11.76 15.12 -27.28
N ARG D 98 11.25 16.15 -26.63
CA ARG D 98 9.86 16.20 -26.19
C ARG D 98 9.21 17.41 -26.83
N GLN D 99 7.87 17.39 -26.94
CA GLN D 99 7.10 18.45 -27.59
C GLN D 99 7.19 19.80 -26.90
N GLN D 100 7.50 20.83 -27.70
CA GLN D 100 7.52 22.22 -27.24
C GLN D 100 6.06 22.68 -27.34
N GLU D 101 5.76 23.90 -26.91
CA GLU D 101 4.38 24.40 -26.96
C GLU D 101 3.86 24.42 -28.40
N GLY D 102 2.69 23.82 -28.61
CA GLY D 102 2.04 23.74 -29.91
C GLY D 102 2.62 22.71 -30.87
N GLU D 103 3.71 22.03 -30.48
CA GLU D 103 4.37 21.05 -31.33
C GLU D 103 3.71 19.68 -31.31
N SER D 104 3.50 19.11 -32.51
CA SER D 104 2.95 17.77 -32.67
C SER D 104 4.00 16.74 -32.23
N ARG D 105 3.54 15.64 -31.62
CA ARG D 105 4.44 14.55 -31.23
C ARG D 105 5.12 13.94 -32.45
N LEU D 106 4.44 13.97 -33.62
CA LEU D 106 4.97 13.40 -34.88
C LEU D 106 6.22 14.16 -35.38
N ASN D 107 6.36 15.43 -34.99
CA ASN D 107 7.51 16.29 -35.31
C ASN D 107 8.81 15.83 -34.63
N LEU D 108 8.71 14.98 -33.58
CA LEU D 108 9.86 14.48 -32.84
C LEU D 108 10.49 13.22 -33.47
N VAL D 109 9.79 12.63 -34.48
CA VAL D 109 10.11 11.35 -35.11
C VAL D 109 11.58 11.07 -35.51
N GLN D 110 12.22 11.90 -36.36
CA GLN D 110 13.61 11.60 -36.76
C GLN D 110 14.65 11.76 -35.65
N ARG D 111 14.52 12.81 -34.83
CA ARG D 111 15.40 13.07 -33.70
C ARG D 111 15.34 11.89 -32.73
N ASN D 112 14.13 11.36 -32.50
CA ASN D 112 13.97 10.22 -31.60
C ASN D 112 14.37 8.87 -32.17
N VAL D 113 14.14 8.64 -33.50
CA VAL D 113 14.57 7.42 -34.19
C VAL D 113 16.11 7.33 -34.13
N ASN D 114 16.80 8.48 -34.35
CA ASN D 114 18.26 8.56 -34.30
C ASN D 114 18.79 8.22 -32.92
N ILE D 115 18.15 8.75 -31.86
CA ILE D 115 18.49 8.47 -30.45
C ILE D 115 18.24 6.97 -30.15
N PHE D 116 17.10 6.43 -30.61
CA PHE D 116 16.75 5.02 -30.43
C PHE D 116 17.78 4.07 -31.06
N LYS D 117 18.43 4.50 -32.18
CA LYS D 117 19.48 3.73 -32.84
C LYS D 117 20.67 3.43 -31.90
N PHE D 118 20.99 4.35 -30.96
CA PHE D 118 22.04 4.12 -29.96
C PHE D 118 21.49 3.36 -28.73
N ILE D 119 20.34 3.81 -28.20
CA ILE D 119 19.73 3.26 -26.99
C ILE D 119 19.35 1.79 -27.07
N ILE D 120 18.49 1.43 -28.03
CA ILE D 120 17.96 0.08 -28.19
C ILE D 120 19.03 -1.04 -28.20
N PRO D 121 20.10 -0.99 -29.02
CA PRO D 121 21.13 -2.07 -28.99
C PRO D 121 21.82 -2.19 -27.63
N ASN D 122 22.06 -1.06 -26.97
CA ASN D 122 22.68 -1.04 -25.64
C ASN D 122 21.79 -1.64 -24.55
N VAL D 123 20.46 -1.47 -24.67
CA VAL D 123 19.49 -2.04 -23.72
C VAL D 123 19.48 -3.57 -23.91
N VAL D 124 19.31 -4.02 -25.17
CA VAL D 124 19.25 -5.44 -25.57
C VAL D 124 20.52 -6.19 -25.15
N LYS D 125 21.69 -5.58 -25.30
CA LYS D 125 22.97 -6.17 -24.91
C LYS D 125 22.96 -6.57 -23.43
N TYR D 126 22.49 -5.68 -22.53
CA TYR D 126 22.51 -5.96 -21.09
C TYR D 126 21.32 -6.69 -20.49
N SER D 127 20.14 -6.63 -21.14
CA SER D 127 18.93 -7.34 -20.69
C SER D 127 18.24 -7.96 -21.92
N PRO D 128 18.80 -9.05 -22.51
CA PRO D 128 18.17 -9.62 -23.72
C PRO D 128 16.80 -10.28 -23.51
N GLN D 129 16.41 -10.49 -22.23
CA GLN D 129 15.13 -11.10 -21.87
C GLN D 129 14.11 -10.08 -21.32
N CYS D 130 14.47 -8.78 -21.33
CA CYS D 130 13.59 -7.74 -20.80
C CYS D 130 12.37 -7.49 -21.68
N LYS D 131 11.40 -6.83 -21.09
CA LYS D 131 10.25 -6.28 -21.78
C LYS D 131 10.63 -4.83 -21.96
N LEU D 132 10.38 -4.28 -23.15
CA LEU D 132 10.67 -2.89 -23.45
C LEU D 132 9.38 -2.10 -23.37
N LEU D 133 9.38 -1.03 -22.58
CA LEU D 133 8.20 -0.16 -22.47
C LEU D 133 8.54 1.24 -22.98
N ILE D 134 8.03 1.57 -24.17
CA ILE D 134 8.29 2.84 -24.86
C ILE D 134 7.34 3.92 -24.41
N VAL D 135 7.90 5.06 -23.98
CA VAL D 135 7.12 6.22 -23.52
C VAL D 135 7.40 7.42 -24.42
N SER D 136 8.66 7.54 -24.90
CA SER D 136 9.14 8.61 -25.81
C SER D 136 8.18 8.74 -26.99
N ASN D 137 8.04 9.97 -27.51
CA ASN D 137 7.11 10.26 -28.60
C ASN D 137 7.73 10.46 -29.98
N PRO D 138 7.00 10.18 -31.10
CA PRO D 138 5.64 9.59 -31.16
C PRO D 138 5.69 8.11 -30.78
N VAL D 139 5.05 7.79 -29.65
CA VAL D 139 5.06 6.50 -28.99
C VAL D 139 4.77 5.28 -29.87
N ASP D 140 3.74 5.38 -30.73
CA ASP D 140 3.35 4.28 -31.63
C ASP D 140 4.45 3.97 -32.63
N ILE D 141 4.99 5.01 -33.29
CA ILE D 141 6.09 4.84 -34.25
C ILE D 141 7.38 4.34 -33.56
N LEU D 142 7.70 4.90 -32.38
CA LEU D 142 8.90 4.49 -31.63
C LEU D 142 8.84 3.07 -31.05
N THR D 143 7.62 2.54 -30.77
CA THR D 143 7.43 1.16 -30.35
C THR D 143 7.77 0.28 -31.57
N TYR D 144 7.33 0.67 -32.79
CA TYR D 144 7.67 -0.06 -34.02
C TYR D 144 9.21 -0.05 -34.19
N VAL D 145 9.84 1.14 -34.04
CA VAL D 145 11.29 1.35 -34.15
C VAL D 145 12.06 0.46 -33.15
N ALA D 146 11.67 0.50 -31.86
CA ALA D 146 12.30 -0.33 -30.82
C ALA D 146 12.13 -1.82 -31.15
N TRP D 147 10.96 -2.21 -31.69
CA TRP D 147 10.72 -3.60 -32.09
C TRP D 147 11.67 -4.04 -33.21
N LYS D 148 11.82 -3.23 -34.28
CA LYS D 148 12.70 -3.55 -35.41
C LYS D 148 14.17 -3.62 -34.99
N ILE D 149 14.67 -2.62 -34.24
CA ILE D 149 16.05 -2.56 -33.77
C ILE D 149 16.39 -3.68 -32.78
N SER D 150 15.51 -3.93 -31.79
CA SER D 150 15.75 -4.95 -30.77
C SER D 150 15.86 -6.37 -31.28
N GLY D 151 15.05 -6.72 -32.27
CA GLY D 151 14.94 -8.08 -32.78
C GLY D 151 14.08 -8.92 -31.83
N PHE D 152 13.47 -8.26 -30.81
CA PHE D 152 12.63 -8.94 -29.82
C PHE D 152 11.31 -9.42 -30.43
N PRO D 153 10.67 -10.49 -29.90
CA PRO D 153 9.33 -10.84 -30.39
C PRO D 153 8.37 -9.69 -29.99
N LYS D 154 7.33 -9.44 -30.79
CA LYS D 154 6.37 -8.33 -30.58
C LYS D 154 5.70 -8.22 -29.19
N ASN D 155 5.50 -9.36 -28.49
CA ASN D 155 4.90 -9.36 -27.13
C ASN D 155 5.74 -8.56 -26.13
N ARG D 156 7.09 -8.53 -26.32
CA ARG D 156 8.01 -7.85 -25.40
C ARG D 156 8.35 -6.38 -25.72
N VAL D 157 7.67 -5.77 -26.70
CA VAL D 157 7.90 -4.37 -27.07
C VAL D 157 6.57 -3.66 -27.00
N ILE D 158 6.41 -2.87 -25.95
CA ILE D 158 5.15 -2.22 -25.62
C ILE D 158 5.29 -0.70 -25.60
N GLY D 159 4.31 -0.01 -26.14
CA GLY D 159 4.24 1.43 -26.09
C GLY D 159 3.19 1.87 -25.10
N SER D 160 3.47 2.90 -24.29
CA SER D 160 2.52 3.39 -23.29
C SER D 160 1.19 3.81 -23.94
N GLY D 161 1.26 4.17 -25.23
CA GLY D 161 0.13 4.48 -26.09
C GLY D 161 -0.99 5.31 -25.49
N CYS D 162 -2.25 4.80 -25.56
CA CYS D 162 -3.45 5.47 -25.09
C CYS D 162 -3.88 5.12 -23.68
N ASN D 163 -2.98 4.56 -22.85
CA ASN D 163 -3.31 4.25 -21.45
C ASN D 163 -3.63 5.58 -20.72
N LEU D 164 -2.84 6.60 -20.99
CA LEU D 164 -3.06 7.93 -20.41
C LEU D 164 -4.29 8.63 -21.02
N ASP D 165 -4.46 8.54 -22.36
CA ASP D 165 -5.60 9.17 -23.05
C ASP D 165 -6.92 8.64 -22.48
N SER D 166 -6.98 7.32 -22.28
CA SER D 166 -8.14 6.67 -21.69
C SER D 166 -8.34 7.06 -20.23
N ALA D 167 -7.23 7.24 -19.46
CA ALA D 167 -7.30 7.67 -18.06
C ALA D 167 -7.88 9.09 -17.98
N ARG D 168 -7.46 9.97 -18.92
CA ARG D 168 -7.94 11.35 -19.02
C ARG D 168 -9.42 11.36 -19.36
N PHE D 169 -9.84 10.51 -20.32
CA PHE D 169 -11.22 10.36 -20.75
C PHE D 169 -12.09 9.98 -19.53
N ARG D 170 -11.64 8.99 -18.74
CA ARG D 170 -12.37 8.49 -17.56
C ARG D 170 -12.42 9.51 -16.44
N TYR D 171 -11.36 10.31 -16.27
CA TYR D 171 -11.35 11.40 -15.29
C TYR D 171 -12.45 12.42 -15.66
N LEU D 172 -12.47 12.84 -16.94
CA LEU D 172 -13.40 13.85 -17.46
C LEU D 172 -14.83 13.36 -17.39
N MET D 173 -15.06 12.08 -17.76
CA MET D 173 -16.37 11.43 -17.68
C MET D 173 -16.81 11.40 -16.19
N GLY D 174 -15.89 11.04 -15.29
CA GLY D 174 -16.12 11.02 -13.85
C GLY D 174 -16.51 12.37 -13.29
N GLU D 175 -15.82 13.44 -13.71
CA GLU D 175 -16.12 14.82 -13.28
C GLU D 175 -17.55 15.22 -13.74
N ARG D 176 -17.96 14.83 -14.97
CA ARG D 176 -19.29 15.12 -15.52
C ARG D 176 -20.41 14.38 -14.79
N LEU D 177 -20.16 13.15 -14.36
CA LEU D 177 -21.18 12.31 -13.71
C LEU D 177 -21.18 12.32 -12.18
N GLY D 178 -20.13 12.82 -11.57
CA GLY D 178 -19.97 12.80 -10.12
C GLY D 178 -19.73 11.37 -9.65
N VAL D 179 -18.91 10.61 -10.42
CA VAL D 179 -18.57 9.21 -10.14
C VAL D 179 -17.05 9.09 -10.19
N HIS D 180 -16.44 8.22 -9.36
CA HIS D 180 -14.99 8.03 -9.42
C HIS D 180 -14.59 7.50 -10.80
N PRO D 181 -13.45 7.95 -11.39
CA PRO D 181 -13.03 7.42 -12.70
C PRO D 181 -12.86 5.91 -12.75
N LEU D 182 -12.62 5.26 -11.59
CA LEU D 182 -12.53 3.79 -11.52
C LEU D 182 -13.87 3.14 -11.93
N SER D 183 -15.00 3.83 -11.71
CA SER D 183 -16.34 3.32 -12.04
C SER D 183 -16.90 3.83 -13.37
N CYS D 184 -16.12 4.67 -14.07
CA CYS D 184 -16.46 5.21 -15.38
C CYS D 184 -15.63 4.50 -16.42
N HIS D 185 -16.29 3.83 -17.38
CA HIS D 185 -15.56 3.07 -18.38
C HIS D 185 -15.67 3.68 -19.77
N GLY D 186 -14.53 3.80 -20.42
CA GLY D 186 -14.42 4.38 -21.76
C GLY D 186 -13.05 4.14 -22.34
N TRP D 187 -12.98 3.90 -23.65
CA TRP D 187 -11.75 3.54 -24.32
C TRP D 187 -11.37 4.50 -25.45
N VAL D 188 -10.14 5.01 -25.40
CA VAL D 188 -9.58 5.87 -26.44
C VAL D 188 -8.50 5.02 -27.11
N LEU D 189 -8.64 4.75 -28.41
CA LEU D 189 -7.72 3.86 -29.14
C LEU D 189 -6.99 4.58 -30.28
N GLY D 190 -6.13 3.86 -31.00
CA GLY D 190 -5.37 4.41 -32.13
C GLY D 190 -4.10 5.11 -31.72
N GLU D 191 -3.75 6.22 -32.40
CA GLU D 191 -2.55 7.01 -32.10
C GLU D 191 -2.65 7.73 -30.77
N HIS D 192 -1.53 7.77 -30.01
CA HIS D 192 -1.45 8.59 -28.80
C HIS D 192 -1.14 9.99 -29.34
N GLY D 193 -2.20 10.66 -29.78
CA GLY D 193 -2.11 11.99 -30.39
C GLY D 193 -3.43 12.43 -30.98
N ASP D 194 -3.36 13.39 -31.90
CA ASP D 194 -4.52 14.01 -32.55
C ASP D 194 -5.51 13.07 -33.23
N SER D 195 -5.03 11.95 -33.80
CA SER D 195 -5.91 11.01 -34.50
C SER D 195 -6.51 9.88 -33.63
N SER D 196 -6.43 9.99 -32.29
CA SER D 196 -7.02 9.01 -31.37
C SER D 196 -8.53 8.86 -31.58
N VAL D 197 -9.06 7.69 -31.22
CA VAL D 197 -10.46 7.33 -31.43
C VAL D 197 -11.21 7.05 -30.14
N PRO D 198 -12.25 7.86 -29.80
CA PRO D 198 -13.09 7.53 -28.63
C PRO D 198 -14.13 6.49 -29.05
N VAL D 199 -14.17 5.33 -28.37
CA VAL D 199 -15.11 4.25 -28.67
C VAL D 199 -16.41 4.50 -27.88
N TRP D 200 -17.28 5.37 -28.43
CA TRP D 200 -18.55 5.77 -27.82
C TRP D 200 -19.47 4.61 -27.48
N SER D 201 -19.44 3.54 -28.30
CA SER D 201 -20.26 2.34 -28.11
C SER D 201 -19.93 1.57 -26.83
N GLY D 202 -18.71 1.73 -26.32
CA GLY D 202 -18.29 1.02 -25.12
C GLY D 202 -18.27 1.86 -23.86
N VAL D 203 -18.66 3.15 -23.96
CA VAL D 203 -18.66 4.09 -22.83
C VAL D 203 -19.82 3.73 -21.90
N ASN D 204 -19.50 3.41 -20.64
CA ASN D 204 -20.52 2.97 -19.68
C ASN D 204 -20.15 3.17 -18.22
N VAL D 205 -21.18 3.15 -17.36
CA VAL D 205 -21.09 3.15 -15.91
C VAL D 205 -21.95 1.97 -15.50
N ALA D 206 -21.37 1.01 -14.77
CA ALA D 206 -22.04 -0.20 -14.26
C ALA D 206 -22.69 -1.05 -15.37
N GLY D 207 -22.07 -1.06 -16.53
CA GLY D 207 -22.55 -1.80 -17.69
C GLY D 207 -23.69 -1.13 -18.44
N VAL D 208 -24.06 0.10 -18.03
CA VAL D 208 -25.13 0.88 -18.67
C VAL D 208 -24.46 1.75 -19.74
N SER D 209 -24.74 1.47 -21.01
CA SER D 209 -24.17 2.21 -22.13
C SER D 209 -24.70 3.65 -22.15
N LEU D 210 -23.80 4.67 -22.17
CA LEU D 210 -24.26 6.06 -22.23
C LEU D 210 -24.91 6.35 -23.60
N LYS D 211 -24.47 5.62 -24.66
CA LYS D 211 -25.02 5.74 -26.02
C LYS D 211 -26.43 5.12 -26.07
N SER D 212 -26.75 4.12 -25.23
CA SER D 212 -28.10 3.56 -25.20
C SER D 212 -29.11 4.58 -24.64
N LEU D 213 -28.65 5.47 -23.73
CA LEU D 213 -29.48 6.53 -23.14
C LEU D 213 -29.52 7.74 -24.06
N ASN D 214 -28.39 8.03 -24.74
CA ASN D 214 -28.24 9.13 -25.67
C ASN D 214 -27.74 8.59 -27.04
N PRO D 215 -28.64 8.22 -27.99
CA PRO D 215 -28.17 7.63 -29.26
C PRO D 215 -27.22 8.50 -30.10
N GLN D 216 -27.23 9.82 -29.85
CA GLN D 216 -26.41 10.82 -30.54
C GLN D 216 -25.11 11.14 -29.77
N LEU D 217 -24.77 10.33 -28.76
CA LEU D 217 -23.56 10.47 -27.95
C LEU D 217 -22.30 10.55 -28.80
N GLY D 218 -21.55 11.61 -28.60
CA GLY D 218 -20.28 11.83 -29.30
C GLY D 218 -20.37 12.42 -30.69
N THR D 219 -21.59 12.67 -31.20
CA THR D 219 -21.80 13.25 -32.53
C THR D 219 -22.03 14.76 -32.43
N ASP D 220 -22.13 15.46 -33.59
CA ASP D 220 -22.39 16.90 -33.64
C ASP D 220 -23.80 17.23 -33.13
N ALA D 221 -24.74 16.27 -33.26
CA ALA D 221 -26.15 16.38 -32.84
C ALA D 221 -26.37 16.23 -31.33
N ASP D 222 -25.32 15.85 -30.57
CA ASP D 222 -25.40 15.65 -29.12
C ASP D 222 -25.58 16.97 -28.36
N LYS D 223 -26.70 17.08 -27.64
CA LYS D 223 -27.09 18.25 -26.85
C LYS D 223 -26.09 18.63 -25.76
N GLU D 224 -25.48 17.61 -25.11
CA GLU D 224 -24.50 17.80 -24.04
C GLU D 224 -23.06 17.88 -24.55
N GLN D 225 -22.88 17.69 -25.87
CA GLN D 225 -21.61 17.76 -26.59
C GLN D 225 -20.53 16.88 -25.96
N TRP D 226 -20.78 15.55 -25.91
CA TRP D 226 -19.80 14.62 -25.34
C TRP D 226 -18.52 14.49 -26.15
N LYS D 227 -18.56 14.84 -27.47
CA LYS D 227 -17.36 14.87 -28.33
C LYS D 227 -16.28 15.79 -27.73
N ASP D 228 -16.67 16.88 -27.03
N ASP D 228 -16.67 16.88 -27.03
CA ASP D 228 -15.76 17.82 -26.38
CA ASP D 228 -15.77 17.84 -26.37
C ASP D 228 -14.87 17.14 -25.33
C ASP D 228 -14.89 17.16 -25.31
N VAL D 229 -15.34 16.01 -24.75
CA VAL D 229 -14.59 15.21 -23.76
C VAL D 229 -13.39 14.61 -24.52
N HIS D 230 -13.64 14.06 -25.74
CA HIS D 230 -12.54 13.54 -26.54
C HIS D 230 -11.62 14.67 -27.02
N LYS D 231 -12.20 15.84 -27.38
CA LYS D 231 -11.41 16.99 -27.80
C LYS D 231 -10.47 17.43 -26.64
N GLN D 232 -11.01 17.45 -25.40
CA GLN D 232 -10.24 17.74 -24.19
C GLN D 232 -9.11 16.72 -24.00
N VAL D 233 -9.40 15.41 -24.30
CA VAL D 233 -8.39 14.33 -24.25
C VAL D 233 -7.25 14.65 -25.21
N VAL D 234 -7.59 14.92 -26.49
CA VAL D 234 -6.61 15.24 -27.54
C VAL D 234 -5.79 16.48 -27.14
N ASP D 235 -6.47 17.54 -26.65
CA ASP D 235 -5.80 18.79 -26.30
C ASP D 235 -5.05 18.80 -24.98
N SER D 236 -5.33 17.83 -24.07
CA SER D 236 -4.75 17.78 -22.74
CA SER D 236 -4.74 17.76 -22.74
C SER D 236 -3.26 18.10 -22.65
N ALA D 237 -2.39 17.32 -23.36
CA ALA D 237 -0.93 17.54 -23.32
C ALA D 237 -0.55 18.94 -23.76
N TYR D 238 -1.17 19.44 -24.85
CA TYR D 238 -0.91 20.79 -25.37
C TYR D 238 -1.31 21.84 -24.30
N GLU D 239 -2.50 21.68 -23.69
CA GLU D 239 -2.98 22.61 -22.63
C GLU D 239 -2.05 22.60 -21.43
N VAL D 240 -1.63 21.40 -20.97
CA VAL D 240 -0.73 21.30 -19.81
C VAL D 240 0.69 21.86 -20.14
N ILE D 241 1.24 21.56 -21.34
CA ILE D 241 2.55 22.10 -21.78
C ILE D 241 2.50 23.64 -21.80
N LYS D 242 1.42 24.23 -22.32
CA LYS D 242 1.27 25.67 -22.35
C LYS D 242 1.34 26.27 -20.93
N LEU D 243 0.71 25.61 -19.95
CA LEU D 243 0.63 26.09 -18.56
C LEU D 243 1.88 25.86 -17.68
N LYS D 244 2.44 24.64 -17.71
CA LYS D 244 3.61 24.32 -16.90
C LYS D 244 4.89 23.98 -17.68
N GLY D 245 4.84 24.00 -19.02
CA GLY D 245 6.01 23.76 -19.89
C GLY D 245 6.20 22.34 -20.37
N TYR D 246 5.52 21.36 -19.72
CA TYR D 246 5.63 19.94 -20.01
C TYR D 246 4.52 19.21 -19.25
N THR D 247 4.45 17.88 -19.37
CA THR D 247 3.53 17.04 -18.58
C THR D 247 4.41 16.01 -17.91
N SER D 248 4.03 15.55 -16.72
CA SER D 248 4.88 14.58 -16.03
C SER D 248 4.09 13.66 -15.13
N TRP D 249 3.27 14.23 -14.24
CA TRP D 249 2.58 13.42 -13.21
C TRP D 249 1.66 12.33 -13.71
N ALA D 250 0.74 12.67 -14.62
CA ALA D 250 -0.23 11.74 -15.17
C ALA D 250 0.42 10.64 -15.98
N ILE D 251 1.40 10.99 -16.84
CA ILE D 251 2.16 9.99 -17.62
C ILE D 251 2.99 9.08 -16.70
N GLY D 252 3.59 9.64 -15.64
CA GLY D 252 4.33 8.83 -14.67
C GLY D 252 3.44 7.80 -14.01
N LEU D 253 2.21 8.22 -13.61
CA LEU D 253 1.24 7.31 -13.00
C LEU D 253 0.76 6.27 -14.01
N SER D 254 0.51 6.69 -15.27
CA SER D 254 0.07 5.80 -16.35
C SER D 254 1.15 4.74 -16.59
N VAL D 255 2.42 5.15 -16.66
CA VAL D 255 3.55 4.23 -16.86
C VAL D 255 3.69 3.24 -15.68
N ALA D 256 3.56 3.72 -14.42
CA ALA D 256 3.66 2.83 -13.25
C ALA D 256 2.53 1.80 -13.23
N ASP D 257 1.34 2.17 -13.75
CA ASP D 257 0.17 1.29 -13.84
C ASP D 257 0.49 0.13 -14.80
N LEU D 258 1.09 0.43 -15.96
CA LEU D 258 1.51 -0.59 -16.92
C LEU D 258 2.63 -1.43 -16.35
N ALA D 259 3.61 -0.77 -15.68
CA ALA D 259 4.73 -1.47 -15.02
C ALA D 259 4.17 -2.48 -13.99
N GLU D 260 3.13 -2.09 -13.24
CA GLU D 260 2.51 -2.98 -12.24
C GLU D 260 1.90 -4.22 -12.88
N SER D 261 1.13 -4.06 -13.98
CA SER D 261 0.55 -5.23 -14.67
C SER D 261 1.65 -6.19 -15.17
N ILE D 262 2.77 -5.65 -15.68
CA ILE D 262 3.90 -6.46 -16.18
C ILE D 262 4.61 -7.18 -15.03
N MET D 263 5.13 -6.42 -14.06
CA MET D 263 5.91 -6.93 -12.92
C MET D 263 5.12 -7.94 -12.06
N LYS D 264 3.80 -7.71 -11.90
CA LYS D 264 2.97 -8.58 -11.05
C LYS D 264 2.12 -9.58 -11.86
N ASN D 265 2.39 -9.68 -13.16
CA ASN D 265 1.69 -10.59 -14.09
C ASN D 265 0.16 -10.55 -13.90
N LEU D 266 -0.39 -9.33 -13.86
CA LEU D 266 -1.81 -9.20 -13.55
C LEU D 266 -2.77 -9.63 -14.66
N ARG D 267 -2.36 -9.50 -15.93
CA ARG D 267 -3.22 -9.81 -17.07
C ARG D 267 -4.47 -8.91 -17.07
N ARG D 268 -4.24 -7.62 -16.76
CA ARG D 268 -5.29 -6.61 -16.87
C ARG D 268 -5.30 -6.14 -18.31
N VAL D 269 -6.39 -5.48 -18.70
CA VAL D 269 -6.53 -5.00 -20.07
C VAL D 269 -6.22 -3.50 -20.09
N HIS D 270 -5.30 -3.10 -20.98
CA HIS D 270 -4.86 -1.72 -21.14
C HIS D 270 -4.86 -1.31 -22.62
N PRO D 271 -5.19 -0.04 -22.95
CA PRO D 271 -5.11 0.39 -24.38
C PRO D 271 -3.68 0.87 -24.66
N ILE D 272 -2.85 -0.03 -25.17
CA ILE D 272 -1.42 0.25 -25.37
C ILE D 272 -0.95 -0.04 -26.78
N SER D 273 0.21 0.54 -27.19
CA SER D 273 0.75 0.35 -28.55
C SER D 273 1.25 -1.06 -28.80
N THR D 274 0.75 -1.69 -29.87
CA THR D 274 1.13 -3.03 -30.32
C THR D 274 0.87 -3.17 -31.82
N MET D 275 1.43 -4.22 -32.46
CA MET D 275 1.19 -4.48 -33.89
C MET D 275 -0.27 -4.86 -34.11
N ILE D 276 -0.97 -4.13 -34.99
CA ILE D 276 -2.39 -4.38 -35.27
C ILE D 276 -2.66 -5.03 -36.65
N LYS D 277 -1.58 -5.53 -37.30
CA LYS D 277 -1.65 -6.21 -38.61
C LYS D 277 -2.56 -7.44 -38.47
N GLY D 278 -3.56 -7.53 -39.32
CA GLY D 278 -4.52 -8.62 -39.30
C GLY D 278 -5.89 -8.20 -38.76
N LEU D 279 -5.97 -7.00 -38.16
CA LEU D 279 -7.21 -6.43 -37.62
C LEU D 279 -7.65 -5.18 -38.39
N TYR D 280 -8.98 -4.95 -38.44
CA TYR D 280 -9.65 -3.81 -39.05
C TYR D 280 -9.20 -3.47 -40.50
N GLY D 281 -8.77 -4.50 -41.23
CA GLY D 281 -8.30 -4.36 -42.61
C GLY D 281 -6.90 -3.79 -42.75
N ILE D 282 -6.10 -3.82 -41.66
CA ILE D 282 -4.71 -3.36 -41.70
C ILE D 282 -3.81 -4.51 -42.12
N LYS D 283 -3.07 -4.34 -43.23
CA LYS D 283 -2.18 -5.34 -43.80
C LYS D 283 -0.69 -5.07 -43.56
N GLU D 284 -0.36 -3.90 -42.96
CA GLU D 284 1.02 -3.48 -42.69
C GLU D 284 1.40 -3.58 -41.21
N ASP D 285 2.71 -3.52 -40.91
CA ASP D 285 3.27 -3.60 -39.56
C ASP D 285 3.02 -2.33 -38.72
N VAL D 286 1.75 -1.86 -38.66
CA VAL D 286 1.35 -0.66 -37.93
C VAL D 286 1.22 -0.95 -36.43
N PHE D 287 1.78 -0.08 -35.60
CA PHE D 287 1.66 -0.15 -34.15
C PHE D 287 0.74 0.99 -33.72
N LEU D 288 -0.25 0.70 -32.87
CA LEU D 288 -1.19 1.68 -32.31
C LEU D 288 -1.91 1.03 -31.14
N SER D 289 -2.68 1.82 -30.40
CA SER D 289 -3.39 1.32 -29.22
C SER D 289 -4.68 0.59 -29.48
N VAL D 290 -4.76 -0.62 -28.94
CA VAL D 290 -5.93 -1.50 -28.90
C VAL D 290 -5.93 -2.08 -27.46
N PRO D 291 -7.05 -2.60 -26.93
CA PRO D 291 -7.02 -3.16 -25.58
C PRO D 291 -6.19 -4.44 -25.55
N CYS D 292 -5.12 -4.47 -24.74
CA CYS D 292 -4.20 -5.62 -24.66
C CYS D 292 -4.20 -6.23 -23.30
N ILE D 293 -4.04 -7.57 -23.23
CA ILE D 293 -3.87 -8.28 -21.95
C ILE D 293 -2.37 -8.18 -21.67
N LEU D 294 -2.03 -7.53 -20.55
CA LEU D 294 -0.64 -7.25 -20.20
C LEU D 294 -0.20 -8.01 -18.95
N GLY D 295 0.88 -8.76 -19.08
CA GLY D 295 1.41 -9.57 -17.97
C GLY D 295 2.92 -9.71 -17.98
N GLN D 296 3.42 -10.78 -17.33
CA GLN D 296 4.86 -11.02 -17.23
C GLN D 296 5.59 -11.22 -18.56
N ASN D 297 4.89 -11.66 -19.61
CA ASN D 297 5.51 -11.83 -20.94
C ASN D 297 5.12 -10.67 -21.88
N GLY D 298 4.66 -9.57 -21.29
CA GLY D 298 4.24 -8.39 -22.05
C GLY D 298 2.83 -8.55 -22.57
N ILE D 299 2.63 -8.32 -23.88
CA ILE D 299 1.32 -8.45 -24.53
C ILE D 299 1.13 -9.87 -25.07
N SER D 300 0.33 -10.67 -24.36
CA SER D 300 0.06 -12.06 -24.74
C SER D 300 -1.18 -12.17 -25.62
N ASP D 301 -2.12 -11.20 -25.50
CA ASP D 301 -3.40 -11.25 -26.21
C ASP D 301 -3.94 -9.86 -26.50
N VAL D 302 -4.83 -9.78 -27.50
CA VAL D 302 -5.50 -8.54 -27.89
C VAL D 302 -7.02 -8.78 -27.85
N VAL D 303 -7.76 -7.83 -27.27
CA VAL D 303 -9.22 -7.83 -27.24
C VAL D 303 -9.64 -7.24 -28.60
N LYS D 304 -10.59 -7.91 -29.28
CA LYS D 304 -11.14 -7.45 -30.57
C LYS D 304 -12.35 -6.58 -30.26
N VAL D 305 -12.18 -5.27 -30.34
CA VAL D 305 -13.26 -4.31 -30.06
C VAL D 305 -14.20 -4.24 -31.24
N THR D 306 -15.50 -4.40 -30.95
CA THR D 306 -16.58 -4.35 -31.92
C THR D 306 -16.84 -2.87 -32.25
N LEU D 307 -16.09 -2.33 -33.21
CA LEU D 307 -16.20 -0.94 -33.62
C LEU D 307 -17.34 -0.74 -34.61
N THR D 308 -18.02 0.43 -34.53
CA THR D 308 -19.08 0.82 -35.44
C THR D 308 -18.38 1.19 -36.78
N PRO D 309 -19.06 1.26 -37.95
CA PRO D 309 -18.34 1.61 -39.19
C PRO D 309 -17.56 2.93 -39.13
N ASP D 310 -18.11 3.95 -38.43
CA ASP D 310 -17.50 5.27 -38.24
C ASP D 310 -16.25 5.15 -37.34
N GLU D 311 -16.39 4.43 -36.21
CA GLU D 311 -15.28 4.21 -35.27
C GLU D 311 -14.13 3.46 -35.99
N GLU D 312 -14.47 2.43 -36.78
CA GLU D 312 -13.50 1.64 -37.55
C GLU D 312 -12.78 2.48 -38.61
N ALA D 313 -13.53 3.36 -39.32
CA ALA D 313 -12.96 4.26 -40.34
C ALA D 313 -11.98 5.23 -39.67
N ARG D 314 -12.34 5.76 -38.49
CA ARG D 314 -11.50 6.66 -37.70
C ARG D 314 -10.21 5.95 -37.25
N LEU D 315 -10.32 4.66 -36.84
CA LEU D 315 -9.14 3.87 -36.43
C LEU D 315 -8.22 3.59 -37.63
N LYS D 316 -8.80 3.24 -38.80
CA LYS D 316 -8.05 3.00 -40.04
C LYS D 316 -7.39 4.31 -40.51
N LYS D 317 -8.02 5.48 -40.21
CA LYS D 317 -7.49 6.82 -40.52
C LYS D 317 -6.26 7.07 -39.63
N SER D 318 -6.34 6.71 -38.31
CA SER D 318 -5.25 6.84 -37.34
C SER D 318 -4.08 5.97 -37.81
N ALA D 319 -4.39 4.71 -38.26
CA ALA D 319 -3.43 3.74 -38.80
C ALA D 319 -2.70 4.30 -40.01
N ASP D 320 -3.46 4.77 -41.03
CA ASP D 320 -2.92 5.35 -42.26
C ASP D 320 -1.97 6.52 -41.99
N THR D 321 -2.35 7.42 -41.07
CA THR D 321 -1.57 8.57 -40.62
C THR D 321 -0.20 8.11 -40.06
N LEU D 322 -0.21 7.09 -39.18
CA LEU D 322 1.01 6.55 -38.56
C LEU D 322 1.91 5.83 -39.57
N TRP D 323 1.33 4.94 -40.39
CA TRP D 323 2.04 4.18 -41.41
C TRP D 323 2.72 5.08 -42.47
N GLY D 324 2.11 6.24 -42.77
CA GLY D 324 2.67 7.21 -43.72
C GLY D 324 4.08 7.61 -43.37
N ILE D 325 4.34 7.85 -42.07
CA ILE D 325 5.65 8.22 -41.55
C ILE D 325 6.51 6.97 -41.36
N GLN D 326 5.93 5.97 -40.68
CA GLN D 326 6.55 4.69 -40.35
C GLN D 326 7.28 3.96 -41.49
N LYS D 327 6.60 3.81 -42.64
CA LYS D 327 7.14 3.10 -43.81
C LYS D 327 8.43 3.66 -44.43
N GLU D 328 8.74 4.96 -44.21
CA GLU D 328 9.89 5.64 -44.80
C GLU D 328 11.05 5.96 -43.83
N LEU D 329 11.05 5.34 -42.63
CA LEU D 329 12.07 5.59 -41.61
C LEU D 329 13.48 5.17 -41.98
N GLN D 330 14.46 6.05 -41.68
CA GLN D 330 15.88 5.81 -41.95
C GLN D 330 16.61 5.28 -40.71
N PHE D 331 16.79 3.94 -40.63
CA PHE D 331 17.51 3.27 -39.55
C PHE D 331 17.97 1.86 -39.94
C5 88S E . -23.06 -9.19 19.58
C6 88S E . -22.13 -10.00 18.93
C8 88S E . -23.64 -11.90 19.07
C4 88S E . -24.29 -9.74 19.98
C7 88S E . -22.41 -11.34 18.66
C9 88S E . -24.54 -11.09 19.73
C2 88S E . -26.32 -9.88 20.91
C12 88S E . -21.71 -13.05 16.99
C17 88S E . -21.19 -14.63 13.30
C1 88S E . -27.54 -9.44 21.62
C14 88S E . -20.45 -13.52 16.29
C15 88S E . -20.58 -14.91 15.68
N3 88S E . -25.31 -9.06 20.65
N19 88S E . -22.20 -14.52 12.43
N11 88S E . -21.48 -12.16 17.97
N16 88S E . -21.54 -14.92 14.57
O13 88S E . -22.85 -13.46 16.68
O18 88S E . -20.00 -14.48 12.96
S10 88S E . -26.11 -11.51 20.35
C1 MLI F . -20.70 -14.11 2.65
C2 MLI F . -21.90 -13.99 3.57
C3 MLI F . -20.87 -15.17 1.59
O6 MLI F . -23.05 -14.06 3.06
O7 MLI F . -21.69 -13.82 4.79
O8 MLI F . -21.71 -15.00 0.65
O9 MLI F . -20.14 -16.20 1.66
C5 88S G . 0.65 -30.83 6.23
C6 88S G . -0.19 -29.88 6.79
C8 88S G . -0.53 -31.29 8.72
C4 88S G . 0.89 -32.05 6.89
C7 88S G . -0.78 -30.09 8.04
C9 88S G . 0.28 -32.24 8.13
C2 88S G . 1.67 -34.07 7.32
C12 88S G . -1.62 -28.71 9.95
C17 88S G . -1.63 -25.74 12.90
C1 88S G . 2.44 -35.35 7.14
C14 88S G . -2.48 -27.50 10.20
C15 88S G . -2.97 -27.39 11.64
N3 88S G . 1.69 -33.10 6.45
N19 88S G . -0.74 -25.56 13.89
N11 88S G . -1.61 -29.12 8.65
N16 88S G . -1.87 -27.01 12.54
O13 88S G . -1.01 -29.31 10.86
O18 88S G . -2.20 -24.77 12.34
S10 88S G . 0.71 -33.81 8.74
C1 88R H . 2.13 -23.97 13.68
O2 88R H . 1.31 -23.47 14.73
C3 88R H . 1.67 -22.30 15.35
C4 88R H . 2.93 -21.70 15.24
C5 88R H . 3.19 -20.51 15.92
C6 88R H . 2.19 -19.88 16.68
C7 88R H . 0.95 -20.49 16.79
C8 88R H . 0.67 -21.70 16.14
O9 88R H . -0.54 -22.33 16.16
C10 88R H . -1.68 -21.61 16.63
C11 88R H . 2.49 -18.60 17.41
C12 88R H . 2.27 -18.70 18.92
C13 88R H . 3.11 -19.78 19.56
O14 88R H . 4.30 -19.83 19.37
O15 88R H . 2.42 -20.62 20.34
C16 88R H . 2.50 -17.38 19.61
O17 88R H . 3.54 -17.12 20.20
O18 88R H . 1.45 -16.55 19.55
S DMS I . 9.02 33.32 -3.91
O DMS I . 9.37 32.40 -5.02
C1 DMS I . 7.78 34.39 -4.56
C2 DMS I . 10.39 34.47 -3.85
C1 GOL J . 22.35 3.73 21.25
O1 GOL J . 23.69 3.84 20.82
C2 GOL J . 22.16 2.47 22.08
O2 GOL J . 22.50 1.33 21.29
C3 GOL J . 20.73 2.36 22.53
O3 GOL J . 20.54 1.17 23.29
C5 88S K . 2.57 31.36 -2.53
C6 88S K . 3.28 30.42 -3.29
C8 88S K . 5.05 32.04 -3.67
C4 88S K . 3.09 32.65 -2.37
C7 88S K . 4.52 30.75 -3.84
C9 88S K . 4.31 32.97 -2.95
C2 88S K . 3.23 34.79 -1.73
C12 88S K . 6.60 29.49 -4.41
C17 88S K . 9.95 27.06 -3.82
C1 88S K . 2.83 36.06 -1.06
C14 88S K . 7.00 28.16 -5.02
C15 88S K . 8.45 28.12 -5.47
N3 88S K . 2.49 33.70 -1.66
N19 88S K . 10.84 27.27 -2.85
N11 88S K . 5.28 29.79 -4.58
N16 88S K . 9.37 28.16 -4.33
O13 88S K . 7.42 30.23 -3.84
O18 88S K . 9.70 25.92 -4.25
S10 88S K . 4.73 34.63 -2.62
C1 88R L . 10.58 25.63 -0.02
O2 88R L . 11.77 25.24 -0.69
C3 88R L . 12.49 24.18 -0.19
C4 88R L . 12.36 23.69 1.13
C5 88R L . 13.12 22.59 1.51
C6 88R L . 14.00 21.97 0.63
C7 88R L . 14.16 22.52 -0.64
C8 88R L . 13.42 23.61 -1.06
O9 88R L . 13.47 24.14 -2.33
C10 88R L . 14.33 23.51 -3.30
C11 88R L . 14.86 20.81 1.07
C12 88R L . 16.36 21.04 0.81
C13 88R L . 16.88 22.25 1.51
O14 88R L . 16.64 22.43 2.69
O15 88R L . 17.56 23.09 0.73
C16 88R L . 17.18 19.82 1.14
O17 88R L . 17.77 19.71 2.18
O18 88R L . 17.24 18.93 0.16
C5 88S M . 19.60 8.88 -23.17
C6 88S M . 18.84 9.72 -22.34
C8 88S M . 18.94 11.48 -24.00
C4 88S M . 20.06 9.35 -24.40
C7 88S M . 18.49 11.00 -22.76
C9 88S M . 19.73 10.65 -24.79
C2 88S M . 21.11 9.39 -26.38
C12 88S M . 16.63 12.59 -22.33
C17 88S M . 12.86 13.92 -22.18
C1 88S M . 21.94 8.92 -27.53
C14 88S M . 15.85 13.22 -21.19
C15 88S M . 15.17 14.51 -21.58
N3 88S M . 20.86 8.66 -25.32
N19 88S M . 12.01 13.63 -23.18
N11 88S M . 17.68 11.83 -21.96
N16 88S M . 14.09 14.30 -22.53
O13 88S M . 16.30 12.76 -23.52
O18 88S M . 12.50 13.83 -20.99
S10 88S M . 20.41 11.00 -26.35
C1 MLI N . 2.44 12.74 -22.60
C2 MLI N . 1.07 13.33 -22.38
C3 MLI N . 2.72 12.73 -24.09
O6 MLI N . 0.12 12.98 -23.12
O7 MLI N . 0.92 14.15 -21.45
O8 MLI N . 2.70 13.80 -24.74
O9 MLI N . 2.91 11.64 -24.63
#